data_6FE7
#
_entry.id   6FE7
#
_cell.length_a   98.220
_cell.length_b   111.030
_cell.length_c   160.960
_cell.angle_alpha   90.00
_cell.angle_beta   90.00
_cell.angle_gamma   90.00
#
_symmetry.space_group_name_H-M   'P 21 21 21'
#
loop_
_entity.id
_entity.type
_entity.pdbx_description
1 polymer "cAMP-specific 3',5'-cyclic phosphodiesterase 4D"
2 non-polymer 'ZINC ION'
3 non-polymer 'MAGNESIUM ION'
4 non-polymer 1,2-ETHANEDIOL
5 non-polymer DI(HYDROXYETHYL)ETHER
6 non-polymer '(4aS,8aR)-2-(1-{2-aminothieno[2,3-d]pyrimidin-4-yl}piperidin-4-yl)-4-(3,4- dimethoxyphenyl)-1,2,4a,5,8,8a-hexahydrophthalazin-1-one'
7 non-polymer '4-(2-HYDROXYETHYL)-1-PIPERAZINE ETHANESULFONIC ACID'
8 non-polymer 'TETRAETHYLENE GLYCOL'
9 water water
#
_entity_poly.entity_id   1
_entity_poly.type   'polypeptide(L)'
_entity_poly.pdbx_seq_one_letter_code
;GSHMIPRFGVKTEQEDVLAKELEDVNKWGLHVFRIAELSGNRPLTVIMHTIFQERDLLKTFKIPVDTLITYLMTLEDHYH
ADVAYHNNIHAADVVQSTHVLLSTPALEAVFTDLEILAAIFASAIHDVDHPGVSNQFLINTNSELALMYNDSSVLENHHL
AVGFKLLQEENCDIFQNLTKKQRQSLRKMVIDIVLATDMSKHMNLLADLKTMVETKKVTSSGVLLLDNYSDRIQVLQNMV
HCADLSNPTKPLQLYRQWTDRIMEEFFRQGDRERERGMEISPMCDKHNASVEKSQVGFIDYIVHPLWETWADLVHPDAQD
ILDTLEDNREWYQSTIPQSPSPAPDDPEEGRQGQTEKFQFELTL
;
_entity_poly.pdbx_strand_id   A,B,C,D
#
loop_
_chem_comp.id
_chem_comp.type
_chem_comp.name
_chem_comp.formula
D62 non-polymer '(4aS,8aR)-2-(1-{2-aminothieno[2,3-d]pyrimidin-4-yl}piperidin-4-yl)-4-(3,4- dimethoxyphenyl)-1,2,4a,5,8,8a-hexahydrophthalazin-1-one' 'C27 H30 N6 O3 S'
EDO non-polymer 1,2-ETHANEDIOL 'C2 H6 O2'
EPE non-polymer '4-(2-HYDROXYETHYL)-1-PIPERAZINE ETHANESULFONIC ACID' 'C8 H18 N2 O4 S'
MG non-polymer 'MAGNESIUM ION' 'Mg 2'
PEG non-polymer DI(HYDROXYETHYL)ETHER 'C4 H10 O3'
PG4 non-polymer 'TETRAETHYLENE GLYCOL' 'C8 H18 O5'
ZN non-polymer 'ZINC ION' 'Zn 2'
#
# COMPACT_ATOMS: atom_id res chain seq x y z
N PHE A 8 28.99 -1.21 -33.59
CA PHE A 8 29.79 -2.34 -33.01
C PHE A 8 31.04 -1.85 -32.21
N GLY A 9 30.82 -1.42 -30.95
CA GLY A 9 31.89 -0.86 -30.03
C GLY A 9 32.08 0.67 -29.86
N VAL A 10 31.60 1.40 -30.87
CA VAL A 10 31.72 2.85 -31.09
C VAL A 10 30.30 3.46 -31.04
N LYS A 11 30.19 4.72 -30.64
CA LYS A 11 28.87 5.35 -30.54
C LYS A 11 28.13 5.49 -31.91
N THR A 12 26.78 5.43 -31.91
CA THR A 12 25.95 5.87 -33.07
C THR A 12 26.17 7.33 -33.23
N GLU A 13 25.71 7.92 -34.34
CA GLU A 13 25.86 9.39 -34.46
C GLU A 13 24.99 10.21 -33.48
N GLN A 14 23.78 9.73 -33.22
CA GLN A 14 22.95 10.46 -32.27
C GLN A 14 23.62 10.48 -30.91
N GLU A 15 24.15 9.31 -30.49
CA GLU A 15 24.88 9.19 -29.25
C GLU A 15 26.08 10.15 -29.20
N ASP A 16 26.76 10.35 -30.33
CA ASP A 16 27.89 11.27 -30.35
C ASP A 16 27.43 12.70 -30.16
N VAL A 17 26.35 13.08 -30.81
CA VAL A 17 25.83 14.47 -30.62
C VAL A 17 25.41 14.70 -29.13
N LEU A 18 24.78 13.66 -28.55
CA LEU A 18 24.41 13.69 -27.15
C LEU A 18 25.62 13.86 -26.26
N ALA A 19 26.65 13.06 -26.51
CA ALA A 19 27.89 13.16 -25.74
C ALA A 19 28.54 14.54 -25.86
N LYS A 20 28.45 15.17 -27.01
CA LYS A 20 29.00 16.53 -27.13
C LYS A 20 28.18 17.54 -26.28
N GLU A 21 26.86 17.42 -26.33
CA GLU A 21 26.03 18.29 -25.47
C GLU A 21 26.34 18.11 -23.97
N LEU A 22 26.54 16.84 -23.57
CA LEU A 22 26.90 16.48 -22.21
C LEU A 22 28.24 16.98 -21.74
N GLU A 23 29.08 17.47 -22.63
CA GLU A 23 30.26 18.21 -22.20
C GLU A 23 29.94 19.51 -21.47
N ASP A 24 28.73 20.05 -21.62
CA ASP A 24 28.29 21.19 -20.81
C ASP A 24 27.75 20.84 -19.39
N VAL A 25 27.91 19.60 -18.94
CA VAL A 25 27.28 19.12 -17.70
C VAL A 25 27.75 19.88 -16.46
N ASN A 26 28.94 20.47 -16.51
CA ASN A 26 29.42 21.30 -15.41
C ASN A 26 29.05 22.76 -15.55
N LYS A 27 28.23 23.12 -16.52
CA LYS A 27 27.86 24.54 -16.73
C LYS A 27 26.43 24.88 -16.38
N TRP A 28 26.23 26.02 -15.75
CA TRP A 28 24.89 26.56 -15.58
C TRP A 28 24.39 26.87 -16.97
N GLY A 29 23.21 26.48 -17.34
CA GLY A 29 22.85 26.82 -18.76
C GLY A 29 23.00 25.70 -19.77
N LEU A 30 23.35 24.50 -19.30
CA LEU A 30 23.19 23.28 -20.05
C LEU A 30 21.86 23.29 -20.84
N HIS A 31 21.92 22.82 -22.08
CA HIS A 31 20.79 22.72 -22.96
C HIS A 31 20.01 21.42 -22.64
N VAL A 32 19.29 21.46 -21.52
CA VAL A 32 18.69 20.26 -20.98
C VAL A 32 17.56 19.76 -21.86
N PHE A 33 16.86 20.67 -22.54
CA PHE A 33 15.78 20.25 -23.40
C PHE A 33 16.36 19.55 -24.62
N ARG A 34 17.47 20.05 -25.10
CA ARG A 34 18.14 19.45 -26.21
C ARG A 34 18.59 18.05 -25.80
N ILE A 35 19.16 17.92 -24.62
CA ILE A 35 19.55 16.61 -24.15
C ILE A 35 18.37 15.66 -24.06
N ALA A 36 17.22 16.14 -23.65
CA ALA A 36 16.01 15.30 -23.61
C ALA A 36 15.65 14.76 -25.00
N GLU A 37 15.69 15.64 -26.01
CA GLU A 37 15.43 15.22 -27.40
C GLU A 37 16.48 14.21 -27.88
N LEU A 38 17.75 14.52 -27.70
CA LEU A 38 18.82 13.67 -28.21
C LEU A 38 18.90 12.33 -27.52
N SER A 39 18.47 12.22 -26.26
CA SER A 39 18.55 10.94 -25.54
C SER A 39 17.29 10.09 -25.69
N GLY A 40 16.33 10.51 -26.50
CA GLY A 40 15.08 9.72 -26.62
C GLY A 40 14.25 9.83 -25.33
N ASN A 41 14.16 11.04 -24.79
CA ASN A 41 13.48 11.33 -23.55
C ASN A 41 14.10 10.60 -22.34
N ARG A 42 15.43 10.54 -22.29
CA ARG A 42 16.17 10.00 -21.15
C ARG A 42 17.14 10.98 -20.52
N PRO A 43 16.71 12.25 -20.37
CA PRO A 43 17.66 13.20 -19.85
C PRO A 43 18.11 12.87 -18.41
N LEU A 44 17.20 12.33 -17.58
CA LEU A 44 17.56 12.09 -16.20
C LEU A 44 18.60 10.93 -16.13
N THR A 45 18.38 9.91 -16.93
CA THR A 45 19.26 8.75 -16.94
C THR A 45 20.66 9.17 -17.43
N VAL A 46 20.73 9.89 -18.57
CA VAL A 46 22.04 10.22 -19.12
C VAL A 46 22.76 11.25 -18.30
N ILE A 47 22.05 12.22 -17.75
CA ILE A 47 22.69 13.24 -16.88
C ILE A 47 23.17 12.62 -15.56
N MET A 48 22.34 11.77 -14.92
CA MET A 48 22.77 11.07 -13.74
C MET A 48 23.96 10.20 -14.00
N HIS A 49 23.92 9.44 -15.09
CA HIS A 49 25.04 8.56 -15.36
C HIS A 49 26.34 9.35 -15.59
N THR A 50 26.26 10.45 -16.31
CA THR A 50 27.45 11.29 -16.57
C THR A 50 28.01 11.81 -15.26
N ILE A 51 27.13 12.31 -14.38
CA ILE A 51 27.56 12.87 -13.09
C ILE A 51 28.17 11.82 -12.22
N PHE A 52 27.54 10.65 -12.16
CA PHE A 52 28.11 9.57 -11.35
C PHE A 52 29.53 9.18 -11.80
N GLN A 53 29.72 9.04 -13.11
CA GLN A 53 31.07 8.76 -13.69
C GLN A 53 32.04 9.89 -13.35
N GLU A 54 31.62 11.12 -13.61
CA GLU A 54 32.46 12.31 -13.36
C GLU A 54 32.91 12.36 -11.91
N ARG A 55 32.02 12.13 -10.96
CA ARG A 55 32.37 12.21 -9.57
C ARG A 55 32.85 10.89 -9.00
N ASP A 56 33.06 9.91 -9.85
CA ASP A 56 33.52 8.57 -9.50
C ASP A 56 32.68 7.85 -8.45
N LEU A 57 31.39 8.05 -8.47
CA LEU A 57 30.49 7.48 -7.48
C LEU A 57 30.27 5.99 -7.60
N LEU A 58 30.41 5.45 -8.79
CA LEU A 58 30.23 4.01 -8.97
C LEU A 58 31.35 3.26 -8.26
N LYS A 59 32.57 3.71 -8.42
CA LYS A 59 33.71 3.10 -7.75
C LYS A 59 33.64 3.36 -6.25
N THR A 60 33.39 4.60 -5.86
CA THR A 60 33.38 4.88 -4.43
C THR A 60 32.32 4.04 -3.65
N PHE A 61 31.13 3.86 -4.24
CA PHE A 61 30.04 3.18 -3.55
C PHE A 61 29.76 1.77 -4.08
N LYS A 62 30.67 1.29 -4.92
CA LYS A 62 30.64 -0.06 -5.48
C LYS A 62 29.28 -0.36 -6.12
N ILE A 63 28.87 0.56 -6.98
CA ILE A 63 27.56 0.46 -7.62
C ILE A 63 27.79 -0.26 -8.94
N PRO A 64 27.18 -1.45 -9.13
CA PRO A 64 27.35 -2.06 -10.45
C PRO A 64 26.69 -1.19 -11.53
N VAL A 65 27.35 -1.01 -12.64
CA VAL A 65 26.89 -0.10 -13.66
C VAL A 65 25.52 -0.51 -14.26
N ASP A 66 25.29 -1.79 -14.47
CA ASP A 66 23.98 -2.27 -14.99
C ASP A 66 22.86 -1.96 -13.97
N THR A 67 23.15 -2.12 -12.69
CA THR A 67 22.21 -1.78 -11.62
C THR A 67 21.87 -0.28 -11.68
N LEU A 68 22.89 0.55 -11.86
CA LEU A 68 22.69 2.01 -11.88
C LEU A 68 21.77 2.36 -13.03
N ILE A 69 22.07 1.83 -14.20
CA ILE A 69 21.30 2.16 -15.38
C ILE A 69 19.85 1.62 -15.26
N THR A 70 19.67 0.42 -14.72
CA THR A 70 18.34 -0.14 -14.52
C THR A 70 17.53 0.73 -13.58
N TYR A 71 18.13 1.10 -12.44
CA TYR A 71 17.45 1.98 -11.50
C TYR A 71 17.12 3.30 -12.15
N LEU A 72 18.06 3.90 -12.87
CA LEU A 72 17.80 5.24 -13.40
C LEU A 72 16.65 5.23 -14.43
N MET A 73 16.65 4.23 -15.29
CA MET A 73 15.58 4.11 -16.27
C MET A 73 14.21 3.89 -15.60
N THR A 74 14.23 3.05 -14.56
CA THR A 74 13.01 2.78 -13.79
C THR A 74 12.52 4.07 -13.11
N LEU A 75 13.42 4.79 -12.46
CA LEU A 75 13.09 6.07 -11.80
C LEU A 75 12.54 7.06 -12.83
N GLU A 76 13.23 7.20 -13.96
CA GLU A 76 12.79 8.13 -14.98
C GLU A 76 11.40 7.77 -15.55
N ASP A 77 11.15 6.48 -15.72
CA ASP A 77 9.82 5.99 -16.15
C ASP A 77 8.71 6.27 -15.15
N HIS A 78 9.00 6.54 -13.87
CA HIS A 78 7.96 6.89 -12.93
C HIS A 78 7.75 8.38 -12.79
N TYR A 79 8.45 9.19 -13.58
CA TYR A 79 8.02 10.59 -13.83
C TYR A 79 6.98 10.52 -14.95
N HIS A 80 5.95 11.33 -14.84
CA HIS A 80 4.89 11.36 -15.79
C HIS A 80 5.21 12.18 -17.01
N ALA A 81 5.19 11.55 -18.16
CA ALA A 81 5.45 12.22 -19.40
C ALA A 81 4.33 13.15 -19.85
N ASP A 82 3.15 12.98 -19.29
CA ASP A 82 2.01 13.81 -19.62
C ASP A 82 1.84 14.99 -18.68
N VAL A 83 2.87 15.27 -17.91
CA VAL A 83 2.86 16.39 -16.98
C VAL A 83 3.82 17.42 -17.56
N ALA A 84 3.37 18.63 -17.74
CA ALA A 84 4.18 19.64 -18.40
C ALA A 84 5.45 20.11 -17.74
N TYR A 85 5.39 20.32 -16.45
CA TYR A 85 6.54 20.83 -15.70
C TYR A 85 7.22 19.72 -14.85
N HIS A 86 6.46 19.10 -13.96
CA HIS A 86 6.97 18.16 -12.99
C HIS A 86 7.19 16.74 -13.59
N ASN A 87 8.12 16.73 -14.53
CA ASN A 87 8.48 15.53 -15.28
C ASN A 87 9.99 15.26 -15.16
N ASN A 88 10.43 14.25 -15.90
CA ASN A 88 11.83 13.83 -15.91
C ASN A 88 12.80 14.91 -16.37
N ILE A 89 12.35 15.86 -17.18
CA ILE A 89 13.24 16.93 -17.63
C ILE A 89 13.50 17.85 -16.45
N HIS A 90 12.47 18.20 -15.69
CA HIS A 90 12.68 18.99 -14.47
C HIS A 90 13.60 18.25 -13.49
N ALA A 91 13.38 16.94 -13.30
CA ALA A 91 14.27 16.19 -12.39
C ALA A 91 15.74 16.26 -12.84
N ALA A 92 15.97 16.04 -14.14
CA ALA A 92 17.28 16.12 -14.68
C ALA A 92 17.92 17.51 -14.48
N ASP A 93 17.12 18.55 -14.67
CA ASP A 93 17.57 19.92 -14.48
C ASP A 93 17.97 20.18 -13.05
N VAL A 94 17.17 19.74 -12.10
CA VAL A 94 17.49 19.96 -10.67
C VAL A 94 18.76 19.16 -10.26
N VAL A 95 18.89 17.93 -10.81
CA VAL A 95 20.10 17.18 -10.57
C VAL A 95 21.34 17.92 -11.05
N GLN A 96 21.26 18.35 -12.30
CA GLN A 96 22.42 19.02 -12.93
C GLN A 96 22.75 20.36 -12.26
N SER A 97 21.72 21.09 -11.84
CA SER A 97 21.95 22.35 -11.13
C SER A 97 22.55 22.12 -9.76
N THR A 98 22.07 21.08 -9.06
CA THR A 98 22.71 20.69 -7.81
C THR A 98 24.16 20.33 -8.00
N HIS A 99 24.44 19.57 -9.05
CA HIS A 99 25.80 19.19 -9.38
C HIS A 99 26.73 20.41 -9.56
N VAL A 100 26.24 21.44 -10.23
CA VAL A 100 27.04 22.67 -10.44
C VAL A 100 27.19 23.38 -9.11
N LEU A 101 26.13 23.45 -8.30
CA LEU A 101 26.23 24.12 -7.02
C LEU A 101 27.18 23.45 -6.07
N LEU A 102 27.25 22.11 -6.11
CA LEU A 102 28.17 21.38 -5.28
C LEU A 102 29.64 21.66 -5.64
N SER A 103 29.91 22.01 -6.88
CA SER A 103 31.25 22.37 -7.32
C SER A 103 31.63 23.81 -7.05
N THR A 104 30.85 24.56 -6.31
CA THR A 104 31.15 25.98 -6.14
C THR A 104 32.49 26.14 -5.33
N PRO A 105 33.37 27.10 -5.71
CA PRO A 105 34.66 27.19 -5.00
C PRO A 105 34.55 27.32 -3.50
N ALA A 106 33.61 28.09 -3.03
CA ALA A 106 33.40 28.21 -1.56
C ALA A 106 33.05 26.92 -0.80
N LEU A 107 32.68 25.86 -1.50
CA LEU A 107 32.40 24.57 -0.82
C LEU A 107 33.42 23.50 -1.15
N GLU A 108 34.55 23.88 -1.72
CA GLU A 108 35.51 22.89 -2.16
C GLU A 108 36.00 22.08 -0.97
N ALA A 109 35.95 20.75 -1.12
CA ALA A 109 36.33 19.81 -0.09
C ALA A 109 35.52 19.86 1.23
N VAL A 110 34.41 20.56 1.25
CA VAL A 110 33.59 20.61 2.44
C VAL A 110 32.80 19.32 2.64
N PHE A 111 32.13 18.81 1.59
CA PHE A 111 31.19 17.70 1.75
C PHE A 111 31.81 16.33 1.51
N THR A 112 31.39 15.34 2.28
CA THR A 112 31.89 13.94 2.03
C THR A 112 31.21 13.37 0.78
N ASP A 113 31.78 12.30 0.25
CA ASP A 113 31.18 11.54 -0.87
C ASP A 113 29.73 11.09 -0.55
N LEU A 114 29.45 10.67 0.68
CA LEU A 114 28.09 10.28 1.06
C LEU A 114 27.11 11.45 1.04
N GLU A 115 27.55 12.62 1.51
CA GLU A 115 26.74 13.83 1.40
C GLU A 115 26.48 14.25 -0.03
N ILE A 116 27.50 14.14 -0.87
CA ILE A 116 27.38 14.42 -2.27
C ILE A 116 26.36 13.46 -2.91
N LEU A 117 26.50 12.16 -2.65
CA LEU A 117 25.56 11.14 -3.12
C LEU A 117 24.13 11.46 -2.70
N ALA A 118 23.96 11.85 -1.45
CA ALA A 118 22.69 12.20 -0.91
C ALA A 118 22.04 13.37 -1.65
N ALA A 119 22.82 14.40 -1.91
CA ALA A 119 22.25 15.59 -2.52
C ALA A 119 21.81 15.29 -4.00
N ILE A 120 22.63 14.54 -4.70
CA ILE A 120 22.35 14.20 -6.07
C ILE A 120 21.17 13.18 -6.19
N PHE A 121 21.18 12.14 -5.36
CA PHE A 121 20.10 11.17 -5.35
C PHE A 121 18.81 11.85 -4.96
N ALA A 122 18.84 12.67 -3.91
CA ALA A 122 17.70 13.48 -3.55
C ALA A 122 17.12 14.29 -4.69
N SER A 123 17.99 14.98 -5.40
CA SER A 123 17.59 15.79 -6.55
C SER A 123 16.92 14.92 -7.61
N ALA A 124 17.45 13.71 -7.85
CA ALA A 124 16.92 12.87 -8.90
C ALA A 124 15.52 12.35 -8.59
N ILE A 125 15.28 12.03 -7.31
CA ILE A 125 13.96 11.46 -6.92
C ILE A 125 12.95 12.50 -6.46
N HIS A 126 13.36 13.74 -6.28
CA HIS A 126 12.56 14.73 -5.62
C HIS A 126 11.13 15.07 -6.04
N ASP A 127 10.81 14.90 -7.31
CA ASP A 127 9.50 15.20 -7.87
C ASP A 127 8.88 13.89 -8.52
N VAL A 128 9.45 12.71 -8.25
CA VAL A 128 9.00 11.44 -8.85
C VAL A 128 7.52 11.07 -8.64
N ASP A 129 6.87 10.61 -9.70
CA ASP A 129 5.44 10.31 -9.69
C ASP A 129 4.56 11.50 -9.35
N HIS A 130 5.00 12.71 -9.70
CA HIS A 130 4.24 13.94 -9.44
C HIS A 130 3.02 13.89 -10.40
N PRO A 131 1.80 14.08 -9.88
CA PRO A 131 0.60 14.06 -10.71
C PRO A 131 0.26 15.34 -11.44
N GLY A 132 0.99 16.40 -11.24
CA GLY A 132 0.73 17.66 -11.87
C GLY A 132 -0.17 18.62 -11.14
N VAL A 133 -0.51 18.33 -9.91
CA VAL A 133 -1.34 19.20 -9.07
C VAL A 133 -0.70 19.41 -7.72
N SER A 134 -1.13 20.47 -7.03
CA SER A 134 -0.52 20.86 -5.77
C SER A 134 -0.96 20.04 -4.55
N ASN A 135 -0.23 20.18 -3.48
CA ASN A 135 -0.64 19.58 -2.23
C ASN A 135 -2.04 20.00 -1.81
N GLN A 136 -2.34 21.29 -1.95
CA GLN A 136 -3.65 21.78 -1.51
C GLN A 136 -4.76 21.18 -2.35
N PHE A 137 -4.52 21.00 -3.64
CA PHE A 137 -5.46 20.35 -4.53
C PHE A 137 -5.71 18.94 -4.11
N LEU A 138 -4.65 18.18 -3.79
CA LEU A 138 -4.80 16.79 -3.34
C LEU A 138 -5.59 16.70 -2.04
N ILE A 139 -5.34 17.63 -1.13
CA ILE A 139 -6.04 17.66 0.14
C ILE A 139 -7.55 17.94 -0.08
N ASN A 140 -7.81 19.00 -0.84
CA ASN A 140 -9.18 19.47 -1.07
C ASN A 140 -10.04 18.48 -1.86
N THR A 141 -9.44 17.63 -2.69
CA THR A 141 -10.17 16.62 -3.44
C THR A 141 -10.30 15.32 -2.69
N ASN A 142 -9.78 15.24 -1.46
CA ASN A 142 -9.81 13.98 -0.70
C ASN A 142 -9.08 12.85 -1.44
N SER A 143 -8.03 13.16 -2.16
CA SER A 143 -7.31 12.14 -2.90
C SER A 143 -6.58 11.17 -2.02
N GLU A 144 -6.35 9.99 -2.53
CA GLU A 144 -5.68 8.96 -1.79
C GLU A 144 -4.31 9.33 -1.23
N LEU A 145 -3.52 10.08 -1.96
CA LEU A 145 -2.22 10.52 -1.51
C LEU A 145 -2.36 11.34 -0.26
N ALA A 146 -3.30 12.27 -0.24
CA ALA A 146 -3.53 13.10 0.91
C ALA A 146 -3.95 12.29 2.13
N LEU A 147 -4.76 11.28 1.94
CA LEU A 147 -5.18 10.44 3.02
C LEU A 147 -4.01 9.61 3.52
N MET A 148 -3.18 9.17 2.62
CA MET A 148 -2.07 8.37 2.98
C MET A 148 -1.05 9.11 3.81
N TYR A 149 -0.86 10.39 3.55
CA TYR A 149 0.13 11.14 4.25
C TYR A 149 -0.41 12.14 5.22
N ASN A 150 -1.64 11.88 5.64
CA ASN A 150 -2.36 12.68 6.59
C ASN A 150 -2.21 14.13 6.33
N ASP A 151 -2.35 14.52 5.07
CA ASP A 151 -2.24 15.90 4.59
C ASP A 151 -0.89 16.66 4.82
N SER A 152 0.17 15.99 5.25
CA SER A 152 1.43 16.64 5.54
C SER A 152 2.43 16.37 4.46
N SER A 153 2.96 17.43 3.91
CA SER A 153 3.92 17.38 2.76
C SER A 153 3.59 16.17 1.88
N VAL A 154 2.34 16.18 1.38
CA VAL A 154 1.82 15.00 0.72
C VAL A 154 2.68 14.54 -0.43
N LEU A 155 2.90 15.41 -1.38
CA LEU A 155 3.66 15.06 -2.58
C LEU A 155 5.09 14.67 -2.21
N GLU A 156 5.73 15.45 -1.35
CA GLU A 156 7.14 15.24 -1.00
C GLU A 156 7.38 13.91 -0.25
N ASN A 157 6.47 13.56 0.67
CA ASN A 157 6.43 12.21 1.24
C ASN A 157 6.31 11.15 0.17
N HIS A 158 5.43 11.38 -0.79
CA HIS A 158 5.24 10.39 -1.82
C HIS A 158 6.47 10.26 -2.71
N HIS A 159 7.10 11.36 -3.07
CA HIS A 159 8.30 11.29 -3.92
C HIS A 159 9.38 10.45 -3.24
N LEU A 160 9.58 10.68 -1.96
CA LEU A 160 10.53 9.89 -1.19
C LEU A 160 10.19 8.39 -1.21
N ALA A 161 8.96 8.08 -0.86
CA ALA A 161 8.50 6.71 -0.79
C ALA A 161 8.70 5.99 -2.11
N VAL A 162 8.33 6.61 -3.22
CA VAL A 162 8.51 5.97 -4.51
C VAL A 162 9.97 5.83 -4.87
N GLY A 163 10.76 6.91 -4.70
CA GLY A 163 12.18 6.87 -4.98
C GLY A 163 12.90 5.67 -4.30
N PHE A 164 12.61 5.47 -3.01
CA PHE A 164 13.18 4.38 -2.23
C PHE A 164 12.57 3.00 -2.58
N LYS A 165 11.26 2.94 -2.79
CA LYS A 165 10.62 1.68 -3.15
C LYS A 165 11.15 1.10 -4.45
N LEU A 166 11.47 1.97 -5.40
CA LEU A 166 11.99 1.52 -6.68
C LEU A 166 13.30 0.78 -6.61
N LEU A 167 14.04 0.98 -5.52
CA LEU A 167 15.29 0.24 -5.29
C LEU A 167 15.07 -1.28 -5.17
N GLN A 168 13.85 -1.67 -4.86
CA GLN A 168 13.46 -3.09 -4.75
C GLN A 168 13.04 -3.76 -6.04
N GLU A 169 13.03 -3.06 -7.16
CA GLU A 169 12.70 -3.71 -8.41
C GLU A 169 13.92 -4.51 -8.89
N GLU A 170 13.72 -5.39 -9.86
CA GLU A 170 14.76 -6.24 -10.37
C GLU A 170 16.03 -5.49 -10.77
N ASN A 171 17.12 -5.85 -10.14
CA ASN A 171 18.42 -5.24 -10.37
C ASN A 171 18.42 -3.71 -10.26
N CYS A 172 17.71 -3.19 -9.28
CA CYS A 172 17.59 -1.74 -9.06
C CYS A 172 18.27 -1.26 -7.80
N ASP A 173 18.83 -2.17 -6.98
CA ASP A 173 19.32 -1.70 -5.69
C ASP A 173 20.74 -1.15 -5.79
N ILE A 174 20.83 0.11 -6.18
CA ILE A 174 22.08 0.79 -6.34
C ILE A 174 22.90 0.93 -5.02
N PHE A 175 22.26 0.77 -3.88
CA PHE A 175 22.92 0.89 -2.61
C PHE A 175 23.24 -0.47 -1.98
N GLN A 176 23.16 -1.54 -2.77
CA GLN A 176 23.35 -2.89 -2.26
C GLN A 176 24.72 -3.11 -1.55
N ASN A 177 25.77 -2.38 -1.95
CA ASN A 177 27.10 -2.57 -1.34
C ASN A 177 27.46 -1.61 -0.23
N LEU A 178 26.55 -0.69 0.12
CA LEU A 178 26.79 0.17 1.25
C LEU A 178 26.58 -0.58 2.56
N THR A 179 27.34 -0.22 3.58
CA THR A 179 27.10 -0.75 4.91
C THR A 179 25.76 -0.21 5.42
N LYS A 180 25.23 -0.85 6.43
CA LYS A 180 24.07 -0.35 7.12
C LYS A 180 24.29 1.07 7.66
N LYS A 181 25.44 1.37 8.23
CA LYS A 181 25.68 2.71 8.71
C LYS A 181 25.64 3.78 7.60
N GLN A 182 26.25 3.47 6.46
CA GLN A 182 26.20 4.35 5.28
C GLN A 182 24.73 4.51 4.81
N ARG A 183 23.99 3.42 4.77
CA ARG A 183 22.59 3.44 4.25
C ARG A 183 21.70 4.23 5.15
N GLN A 184 21.87 4.13 6.47
CA GLN A 184 21.03 4.88 7.40
C GLN A 184 21.36 6.38 7.30
N SER A 185 22.61 6.72 7.17
CA SER A 185 22.99 8.10 7.08
C SER A 185 22.55 8.71 5.76
N LEU A 186 22.77 8.02 4.66
CA LEU A 186 22.24 8.40 3.34
C LEU A 186 20.75 8.65 3.34
N ARG A 187 20.04 7.69 3.92
CA ARG A 187 18.57 7.74 3.93
C ARG A 187 18.09 8.91 4.69
N LYS A 188 18.66 9.16 5.84
CA LYS A 188 18.19 10.30 6.65
C LYS A 188 18.45 11.63 5.92
N MET A 189 19.61 11.77 5.27
CA MET A 189 19.92 12.98 4.61
C MET A 189 18.97 13.21 3.41
N VAL A 190 18.70 12.15 2.65
CA VAL A 190 17.83 12.23 1.53
C VAL A 190 16.43 12.66 1.93
N ILE A 191 15.93 12.04 2.98
CA ILE A 191 14.65 12.42 3.52
C ILE A 191 14.65 13.91 3.91
N ASP A 192 15.62 14.32 4.66
CA ASP A 192 15.70 15.72 5.10
C ASP A 192 15.76 16.69 3.92
N ILE A 193 16.48 16.33 2.87
CA ILE A 193 16.58 17.19 1.71
C ILE A 193 15.24 17.27 0.91
N VAL A 194 14.65 16.13 0.59
CA VAL A 194 13.41 16.16 -0.19
C VAL A 194 12.26 16.85 0.54
N LEU A 195 12.13 16.61 1.85
CA LEU A 195 11.08 17.25 2.63
C LEU A 195 11.24 18.78 2.62
N ALA A 196 12.48 19.24 2.51
CA ALA A 196 12.75 20.66 2.45
C ALA A 196 12.35 21.30 1.12
N THR A 197 11.97 20.51 0.10
CA THR A 197 11.48 21.04 -1.18
C THR A 197 10.03 21.47 -1.20
N ASP A 198 9.30 21.15 -0.12
CA ASP A 198 7.94 21.62 0.05
C ASP A 198 8.02 23.12 0.26
N MET A 199 7.36 23.90 -0.60
CA MET A 199 7.39 25.38 -0.46
C MET A 199 6.86 25.90 0.89
N SER A 200 6.05 25.12 1.60
CA SER A 200 5.59 25.59 2.90
C SER A 200 6.79 25.71 3.86
N LYS A 201 7.93 25.10 3.54
CA LYS A 201 9.11 25.20 4.39
C LYS A 201 10.07 26.33 4.00
N HIS A 202 9.77 27.03 2.91
CA HIS A 202 10.71 27.97 2.33
C HIS A 202 11.14 29.07 3.31
N MET A 203 10.18 29.66 3.98
CA MET A 203 10.46 30.83 4.87
C MET A 203 11.36 30.41 6.03
N ASN A 204 11.09 29.25 6.64
CA ASN A 204 12.05 28.74 7.66
C ASN A 204 13.42 28.38 7.15
N LEU A 205 13.51 27.73 5.99
CA LEU A 205 14.80 27.44 5.40
C LEU A 205 15.60 28.71 5.17
N LEU A 206 14.94 29.73 4.66
CA LEU A 206 15.62 30.99 4.29
C LEU A 206 16.11 31.74 5.55
N ALA A 207 15.25 31.79 6.56
CA ALA A 207 15.60 32.38 7.87
C ALA A 207 16.84 31.71 8.42
N ASP A 208 16.90 30.38 8.33
CA ASP A 208 18.10 29.69 8.80
C ASP A 208 19.30 29.92 7.93
N LEU A 209 19.10 29.97 6.62
CA LEU A 209 20.22 30.29 5.75
C LEU A 209 20.74 31.73 6.08
N LYS A 210 19.84 32.67 6.35
CA LYS A 210 20.25 34.07 6.67
C LYS A 210 21.08 34.09 7.97
N THR A 211 20.65 33.34 8.96
CA THR A 211 21.39 33.21 10.23
C THR A 211 22.76 32.66 10.02
N MET A 212 22.86 31.68 9.17
CA MET A 212 24.16 31.13 8.84
C MET A 212 25.06 32.12 8.13
N VAL A 213 24.52 32.91 7.20
CA VAL A 213 25.32 33.97 6.54
C VAL A 213 25.80 34.99 7.62
N GLU A 214 24.91 35.40 8.51
CA GLU A 214 25.25 36.33 9.58
C GLU A 214 26.31 35.82 10.54
N THR A 215 26.42 34.50 10.75
CA THR A 215 27.43 33.92 11.64
C THR A 215 28.47 33.11 10.89
N LYS A 216 28.68 33.47 9.64
CA LYS A 216 29.54 32.70 8.71
C LYS A 216 30.96 32.59 9.29
N LYS A 217 31.50 31.39 9.28
CA LYS A 217 32.89 31.10 9.57
C LYS A 217 33.48 30.38 8.37
N VAL A 218 34.74 30.69 8.13
CA VAL A 218 35.47 30.18 6.99
C VAL A 218 36.72 29.47 7.51
N THR A 219 37.16 28.42 6.83
CA THR A 219 38.39 27.70 7.21
C THR A 219 39.59 28.51 6.77
N SER A 220 40.79 28.04 7.11
CA SER A 220 42.01 28.70 6.64
C SER A 220 42.22 28.56 5.11
N SER A 221 41.57 27.58 4.46
CA SER A 221 41.50 27.49 2.99
C SER A 221 40.49 28.49 2.30
N GLY A 222 39.65 29.13 3.10
CA GLY A 222 38.68 30.07 2.58
C GLY A 222 37.33 29.49 2.24
N VAL A 223 37.12 28.23 2.56
CA VAL A 223 35.84 27.59 2.29
C VAL A 223 35.01 27.62 3.55
N LEU A 224 33.74 27.30 3.43
CA LEU A 224 32.91 27.34 4.61
C LEU A 224 33.20 26.31 5.63
N LEU A 225 33.03 26.70 6.87
CA LEU A 225 33.18 25.79 7.98
C LEU A 225 31.79 25.32 8.42
N LEU A 226 31.55 24.02 8.35
CA LEU A 226 30.26 23.47 8.78
C LEU A 226 30.54 22.29 9.68
N ASP A 227 30.48 22.46 10.98
CA ASP A 227 31.05 21.42 11.86
C ASP A 227 30.02 20.63 12.64
N ASN A 228 28.73 20.75 12.29
CA ASN A 228 27.68 19.91 12.89
C ASN A 228 26.62 19.51 11.82
N TYR A 229 25.91 18.43 12.06
CA TYR A 229 24.91 17.93 11.13
C TYR A 229 23.89 18.96 10.77
N SER A 230 23.40 19.69 11.74
CA SER A 230 22.39 20.64 11.49
C SER A 230 22.79 21.71 10.49
N ASP A 231 24.02 22.20 10.52
CA ASP A 231 24.46 23.20 9.59
C ASP A 231 24.77 22.57 8.23
N ARG A 232 25.36 21.39 8.24
CA ARG A 232 25.68 20.68 7.00
C ARG A 232 24.41 20.33 6.20
N ILE A 233 23.41 19.80 6.88
CA ILE A 233 22.18 19.45 6.23
C ILE A 233 21.42 20.70 5.81
N GLN A 234 21.53 21.77 6.57
CA GLN A 234 20.85 23.00 6.21
C GLN A 234 21.39 23.52 4.90
N VAL A 235 22.69 23.49 4.73
CA VAL A 235 23.29 23.94 3.50
C VAL A 235 22.85 23.05 2.32
N LEU A 236 22.86 21.73 2.52
CA LEU A 236 22.40 20.84 1.45
C LEU A 236 20.94 21.01 1.09
N GLN A 237 20.09 21.18 2.12
CA GLN A 237 18.67 21.44 1.92
C GLN A 237 18.48 22.73 1.09
N ASN A 238 19.16 23.80 1.48
CA ASN A 238 19.06 25.06 0.73
C ASN A 238 19.66 24.95 -0.67
N MET A 239 20.69 24.17 -0.82
CA MET A 239 21.33 23.97 -2.13
C MET A 239 20.31 23.33 -3.10
N VAL A 240 19.66 22.24 -2.69
CA VAL A 240 18.70 21.55 -3.58
C VAL A 240 17.47 22.41 -3.80
N HIS A 241 17.06 23.14 -2.75
CA HIS A 241 15.99 24.10 -2.87
C HIS A 241 16.32 25.22 -3.90
N CYS A 242 17.54 25.78 -3.84
CA CYS A 242 18.04 26.70 -4.88
C CYS A 242 17.98 26.12 -6.27
N ALA A 243 18.38 24.86 -6.41
CA ALA A 243 18.29 24.18 -7.69
C ALA A 243 16.85 24.04 -8.18
N ASP A 244 15.95 23.71 -7.26
CA ASP A 244 14.53 23.53 -7.57
C ASP A 244 13.94 24.91 -8.03
N LEU A 245 14.46 25.98 -7.42
CA LEU A 245 14.03 27.36 -7.76
C LEU A 245 15.06 28.07 -8.67
N SER A 246 15.71 27.32 -9.54
CA SER A 246 16.79 27.87 -10.37
C SER A 246 16.31 28.38 -11.73
N ASN A 247 15.07 28.07 -12.13
CA ASN A 247 14.63 28.39 -13.48
C ASN A 247 14.88 29.88 -13.87
N PRO A 248 14.52 30.82 -12.97
CA PRO A 248 14.66 32.23 -13.37
C PRO A 248 16.09 32.74 -13.41
N THR A 249 17.04 31.90 -12.96
CA THR A 249 18.44 32.23 -12.98
C THR A 249 19.18 31.69 -14.21
N LYS A 250 18.46 31.01 -15.07
CA LYS A 250 19.06 30.44 -16.23
C LYS A 250 18.97 31.41 -17.41
N PRO A 251 19.69 31.14 -18.50
CA PRO A 251 19.56 31.93 -19.71
C PRO A 251 18.13 31.94 -20.18
N LEU A 252 17.65 33.12 -20.51
CA LEU A 252 16.26 33.35 -20.92
C LEU A 252 15.57 32.32 -21.80
N GLN A 253 16.24 31.79 -22.79
CA GLN A 253 15.68 30.76 -23.63
C GLN A 253 15.25 29.51 -22.83
N LEU A 254 16.01 29.15 -21.80
CA LEU A 254 15.67 28.07 -20.92
C LEU A 254 14.56 28.50 -19.98
N TYR A 255 14.72 29.61 -19.31
CA TYR A 255 13.74 30.13 -18.38
C TYR A 255 12.32 30.21 -18.95
N ARG A 256 12.21 30.72 -20.16
CA ARG A 256 10.92 30.86 -20.82
C ARG A 256 10.24 29.55 -21.08
N GLN A 257 11.00 28.52 -21.39
CA GLN A 257 10.43 27.21 -21.60
C GLN A 257 9.89 26.68 -20.27
N TRP A 258 10.60 26.92 -19.20
CA TRP A 258 10.15 26.49 -17.90
C TRP A 258 8.87 27.22 -17.51
N THR A 259 8.80 28.51 -17.83
CA THR A 259 7.62 29.31 -17.55
C THR A 259 6.41 28.81 -18.30
N ASP A 260 6.57 28.48 -19.56
CA ASP A 260 5.47 27.94 -20.34
C ASP A 260 4.97 26.65 -19.71
N ARG A 261 5.90 25.80 -19.34
CA ARG A 261 5.59 24.55 -18.73
C ARG A 261 4.86 24.69 -17.40
N ILE A 262 5.38 25.49 -16.49
CA ILE A 262 4.71 25.65 -15.23
C ILE A 262 3.33 26.29 -15.40
N MET A 263 3.19 27.17 -16.37
CA MET A 263 1.93 27.83 -16.57
C MET A 263 0.96 26.84 -17.14
N GLU A 264 1.40 25.98 -18.03
CA GLU A 264 0.51 24.98 -18.56
C GLU A 264 0.00 24.08 -17.45
N GLU A 265 0.89 23.67 -16.58
CA GLU A 265 0.54 22.82 -15.48
C GLU A 265 -0.44 23.49 -14.54
N PHE A 266 -0.19 24.73 -14.17
CA PHE A 266 -1.04 25.50 -13.28
C PHE A 266 -2.42 25.75 -13.90
N PHE A 267 -2.44 26.14 -15.16
CA PHE A 267 -3.71 26.40 -15.85
C PHE A 267 -4.56 25.15 -15.92
N ARG A 268 -3.93 24.01 -16.10
CA ARG A 268 -4.64 22.76 -16.14
C ARG A 268 -5.23 22.49 -14.77
N GLN A 269 -4.49 22.76 -13.73
CA GLN A 269 -5.04 22.56 -12.42
C GLN A 269 -6.22 23.50 -12.24
N GLY A 270 -6.07 24.73 -12.67
CA GLY A 270 -7.14 25.70 -12.56
C GLY A 270 -8.40 25.28 -13.27
N ASP A 271 -8.26 24.68 -14.44
CA ASP A 271 -9.41 24.19 -15.16
C ASP A 271 -10.10 23.16 -14.30
N ARG A 272 -9.37 22.22 -13.72
CA ARG A 272 -10.01 21.23 -12.88
C ARG A 272 -10.71 21.85 -11.69
N GLU A 273 -10.08 22.81 -11.06
CA GLU A 273 -10.74 23.50 -9.94
C GLU A 273 -12.04 24.20 -10.40
N ARG A 274 -11.98 24.90 -11.54
CA ARG A 274 -13.15 25.63 -12.07
C ARG A 274 -14.28 24.65 -12.38
N GLU A 275 -13.98 23.54 -13.09
CA GLU A 275 -14.91 22.44 -13.38
C GLU A 275 -15.66 21.99 -12.14
N ARG A 276 -14.98 21.95 -11.01
CA ARG A 276 -15.56 21.39 -9.81
C ARG A 276 -16.11 22.43 -8.88
N GLY A 277 -16.12 23.70 -9.28
CA GLY A 277 -16.62 24.78 -8.42
C GLY A 277 -15.73 25.10 -7.24
N MET A 278 -14.45 24.70 -7.27
CA MET A 278 -13.51 25.03 -6.20
C MET A 278 -12.97 26.40 -6.47
N GLU A 279 -12.45 27.04 -5.45
CA GLU A 279 -11.69 28.27 -5.62
C GLU A 279 -10.46 27.94 -6.51
N ILE A 280 -10.17 28.82 -7.50
CA ILE A 280 -9.05 28.58 -8.42
C ILE A 280 -7.78 29.09 -7.71
N SER A 281 -6.74 28.25 -7.62
CA SER A 281 -5.53 28.60 -6.86
C SER A 281 -4.79 29.82 -7.49
N PRO A 282 -3.93 30.50 -6.70
CA PRO A 282 -3.11 31.58 -7.31
C PRO A 282 -2.37 31.16 -8.60
N MET A 283 -2.43 32.01 -9.66
CA MET A 283 -1.76 31.84 -10.97
C MET A 283 -2.35 30.75 -11.86
N CYS A 284 -3.46 30.11 -11.41
CA CYS A 284 -4.02 28.91 -12.09
C CYS A 284 -5.24 29.24 -13.00
N ASP A 285 -5.68 30.50 -13.00
CA ASP A 285 -6.83 30.92 -13.78
C ASP A 285 -6.35 31.50 -15.12
N LYS A 286 -6.46 30.70 -16.18
CA LYS A 286 -6.06 31.14 -17.52
C LYS A 286 -6.87 32.37 -18.04
N HIS A 287 -8.08 32.60 -17.51
CA HIS A 287 -8.93 33.74 -17.94
C HIS A 287 -8.57 35.04 -17.20
N ASN A 288 -7.85 34.91 -16.08
CA ASN A 288 -7.50 36.03 -15.19
C ASN A 288 -6.03 35.87 -14.71
N ALA A 289 -5.10 35.73 -15.66
CA ALA A 289 -3.70 35.56 -15.32
C ALA A 289 -2.89 36.60 -16.06
N SER A 290 -1.85 37.05 -15.40
CA SER A 290 -0.72 37.65 -16.04
C SER A 290 0.51 36.79 -15.69
N VAL A 291 0.94 36.08 -16.73
CA VAL A 291 2.15 35.29 -16.68
C VAL A 291 3.33 36.13 -16.25
N GLU A 292 3.45 37.33 -16.80
CA GLU A 292 4.59 38.21 -16.59
C GLU A 292 4.66 38.76 -15.19
N LYS A 293 3.54 39.26 -14.70
CA LYS A 293 3.43 39.74 -13.33
C LYS A 293 3.70 38.62 -12.32
N SER A 294 3.19 37.43 -12.62
CA SER A 294 3.48 36.27 -11.79
C SER A 294 4.96 35.97 -11.70
N GLN A 295 5.67 36.00 -12.84
CA GLN A 295 7.11 35.79 -12.80
C GLN A 295 7.82 36.84 -12.00
N VAL A 296 7.43 38.11 -12.16
CA VAL A 296 8.14 39.17 -11.43
C VAL A 296 7.87 39.01 -9.95
N GLY A 297 6.63 38.65 -9.61
CA GLY A 297 6.29 38.34 -8.21
C GLY A 297 7.05 37.16 -7.62
N PHE A 298 7.17 36.10 -8.42
CA PHE A 298 7.91 34.89 -8.02
C PHE A 298 9.37 35.26 -7.73
N ILE A 299 9.95 36.04 -8.63
CA ILE A 299 11.33 36.48 -8.42
C ILE A 299 11.46 37.41 -7.21
N ASP A 300 10.64 38.45 -7.15
CA ASP A 300 10.74 39.41 -6.02
C ASP A 300 10.51 38.86 -4.64
N TYR A 301 9.54 37.97 -4.49
CA TYR A 301 9.20 37.47 -3.14
C TYR A 301 9.86 36.16 -2.76
N ILE A 302 10.25 35.35 -3.75
CA ILE A 302 10.79 34.00 -3.44
C ILE A 302 12.21 33.80 -3.95
N VAL A 303 12.38 33.90 -5.26
CA VAL A 303 13.63 33.44 -5.88
C VAL A 303 14.81 34.38 -5.59
N HIS A 304 14.58 35.70 -5.67
CA HIS A 304 15.68 36.66 -5.46
C HIS A 304 16.09 36.69 -4.00
N PRO A 305 15.15 36.71 -3.05
CA PRO A 305 15.63 36.65 -1.65
C PRO A 305 16.44 35.39 -1.32
N LEU A 306 16.05 34.25 -1.89
CA LEU A 306 16.84 33.04 -1.64
C LEU A 306 18.21 33.11 -2.29
N TRP A 307 18.23 33.39 -3.58
CA TRP A 307 19.51 33.39 -4.31
C TRP A 307 20.49 34.50 -3.86
N GLU A 308 19.94 35.62 -3.39
CA GLU A 308 20.78 36.68 -2.85
C GLU A 308 21.42 36.19 -1.59
N THR A 309 20.67 35.45 -0.77
CA THR A 309 21.26 34.92 0.46
C THR A 309 22.25 33.82 0.17
N TRP A 310 21.93 32.94 -0.79
CA TRP A 310 22.90 31.90 -1.18
C TRP A 310 24.18 32.60 -1.69
N ALA A 311 24.01 33.63 -2.54
CA ALA A 311 25.18 34.36 -3.12
C ALA A 311 26.10 34.94 -2.02
N ASP A 312 25.49 35.48 -0.96
CA ASP A 312 26.24 35.92 0.22
C ASP A 312 26.98 34.80 0.87
N LEU A 313 26.34 33.65 1.04
CA LEU A 313 27.04 32.51 1.63
C LEU A 313 28.28 32.12 0.87
N VAL A 314 28.19 32.05 -0.45
CA VAL A 314 29.31 31.56 -1.25
C VAL A 314 30.08 32.70 -1.97
N HIS A 315 29.94 33.93 -1.45
CA HIS A 315 30.47 35.14 -2.12
C HIS A 315 31.93 34.98 -2.57
N PRO A 316 32.29 35.29 -3.82
CA PRO A 316 31.45 35.86 -4.87
C PRO A 316 30.99 34.84 -5.94
N ASP A 317 31.05 33.55 -5.61
CA ASP A 317 30.89 32.49 -6.62
C ASP A 317 29.60 32.58 -7.44
N ALA A 318 28.53 33.09 -6.82
CA ALA A 318 27.21 33.08 -7.49
C ALA A 318 26.83 34.43 -8.18
N GLN A 319 27.80 35.33 -8.29
CA GLN A 319 27.54 36.66 -8.87
C GLN A 319 26.90 36.62 -10.29
N ASP A 320 27.42 35.80 -11.19
CA ASP A 320 26.85 35.73 -12.55
C ASP A 320 25.44 35.16 -12.58
N ILE A 321 25.17 34.23 -11.65
CA ILE A 321 23.84 33.66 -11.51
C ILE A 321 22.87 34.74 -11.03
N LEU A 322 23.25 35.50 -10.02
CA LEU A 322 22.41 36.57 -9.50
C LEU A 322 22.21 37.67 -10.55
N ASP A 323 23.25 37.97 -11.34
CA ASP A 323 23.12 38.96 -12.43
C ASP A 323 22.17 38.48 -13.46
N THR A 324 22.24 37.20 -13.83
CA THR A 324 21.29 36.67 -14.81
C THR A 324 19.84 36.77 -14.30
N LEU A 325 19.66 36.41 -13.03
CA LEU A 325 18.34 36.49 -12.39
C LEU A 325 17.77 37.93 -12.49
N GLU A 326 18.59 38.89 -12.13
CA GLU A 326 18.18 40.33 -12.13
C GLU A 326 17.90 40.82 -13.55
N ASP A 327 18.67 40.37 -14.55
CA ASP A 327 18.35 40.68 -15.95
C ASP A 327 17.05 40.09 -16.40
N ASN A 328 16.78 38.85 -16.03
CA ASN A 328 15.56 38.20 -16.41
C ASN A 328 14.37 38.86 -15.77
N ARG A 329 14.56 39.34 -14.55
CA ARG A 329 13.50 39.99 -13.84
C ARG A 329 13.13 41.27 -14.58
N GLU A 330 14.13 42.00 -15.01
CA GLU A 330 13.87 43.23 -15.73
C GLU A 330 13.23 42.95 -17.07
N TRP A 331 13.61 41.87 -17.72
CA TRP A 331 13.02 41.53 -18.97
C TRP A 331 11.53 41.31 -18.81
N TYR A 332 11.15 40.47 -17.88
CA TYR A 332 9.76 40.18 -17.67
C TYR A 332 9.00 41.45 -17.26
N GLN A 333 9.58 42.27 -16.41
CA GLN A 333 8.95 43.49 -15.98
C GLN A 333 8.63 44.40 -17.17
N SER A 334 9.51 44.41 -18.16
CA SER A 334 9.35 45.24 -19.34
C SER A 334 8.31 44.70 -20.30
N THR A 335 7.79 43.49 -20.09
CA THR A 335 6.70 42.98 -20.93
C THR A 335 5.34 43.05 -20.28
N ILE A 336 5.23 43.61 -19.08
CA ILE A 336 3.91 43.81 -18.43
C ILE A 336 3.20 45.02 -19.10
N PRO A 337 1.99 44.85 -19.76
CA PRO A 337 1.32 46.08 -20.29
C PRO A 337 0.72 47.03 -19.22
N GLU B 15 -21.51 -7.68 36.05
CA GLU B 15 -22.60 -7.14 35.26
C GLU B 15 -23.18 -5.97 35.99
N ASP B 16 -23.50 -6.21 37.25
CA ASP B 16 -24.02 -5.18 38.09
C ASP B 16 -22.84 -4.47 38.70
N VAL B 17 -21.77 -5.20 38.95
CA VAL B 17 -20.58 -4.62 39.49
C VAL B 17 -19.95 -3.75 38.41
N LEU B 18 -20.01 -4.19 37.16
CA LEU B 18 -19.47 -3.36 36.08
C LEU B 18 -20.12 -1.99 36.10
N ALA B 19 -21.44 -1.97 36.19
CA ALA B 19 -22.16 -0.69 36.24
C ALA B 19 -21.75 0.15 37.46
N LYS B 20 -21.48 -0.50 38.59
CA LYS B 20 -21.01 0.27 39.77
C LYS B 20 -19.62 0.86 39.53
N GLU B 21 -18.72 0.08 38.94
CA GLU B 21 -17.38 0.57 38.65
C GLU B 21 -17.42 1.75 37.68
N LEU B 22 -18.31 1.66 36.67
CA LEU B 22 -18.49 2.72 35.70
C LEU B 22 -19.06 4.02 36.23
N GLU B 23 -19.59 4.01 37.45
CA GLU B 23 -19.92 5.27 38.10
C GLU B 23 -18.70 6.13 38.42
N ASP B 24 -17.49 5.53 38.46
CA ASP B 24 -16.25 6.32 38.60
C ASP B 24 -15.70 6.92 37.28
N VAL B 25 -16.48 6.89 36.19
CA VAL B 25 -15.99 7.27 34.86
C VAL B 25 -15.51 8.71 34.78
N ASN B 26 -16.04 9.58 35.64
CA ASN B 26 -15.60 10.96 35.69
C ASN B 26 -14.49 11.20 36.69
N LYS B 27 -13.94 10.15 37.28
CA LYS B 27 -12.87 10.32 38.29
C LYS B 27 -11.49 9.90 37.79
N TRP B 28 -10.47 10.69 38.14
CA TRP B 28 -9.11 10.26 37.95
C TRP B 28 -8.93 9.04 38.82
N GLY B 29 -8.35 7.97 38.33
CA GLY B 29 -8.23 6.83 39.26
C GLY B 29 -9.31 5.76 39.15
N LEU B 30 -10.12 5.85 38.09
CA LEU B 30 -10.93 4.73 37.68
C LEU B 30 -10.17 3.42 37.71
N HIS B 31 -10.83 2.35 38.17
CA HIS B 31 -10.25 1.01 38.26
C HIS B 31 -10.34 0.33 36.87
N VAL B 32 -9.51 0.81 35.97
CA VAL B 32 -9.63 0.44 34.55
C VAL B 32 -9.30 -1.04 34.33
N PHE B 33 -8.36 -1.57 35.11
CA PHE B 33 -8.03 -2.99 35.00
C PHE B 33 -9.21 -3.87 35.43
N ARG B 34 -9.88 -3.43 36.48
CA ARG B 34 -11.05 -4.13 36.96
C ARG B 34 -12.16 -4.09 35.91
N ILE B 35 -12.34 -2.92 35.31
CA ILE B 35 -13.30 -2.80 34.17
C ILE B 35 -12.97 -3.75 33.03
N ALA B 36 -11.68 -3.89 32.74
CA ALA B 36 -11.27 -4.81 31.69
C ALA B 36 -11.69 -6.25 32.00
N GLU B 37 -11.44 -6.68 33.24
CA GLU B 37 -11.86 -8.03 33.69
C GLU B 37 -13.38 -8.19 33.62
N LEU B 38 -14.11 -7.24 34.20
CA LEU B 38 -15.56 -7.33 34.28
C LEU B 38 -16.25 -7.27 32.92
N SER B 39 -15.67 -6.59 31.94
CA SER B 39 -16.30 -6.43 30.64
C SER B 39 -15.91 -7.54 29.64
N GLY B 40 -15.16 -8.54 30.07
CA GLY B 40 -14.72 -9.58 29.14
C GLY B 40 -13.67 -9.04 28.17
N ASN B 41 -12.74 -8.27 28.71
CA ASN B 41 -11.70 -7.62 27.94
C ASN B 41 -12.26 -6.68 26.91
N ARG B 42 -13.20 -5.88 27.34
CA ARG B 42 -13.78 -4.87 26.50
C ARG B 42 -13.83 -3.50 27.15
N PRO B 43 -12.74 -3.08 27.81
CA PRO B 43 -12.84 -1.78 28.46
C PRO B 43 -12.93 -0.62 27.53
N LEU B 44 -12.34 -0.68 26.36
CA LEU B 44 -12.39 0.48 25.46
C LEU B 44 -13.84 0.68 24.97
N THR B 45 -14.50 -0.42 24.64
CA THR B 45 -15.86 -0.35 24.14
C THR B 45 -16.79 0.20 25.23
N VAL B 46 -16.72 -0.37 26.43
CA VAL B 46 -17.68 0.03 27.47
C VAL B 46 -17.39 1.42 28.02
N ILE B 47 -16.11 1.79 28.12
CA ILE B 47 -15.79 3.14 28.58
C ILE B 47 -16.14 4.19 27.53
N MET B 48 -15.83 3.92 26.24
CA MET B 48 -16.23 4.85 25.20
C MET B 48 -17.76 4.98 25.16
N HIS B 49 -18.47 3.86 25.24
CA HIS B 49 -19.91 3.94 25.12
C HIS B 49 -20.50 4.77 26.29
N THR B 50 -19.99 4.54 27.51
CA THR B 50 -20.45 5.28 28.68
C THR B 50 -20.21 6.78 28.50
N ILE B 51 -19.02 7.16 28.03
CA ILE B 51 -18.67 8.55 27.82
C ILE B 51 -19.51 9.19 26.75
N PHE B 52 -19.73 8.48 25.66
CA PHE B 52 -20.57 9.04 24.60
C PHE B 52 -22.03 9.32 25.10
N GLN B 53 -22.60 8.40 25.86
CA GLN B 53 -23.94 8.58 26.48
C GLN B 53 -23.88 9.77 27.45
N GLU B 54 -22.90 9.77 28.33
CA GLU B 54 -22.71 10.83 29.33
C GLU B 54 -22.63 12.20 28.70
N ARG B 55 -21.92 12.36 27.59
CA ARG B 55 -21.76 13.66 26.95
C ARG B 55 -22.82 13.90 25.88
N ASP B 56 -23.76 12.98 25.78
CA ASP B 56 -24.86 13.05 24.80
C ASP B 56 -24.41 13.12 23.34
N LEU B 57 -23.27 12.50 23.06
CA LEU B 57 -22.67 12.63 21.72
C LEU B 57 -23.45 11.88 20.63
N LEU B 58 -24.13 10.82 20.99
CA LEU B 58 -24.92 10.07 20.01
C LEU B 58 -26.05 10.92 19.47
N LYS B 59 -26.75 11.61 20.36
CA LYS B 59 -27.82 12.52 19.95
C LYS B 59 -27.24 13.73 19.25
N THR B 60 -26.21 14.35 19.80
CA THR B 60 -25.68 15.55 19.13
C THR B 60 -25.23 15.29 17.70
N PHE B 61 -24.58 14.15 17.45
CA PHE B 61 -24.02 13.88 16.13
C PHE B 61 -24.79 12.83 15.33
N LYS B 62 -25.94 12.45 15.86
CA LYS B 62 -26.84 11.50 15.20
C LYS B 62 -26.10 10.20 14.86
N ILE B 63 -25.44 9.66 15.87
CA ILE B 63 -24.68 8.44 15.75
C ILE B 63 -25.57 7.30 16.09
N PRO B 64 -25.88 6.40 15.13
CA PRO B 64 -26.70 5.25 15.52
C PRO B 64 -25.97 4.40 16.54
N VAL B 65 -26.67 3.96 17.55
CA VAL B 65 -26.05 3.23 18.64
C VAL B 65 -25.40 1.91 18.19
N ASP B 66 -26.04 1.17 17.30
CA ASP B 66 -25.47 -0.08 16.77
C ASP B 66 -24.15 0.19 16.00
N THR B 67 -24.11 1.29 15.26
CA THR B 67 -22.93 1.69 14.52
C THR B 67 -21.78 1.99 15.52
N LEU B 68 -22.11 2.69 16.62
CA LEU B 68 -21.10 3.04 17.60
C LEU B 68 -20.50 1.79 18.20
N ILE B 69 -21.34 0.87 18.59
CA ILE B 69 -20.89 -0.32 19.25
C ILE B 69 -20.09 -1.21 18.27
N THR B 70 -20.52 -1.31 17.02
CA THR B 70 -19.80 -2.08 16.01
C THR B 70 -18.39 -1.48 15.79
N TYR B 71 -18.32 -0.17 15.62
CA TYR B 71 -17.04 0.49 15.45
C TYR B 71 -16.16 0.27 16.65
N LEU B 72 -16.70 0.42 17.86
CA LEU B 72 -15.84 0.34 19.02
C LEU B 72 -15.27 -1.06 19.20
N MET B 73 -16.10 -2.06 18.98
CA MET B 73 -15.63 -3.43 19.08
C MET B 73 -14.55 -3.73 18.03
N THR B 74 -14.77 -3.24 16.82
CA THR B 74 -13.81 -3.40 15.73
C THR B 74 -12.48 -2.72 16.08
N LEU B 75 -12.56 -1.49 16.57
CA LEU B 75 -11.36 -0.76 16.99
C LEU B 75 -10.62 -1.50 18.08
N GLU B 76 -11.37 -1.92 19.11
CA GLU B 76 -10.76 -2.61 20.22
C GLU B 76 -10.08 -3.95 19.79
N ASP B 77 -10.72 -4.65 18.87
CA ASP B 77 -10.16 -5.87 18.31
C ASP B 77 -8.84 -5.66 17.52
N HIS B 78 -8.55 -4.45 17.05
CA HIS B 78 -7.32 -4.17 16.37
C HIS B 78 -6.19 -3.66 17.30
N TYR B 79 -6.46 -3.59 18.59
CA TYR B 79 -5.38 -3.52 19.59
C TYR B 79 -4.94 -4.98 19.85
N HIS B 80 -3.66 -5.19 20.08
CA HIS B 80 -3.12 -6.54 20.22
C HIS B 80 -3.19 -7.00 21.66
N ALA B 81 -3.87 -8.11 21.91
CA ALA B 81 -3.95 -8.66 23.27
C ALA B 81 -2.64 -9.21 23.80
N ASP B 82 -1.68 -9.50 22.93
CA ASP B 82 -0.41 -10.03 23.40
C ASP B 82 0.58 -8.89 23.69
N VAL B 83 0.22 -7.62 23.54
CA VAL B 83 1.19 -6.53 23.80
C VAL B 83 0.87 -6.05 25.23
N ALA B 84 1.89 -5.99 26.08
CA ALA B 84 1.63 -5.85 27.51
C ALA B 84 1.14 -4.43 27.91
N TYR B 85 1.68 -3.41 27.26
CA TYR B 85 1.29 -2.04 27.56
C TYR B 85 0.38 -1.44 26.48
N HIS B 86 0.83 -1.39 25.21
CA HIS B 86 0.11 -0.72 24.13
C HIS B 86 -1.03 -1.57 23.58
N ASN B 87 -2.00 -1.81 24.45
CA ASN B 87 -3.20 -2.58 24.14
C ASN B 87 -4.47 -1.77 24.41
N ASN B 88 -5.62 -2.46 24.29
CA ASN B 88 -6.90 -1.85 24.47
C ASN B 88 -7.13 -1.26 25.90
N ILE B 89 -6.45 -1.77 26.90
CA ILE B 89 -6.58 -1.23 28.26
C ILE B 89 -5.91 0.13 28.29
N HIS B 90 -4.73 0.26 27.71
CA HIS B 90 -4.09 1.58 27.60
C HIS B 90 -4.96 2.54 26.82
N ALA B 91 -5.54 2.11 25.71
CA ALA B 91 -6.40 2.99 24.92
C ALA B 91 -7.60 3.48 25.76
N ALA B 92 -8.25 2.56 26.46
CA ALA B 92 -9.36 2.90 27.31
C ALA B 92 -8.94 3.91 28.41
N ASP B 93 -7.75 3.70 28.98
CA ASP B 93 -7.20 4.58 29.99
C ASP B 93 -6.97 5.97 29.45
N VAL B 94 -6.39 6.08 28.27
CA VAL B 94 -6.11 7.41 27.70
C VAL B 94 -7.43 8.12 27.34
N VAL B 95 -8.41 7.36 26.82
CA VAL B 95 -9.72 7.93 26.55
C VAL B 95 -10.35 8.52 27.82
N GLN B 96 -10.38 7.71 28.86
CA GLN B 96 -11.02 8.10 30.11
C GLN B 96 -10.30 9.26 30.80
N SER B 97 -8.96 9.27 30.71
CA SER B 97 -8.20 10.37 31.26
C SER B 97 -8.43 11.66 30.47
N THR B 98 -8.49 11.56 29.15
CA THR B 98 -8.87 12.70 28.33
C THR B 98 -10.24 13.23 28.70
N HIS B 99 -11.18 12.32 28.86
CA HIS B 99 -12.54 12.68 29.25
C HIS B 99 -12.56 13.51 30.59
N VAL B 100 -11.76 13.10 31.58
CA VAL B 100 -11.66 13.83 32.84
C VAL B 100 -11.00 15.15 32.62
N LEU B 101 -9.95 15.20 31.81
CA LEU B 101 -9.26 16.46 31.56
C LEU B 101 -10.15 17.47 30.83
N LEU B 102 -10.97 16.98 29.90
CA LEU B 102 -11.88 17.86 29.18
C LEU B 102 -12.97 18.48 30.10
N SER B 103 -13.32 17.76 31.18
CA SER B 103 -14.28 18.25 32.13
C SER B 103 -13.71 19.20 33.16
N THR B 104 -12.45 19.60 33.05
CA THR B 104 -11.82 20.32 34.13
C THR B 104 -12.49 21.71 34.29
N PRO B 105 -12.72 22.18 35.55
CA PRO B 105 -13.46 23.46 35.67
C PRO B 105 -12.87 24.60 34.90
N ALA B 106 -11.54 24.72 34.90
CA ALA B 106 -10.90 25.79 34.11
C ALA B 106 -11.08 25.77 32.61
N LEU B 107 -11.60 24.68 32.04
CA LEU B 107 -11.88 24.64 30.57
C LEU B 107 -13.35 24.62 30.23
N GLU B 108 -14.20 24.87 31.24
CA GLU B 108 -15.62 24.96 31.01
C GLU B 108 -15.92 25.97 29.92
N ALA B 109 -16.76 25.50 28.98
CA ALA B 109 -17.23 26.28 27.85
C ALA B 109 -16.16 26.68 26.85
N VAL B 110 -14.95 26.14 26.96
CA VAL B 110 -13.94 26.45 25.97
C VAL B 110 -14.22 25.72 24.63
N PHE B 111 -14.41 24.40 24.70
CA PHE B 111 -14.34 23.57 23.47
C PHE B 111 -15.72 23.25 22.91
N THR B 112 -15.84 23.23 21.61
CA THR B 112 -17.11 22.80 20.97
C THR B 112 -17.32 21.29 21.10
N ASP B 113 -18.57 20.85 20.87
CA ASP B 113 -18.89 19.43 20.82
C ASP B 113 -18.00 18.65 19.79
N LEU B 114 -17.73 19.25 18.65
CA LEU B 114 -16.88 18.63 17.63
C LEU B 114 -15.43 18.48 18.10
N GLU B 115 -14.90 19.50 18.78
CA GLU B 115 -13.58 19.39 19.39
C GLU B 115 -13.52 18.32 20.47
N ILE B 116 -14.55 18.22 21.28
CA ILE B 116 -14.65 17.21 22.29
C ILE B 116 -14.65 15.81 21.61
N LEU B 117 -15.48 15.63 20.59
CA LEU B 117 -15.56 14.40 19.84
C LEU B 117 -14.18 14.01 19.25
N ALA B 118 -13.49 15.00 18.68
CA ALA B 118 -12.19 14.82 18.14
C ALA B 118 -11.18 14.34 19.16
N ALA B 119 -11.19 14.94 20.34
CA ALA B 119 -10.20 14.59 21.34
C ALA B 119 -10.42 13.18 21.86
N ILE B 120 -11.67 12.83 22.07
CA ILE B 120 -12.01 11.49 22.58
C ILE B 120 -11.75 10.40 21.50
N PHE B 121 -12.15 10.66 20.25
CA PHE B 121 -11.93 9.73 19.16
C PHE B 121 -10.41 9.55 18.96
N ALA B 122 -9.68 10.66 18.92
CA ALA B 122 -8.24 10.61 18.81
C ALA B 122 -7.60 9.74 19.90
N SER B 123 -8.04 9.93 21.15
CA SER B 123 -7.56 9.13 22.24
C SER B 123 -7.82 7.67 22.04
N ALA B 124 -9.01 7.34 21.54
CA ALA B 124 -9.39 5.93 21.41
C ALA B 124 -8.52 5.20 20.34
N ILE B 125 -8.24 5.89 19.26
CA ILE B 125 -7.47 5.30 18.15
C ILE B 125 -5.95 5.47 18.24
N HIS B 126 -5.45 6.22 19.23
CA HIS B 126 -4.12 6.81 19.09
C HIS B 126 -2.94 5.79 19.07
N ASP B 127 -3.16 4.58 19.55
CA ASP B 127 -2.18 3.51 19.51
C ASP B 127 -2.71 2.21 18.85
N VAL B 128 -3.75 2.30 18.06
CA VAL B 128 -4.31 1.11 17.45
C VAL B 128 -3.31 0.31 16.59
N ASP B 129 -3.38 -1.00 16.68
CA ASP B 129 -2.48 -1.90 15.96
C ASP B 129 -1.01 -1.68 16.29
N HIS B 130 -0.71 -1.26 17.53
CA HIS B 130 0.67 -1.05 17.97
C HIS B 130 1.31 -2.46 18.06
N PRO B 131 2.47 -2.63 17.44
CA PRO B 131 3.18 -3.93 17.49
C PRO B 131 4.00 -4.17 18.77
N GLY B 132 4.09 -3.25 19.70
CA GLY B 132 4.89 -3.46 20.88
C GLY B 132 6.35 -3.19 20.73
N VAL B 133 6.72 -2.51 19.65
CA VAL B 133 8.10 -2.08 19.43
C VAL B 133 8.10 -0.62 18.95
N SER B 134 9.24 0.00 19.09
CA SER B 134 9.38 1.43 18.86
C SER B 134 9.57 1.80 17.40
N ASN B 135 9.42 3.10 17.14
CA ASN B 135 9.70 3.64 15.83
C ASN B 135 11.10 3.28 15.38
N GLN B 136 12.10 3.42 16.27
CA GLN B 136 13.48 3.17 15.89
C GLN B 136 13.66 1.69 15.44
N PHE B 137 12.99 0.77 16.13
CA PHE B 137 13.03 -0.62 15.78
C PHE B 137 12.46 -0.87 14.36
N LEU B 138 11.34 -0.24 14.07
CA LEU B 138 10.73 -0.37 12.74
C LEU B 138 11.61 0.25 11.62
N ILE B 139 12.29 1.33 11.94
CA ILE B 139 13.19 1.99 11.01
C ILE B 139 14.40 1.12 10.76
N ASN B 140 15.01 0.62 11.82
CA ASN B 140 16.24 -0.18 11.74
C ASN B 140 16.06 -1.50 10.98
N THR B 141 14.84 -2.06 11.02
CA THR B 141 14.59 -3.28 10.31
C THR B 141 14.14 -3.06 8.87
N ASN B 142 14.04 -1.80 8.42
CA ASN B 142 13.53 -1.50 7.10
C ASN B 142 12.14 -2.06 6.93
N SER B 143 11.30 -1.87 7.92
CA SER B 143 9.93 -2.36 7.81
C SER B 143 9.17 -1.58 6.76
N GLU B 144 8.14 -2.20 6.26
CA GLU B 144 7.24 -1.63 5.29
C GLU B 144 6.64 -0.32 5.81
N LEU B 145 6.27 -0.28 7.06
CA LEU B 145 5.73 0.93 7.66
C LEU B 145 6.73 2.08 7.62
N ALA B 146 7.97 1.83 7.96
CA ALA B 146 8.98 2.87 7.93
C ALA B 146 9.23 3.36 6.51
N LEU B 147 9.18 2.49 5.55
CA LEU B 147 9.35 2.85 4.16
C LEU B 147 8.18 3.70 3.68
N MET B 148 6.97 3.37 4.09
CA MET B 148 5.82 4.13 3.70
C MET B 148 5.84 5.56 4.23
N TYR B 149 6.24 5.71 5.47
CA TYR B 149 6.19 6.98 6.15
C TYR B 149 7.52 7.74 6.32
N ASN B 150 8.48 7.33 5.54
CA ASN B 150 9.78 7.94 5.50
C ASN B 150 10.38 8.15 6.87
N ASP B 151 10.34 7.09 7.66
CA ASP B 151 10.89 7.03 9.00
C ASP B 151 10.35 8.12 9.97
N SER B 152 9.26 8.81 9.63
CA SER B 152 8.76 9.93 10.43
C SER B 152 7.44 9.56 11.05
N SER B 153 7.39 9.66 12.37
CA SER B 153 6.23 9.27 13.16
C SER B 153 5.59 8.00 12.61
N VAL B 154 6.41 6.97 12.45
CA VAL B 154 5.95 5.79 11.71
C VAL B 154 4.71 5.17 12.36
N LEU B 155 4.81 4.84 13.62
CA LEU B 155 3.69 4.23 14.37
C LEU B 155 2.45 5.14 14.38
N GLU B 156 2.67 6.41 14.67
CA GLU B 156 1.56 7.38 14.81
C GLU B 156 0.79 7.63 13.48
N ASN B 157 1.52 7.70 12.37
CA ASN B 157 0.90 7.64 11.03
C ASN B 157 0.08 6.35 10.86
N HIS B 158 0.63 5.23 11.29
CA HIS B 158 -0.08 3.98 11.17
C HIS B 158 -1.35 3.95 12.03
N HIS B 159 -1.27 4.43 13.26
CA HIS B 159 -2.43 4.42 14.16
C HIS B 159 -3.59 5.23 13.51
N LEU B 160 -3.26 6.37 12.93
CA LEU B 160 -4.23 7.16 12.23
C LEU B 160 -4.86 6.41 11.06
N ALA B 161 -4.02 5.83 10.23
CA ALA B 161 -4.49 5.09 9.05
C ALA B 161 -5.47 3.98 9.44
N VAL B 162 -5.11 3.21 10.44
CA VAL B 162 -5.95 2.11 10.86
C VAL B 162 -7.25 2.63 11.51
N GLY B 163 -7.11 3.58 12.42
CA GLY B 163 -8.29 4.13 13.11
C GLY B 163 -9.35 4.68 12.15
N PHE B 164 -8.91 5.40 11.12
CA PHE B 164 -9.79 5.93 10.09
C PHE B 164 -10.30 4.85 9.13
N LYS B 165 -9.44 3.93 8.72
CA LYS B 165 -9.84 2.90 7.79
C LYS B 165 -10.92 2.01 8.37
N LEU B 166 -10.87 1.76 9.67
CA LEU B 166 -11.87 0.90 10.31
C LEU B 166 -13.29 1.48 10.25
N LEU B 167 -13.41 2.80 10.00
CA LEU B 167 -14.73 3.43 9.82
C LEU B 167 -15.46 2.89 8.57
N GLN B 168 -14.71 2.33 7.64
CA GLN B 168 -15.24 1.76 6.40
C GLN B 168 -15.69 0.32 6.52
N GLU B 169 -15.50 -0.34 7.65
CA GLU B 169 -15.98 -1.71 7.80
C GLU B 169 -17.53 -1.68 7.97
N GLU B 170 -18.13 -2.85 7.89
CA GLU B 170 -19.59 -2.98 7.87
C GLU B 170 -20.20 -2.32 9.12
N ASN B 171 -21.09 -1.36 8.88
CA ASN B 171 -21.78 -0.60 9.91
C ASN B 171 -20.86 0.03 10.94
N CYS B 172 -19.73 0.59 10.48
CA CYS B 172 -18.71 1.15 11.41
C CYS B 172 -18.58 2.66 11.28
N ASP B 173 -19.33 3.29 10.35
CA ASP B 173 -19.09 4.69 10.10
C ASP B 173 -19.86 5.58 11.08
N ILE B 174 -19.26 5.77 12.24
CA ILE B 174 -19.88 6.57 13.30
C ILE B 174 -20.05 8.06 12.92
N PHE B 175 -19.37 8.52 11.91
CA PHE B 175 -19.48 9.88 11.48
C PHE B 175 -20.39 10.06 10.24
N GLN B 176 -21.18 9.04 9.91
CA GLN B 176 -21.99 9.06 8.70
C GLN B 176 -22.97 10.25 8.63
N ASN B 177 -23.44 10.74 9.78
CA ASN B 177 -24.41 11.86 9.80
C ASN B 177 -23.80 13.21 10.13
N LEU B 178 -22.48 13.32 10.19
CA LEU B 178 -21.84 14.63 10.23
C LEU B 178 -21.91 15.30 8.86
N THR B 179 -21.84 16.61 8.88
CA THR B 179 -21.79 17.33 7.65
C THR B 179 -20.39 17.25 7.09
N LYS B 180 -20.27 17.62 5.85
CA LYS B 180 -19.01 17.65 5.19
C LYS B 180 -18.03 18.53 5.97
N LYS B 181 -18.41 19.72 6.38
CA LYS B 181 -17.49 20.59 7.11
C LYS B 181 -17.11 20.01 8.45
N GLN B 182 -18.04 19.35 9.09
CA GLN B 182 -17.77 18.76 10.37
C GLN B 182 -16.75 17.64 10.21
N ARG B 183 -16.92 16.83 9.16
CA ARG B 183 -16.01 15.72 8.90
C ARG B 183 -14.60 16.18 8.56
N GLN B 184 -14.48 17.26 7.79
CA GLN B 184 -13.18 17.76 7.43
C GLN B 184 -12.44 18.35 8.65
N SER B 185 -13.21 19.04 9.49
CA SER B 185 -12.62 19.66 10.65
C SER B 185 -12.22 18.59 11.67
N LEU B 186 -13.09 17.63 11.91
CA LEU B 186 -12.78 16.49 12.80
C LEU B 186 -11.53 15.73 12.35
N ARG B 187 -11.47 15.45 11.04
CA ARG B 187 -10.35 14.73 10.50
C ARG B 187 -9.03 15.44 10.77
N LYS B 188 -9.01 16.73 10.48
CA LYS B 188 -7.80 17.47 10.64
C LYS B 188 -7.35 17.50 12.14
N MET B 189 -8.32 17.69 13.03
CA MET B 189 -7.98 17.75 14.42
C MET B 189 -7.44 16.42 14.95
N VAL B 190 -8.06 15.32 14.52
CA VAL B 190 -7.65 14.02 14.93
C VAL B 190 -6.23 13.73 14.48
N ILE B 191 -5.92 14.07 13.24
CA ILE B 191 -4.57 13.92 12.74
C ILE B 191 -3.60 14.71 13.63
N ASP B 192 -3.91 15.98 13.86
CA ASP B 192 -3.01 16.81 14.63
C ASP B 192 -2.81 16.28 16.05
N ILE B 193 -3.85 15.75 16.66
CA ILE B 193 -3.73 15.23 18.01
C ILE B 193 -2.89 13.91 18.05
N VAL B 194 -3.21 12.96 17.20
CA VAL B 194 -2.48 11.68 17.23
C VAL B 194 -0.98 11.89 16.90
N LEU B 195 -0.66 12.71 15.93
CA LEU B 195 0.75 12.95 15.57
C LEU B 195 1.51 13.58 16.74
N ALA B 196 0.81 14.32 17.58
CA ALA B 196 1.42 14.92 18.75
C ALA B 196 1.74 13.92 19.86
N THR B 197 1.27 12.66 19.76
CA THR B 197 1.61 11.62 20.70
C THR B 197 2.99 10.97 20.48
N ASP B 198 3.64 11.29 19.37
CA ASP B 198 4.98 10.84 19.12
C ASP B 198 5.88 11.63 20.09
N MET B 199 6.63 10.93 20.94
CA MET B 199 7.56 11.58 21.88
C MET B 199 8.60 12.49 21.24
N SER B 200 8.93 12.30 19.97
N SER B 200 8.94 12.30 19.96
CA SER B 200 9.87 13.21 19.32
CA SER B 200 9.87 13.22 19.33
C SER B 200 9.28 14.63 19.27
C SER B 200 9.28 14.63 19.28
N LYS B 201 7.97 14.78 19.44
CA LYS B 201 7.35 16.11 19.44
C LYS B 201 7.23 16.77 20.82
N HIS B 202 7.59 16.03 21.87
CA HIS B 202 7.28 16.44 23.22
C HIS B 202 7.86 17.81 23.57
N MET B 203 9.14 18.00 23.27
CA MET B 203 9.84 19.24 23.69
C MET B 203 9.23 20.47 23.05
N ASN B 204 8.93 20.39 21.77
CA ASN B 204 8.20 21.50 21.11
C ASN B 204 6.79 21.74 21.62
N LEU B 205 6.01 20.67 21.86
CA LEU B 205 4.72 20.83 22.43
C LEU B 205 4.78 21.56 23.78
N LEU B 206 5.74 21.16 24.60
CA LEU B 206 5.85 21.68 25.96
C LEU B 206 6.26 23.18 25.93
N ALA B 207 7.23 23.50 25.08
CA ALA B 207 7.68 24.88 24.88
C ALA B 207 6.49 25.76 24.50
N ASP B 208 5.63 25.27 23.61
CA ASP B 208 4.47 26.04 23.26
C ASP B 208 3.44 26.11 24.34
N LEU B 209 3.24 25.02 25.08
CA LEU B 209 2.32 25.09 26.20
C LEU B 209 2.84 26.14 27.23
N LYS B 210 4.17 26.19 27.47
CA LYS B 210 4.71 27.13 28.45
C LYS B 210 4.45 28.60 28.01
N THR B 211 4.67 28.85 26.73
CA THR B 211 4.43 30.17 26.14
C THR B 211 2.99 30.59 26.29
N MET B 212 2.08 29.66 26.05
CA MET B 212 0.69 29.92 26.25
C MET B 212 0.33 30.24 27.69
N VAL B 213 0.89 29.51 28.65
CA VAL B 213 0.62 29.82 30.07
C VAL B 213 1.13 31.26 30.38
N GLU B 214 2.35 31.58 29.92
CA GLU B 214 2.93 32.90 30.13
C GLU B 214 2.14 34.04 29.50
N THR B 215 1.40 33.81 28.42
CA THR B 215 0.60 34.85 27.75
C THR B 215 -0.90 34.59 27.87
N LYS B 216 -1.29 33.88 28.92
CA LYS B 216 -2.66 33.40 29.08
C LYS B 216 -3.67 34.55 29.03
N LYS B 217 -4.73 34.38 28.26
CA LYS B 217 -5.91 35.26 28.26
C LYS B 217 -7.16 34.55 28.65
N VAL B 218 -8.09 35.23 29.29
CA VAL B 218 -9.34 34.63 29.75
C VAL B 218 -10.50 35.54 29.31
N THR B 219 -11.74 35.08 29.27
CA THR B 219 -12.92 35.95 29.20
C THR B 219 -13.16 36.67 30.54
N SER B 220 -14.15 37.54 30.59
CA SER B 220 -14.50 38.18 31.86
C SER B 220 -15.13 37.20 32.89
N SER B 221 -15.64 36.05 32.43
CA SER B 221 -16.05 34.93 33.32
C SER B 221 -14.85 34.06 33.86
N GLY B 222 -13.64 34.33 33.39
CA GLY B 222 -12.44 33.55 33.78
C GLY B 222 -12.17 32.28 32.98
N VAL B 223 -12.87 32.08 31.91
CA VAL B 223 -12.80 30.89 31.01
C VAL B 223 -11.65 31.15 30.02
N LEU B 224 -10.83 30.14 29.76
CA LEU B 224 -9.64 30.34 28.93
C LEU B 224 -10.03 30.73 27.48
N LEU B 225 -9.29 31.67 26.93
CA LEU B 225 -9.70 32.26 25.65
C LEU B 225 -8.73 31.78 24.63
N LEU B 226 -9.24 31.06 23.66
CA LEU B 226 -8.40 30.47 22.59
C LEU B 226 -9.11 30.84 21.30
N ASP B 227 -8.63 31.86 20.65
CA ASP B 227 -9.40 32.47 19.55
C ASP B 227 -8.84 32.17 18.17
N ASN B 228 -7.90 31.23 18.05
CA ASN B 228 -7.39 30.75 16.77
C ASN B 228 -7.14 29.21 16.85
N TYR B 229 -7.16 28.56 15.70
CA TYR B 229 -6.97 27.13 15.63
C TYR B 229 -5.68 26.66 16.25
N SER B 230 -4.61 27.34 15.93
CA SER B 230 -3.32 27.03 16.42
C SER B 230 -3.27 26.87 17.95
N ASP B 231 -3.86 27.80 18.69
CA ASP B 231 -3.91 27.72 20.13
C ASP B 231 -4.90 26.65 20.61
N ARG B 232 -6.06 26.55 20.00
CA ARG B 232 -7.03 25.55 20.36
C ARG B 232 -6.49 24.11 20.19
N ILE B 233 -5.85 23.86 19.05
CA ILE B 233 -5.34 22.52 18.77
C ILE B 233 -4.14 22.22 19.66
N GLN B 234 -3.32 23.23 19.94
CA GLN B 234 -2.18 23.02 20.85
C GLN B 234 -2.67 22.55 22.24
N VAL B 235 -3.73 23.17 22.75
CA VAL B 235 -4.26 22.73 24.02
C VAL B 235 -4.79 21.31 23.95
N LEU B 236 -5.53 20.99 22.89
CA LEU B 236 -6.02 19.60 22.73
C LEU B 236 -4.88 18.57 22.57
N GLN B 237 -3.87 18.94 21.81
CA GLN B 237 -2.66 18.11 21.65
C GLN B 237 -1.99 17.85 22.98
N ASN B 238 -1.77 18.91 23.76
CA ASN B 238 -1.16 18.74 25.10
C ASN B 238 -2.06 17.96 26.05
N MET B 239 -3.38 18.15 25.91
CA MET B 239 -4.30 17.44 26.79
C MET B 239 -4.17 15.90 26.57
N VAL B 240 -4.21 15.47 25.30
CA VAL B 240 -4.15 14.01 25.00
C VAL B 240 -2.75 13.50 25.31
N HIS B 241 -1.74 14.31 25.06
CA HIS B 241 -0.39 13.95 25.45
C HIS B 241 -0.23 13.77 26.98
N CYS B 242 -0.79 14.70 27.78
CA CYS B 242 -0.88 14.51 29.23
C CYS B 242 -1.58 13.21 29.63
N ALA B 243 -2.68 12.89 28.95
CA ALA B 243 -3.38 11.64 29.22
C ALA B 243 -2.50 10.40 28.90
N ASP B 244 -1.78 10.49 27.78
CA ASP B 244 -0.88 9.42 27.37
C ASP B 244 0.26 9.24 28.40
N LEU B 245 0.67 10.37 28.99
CA LEU B 245 1.72 10.40 30.03
C LEU B 245 1.13 10.50 31.46
N SER B 246 -0.04 9.92 31.68
CA SER B 246 -0.74 10.09 32.96
C SER B 246 -0.46 9.02 33.97
N ASN B 247 0.16 7.88 33.56
CA ASN B 247 0.31 6.76 34.44
C ASN B 247 0.94 7.15 35.82
N PRO B 248 2.01 7.94 35.83
CA PRO B 248 2.63 8.22 37.13
C PRO B 248 1.84 9.16 38.02
N THR B 249 0.77 9.74 37.49
CA THR B 249 -0.12 10.63 38.22
C THR B 249 -1.31 9.93 38.81
N LYS B 250 -1.45 8.65 38.58
CA LYS B 250 -2.58 7.91 39.06
C LYS B 250 -2.26 7.32 40.46
N PRO B 251 -3.27 6.83 41.19
CA PRO B 251 -3.06 6.14 42.46
C PRO B 251 -2.04 5.00 42.32
N LEU B 252 -1.09 4.95 43.23
CA LEU B 252 0.00 4.00 43.20
C LEU B 252 -0.25 2.59 42.71
N GLN B 253 -1.31 1.95 43.14
CA GLN B 253 -1.56 0.61 42.69
C GLN B 253 -1.86 0.53 41.18
N LEU B 254 -2.42 1.57 40.58
CA LEU B 254 -2.63 1.61 39.15
C LEU B 254 -1.28 1.88 38.45
N TYR B 255 -0.55 2.87 38.91
CA TYR B 255 0.74 3.22 38.37
C TYR B 255 1.68 2.01 38.34
N ARG B 256 1.76 1.26 39.41
CA ARG B 256 2.63 0.11 39.46
C ARG B 256 2.30 -0.93 38.42
N GLN B 257 1.03 -1.15 38.17
CA GLN B 257 0.61 -2.05 37.15
C GLN B 257 1.06 -1.56 35.75
N TRP B 258 0.93 -0.27 35.48
CA TRP B 258 1.37 0.29 34.23
C TRP B 258 2.88 0.16 34.05
N THR B 259 3.62 0.35 35.13
CA THR B 259 5.06 0.19 35.14
C THR B 259 5.45 -1.26 34.83
N ASP B 260 4.80 -2.23 35.45
CA ASP B 260 5.06 -3.63 35.14
C ASP B 260 4.87 -3.90 33.64
N ARG B 261 3.77 -3.36 33.11
CA ARG B 261 3.41 -3.59 31.76
C ARG B 261 4.41 -2.95 30.75
N ILE B 262 4.75 -1.69 30.94
CA ILE B 262 5.69 -1.08 30.04
C ILE B 262 7.03 -1.79 30.09
N MET B 263 7.46 -2.24 31.25
CA MET B 263 8.72 -2.90 31.34
C MET B 263 8.72 -4.27 30.67
N GLU B 264 7.60 -4.96 30.73
CA GLU B 264 7.45 -6.23 30.08
C GLU B 264 7.56 -5.97 28.59
N GLU B 265 6.89 -4.96 28.09
CA GLU B 265 6.93 -4.65 26.68
C GLU B 265 8.36 -4.26 26.23
N PHE B 266 9.00 -3.39 26.97
CA PHE B 266 10.35 -2.95 26.66
C PHE B 266 11.33 -4.12 26.68
N PHE B 267 11.26 -4.96 27.69
CA PHE B 267 12.16 -6.11 27.79
C PHE B 267 11.95 -7.06 26.64
N ARG B 268 10.70 -7.23 26.22
CA ARG B 268 10.45 -8.07 25.06
C ARG B 268 11.09 -7.48 23.80
N GLN B 269 11.04 -6.14 23.63
CA GLN B 269 11.72 -5.54 22.54
C GLN B 269 13.23 -5.80 22.61
N GLY B 270 13.79 -5.60 23.78
CA GLY B 270 15.20 -5.87 23.98
C GLY B 270 15.65 -7.30 23.69
N ASP B 271 14.77 -8.27 23.95
CA ASP B 271 15.04 -9.65 23.68
C ASP B 271 15.09 -9.82 22.16
N ARG B 272 14.19 -9.17 21.47
CA ARG B 272 14.14 -9.20 20.04
C ARG B 272 15.39 -8.55 19.45
N GLU B 273 15.80 -7.43 20.00
CA GLU B 273 17.01 -6.76 19.56
C GLU B 273 18.25 -7.64 19.81
N ARG B 274 18.35 -8.25 20.97
CA ARG B 274 19.52 -9.09 21.35
C ARG B 274 19.60 -10.29 20.37
N GLU B 275 18.48 -10.98 20.14
CA GLU B 275 18.45 -12.12 19.23
C GLU B 275 18.88 -11.73 17.83
N ARG B 276 18.67 -10.49 17.41
CA ARG B 276 19.04 -10.06 16.07
C ARG B 276 20.37 -9.39 16.00
N GLY B 277 21.11 -9.33 17.13
CA GLY B 277 22.40 -8.65 17.13
C GLY B 277 22.34 -7.13 17.05
N MET B 278 21.17 -6.54 17.31
CA MET B 278 20.99 -5.08 17.27
C MET B 278 21.41 -4.54 18.61
N GLU B 279 21.74 -3.26 18.65
CA GLU B 279 21.96 -2.60 19.95
C GLU B 279 20.62 -2.66 20.73
N ILE B 280 20.66 -2.96 22.01
CA ILE B 280 19.50 -3.00 22.88
C ILE B 280 19.12 -1.56 23.28
N SER B 281 17.87 -1.15 23.02
CA SER B 281 17.44 0.25 23.24
C SER B 281 17.46 0.57 24.77
N PRO B 282 17.50 1.87 25.11
CA PRO B 282 17.43 2.22 26.56
C PRO B 282 16.22 1.58 27.30
N MET B 283 16.46 1.03 28.49
CA MET B 283 15.48 0.41 29.42
C MET B 283 14.99 -0.95 28.95
N CYS B 284 15.52 -1.47 27.83
CA CYS B 284 15.03 -2.72 27.20
C CYS B 284 15.85 -3.96 27.52
N ASP B 285 16.96 -3.80 28.25
CA ASP B 285 17.83 -4.95 28.58
C ASP B 285 17.45 -5.47 29.95
N LYS B 286 16.73 -6.60 29.97
CA LYS B 286 16.32 -7.21 31.24
C LYS B 286 17.53 -7.65 32.14
N HIS B 287 18.71 -7.86 31.55
CA HIS B 287 19.92 -8.28 32.32
C HIS B 287 20.66 -7.09 32.92
N ASN B 288 20.38 -5.88 32.42
CA ASN B 288 21.08 -4.64 32.77
C ASN B 288 20.07 -3.46 32.87
N ALA B 289 19.09 -3.55 33.75
CA ALA B 289 18.13 -2.48 33.85
C ALA B 289 17.82 -2.02 35.24
N SER B 290 17.31 -0.83 35.37
CA SER B 290 16.85 -0.33 36.64
C SER B 290 15.52 0.29 36.44
N VAL B 291 14.50 -0.53 36.61
CA VAL B 291 13.15 -0.14 36.47
C VAL B 291 12.76 1.06 37.32
N GLU B 292 13.23 1.12 38.54
CA GLU B 292 12.83 2.17 39.49
C GLU B 292 13.50 3.50 39.15
N LYS B 293 14.80 3.44 38.85
CA LYS B 293 15.52 4.61 38.41
C LYS B 293 14.94 5.20 37.12
N SER B 294 14.56 4.30 36.21
CA SER B 294 13.89 4.71 34.98
C SER B 294 12.60 5.44 35.23
N GLN B 295 11.77 4.93 36.16
CA GLN B 295 10.55 5.70 36.51
C GLN B 295 10.85 7.07 37.05
N VAL B 296 11.85 7.16 37.94
CA VAL B 296 12.15 8.47 38.53
C VAL B 296 12.67 9.40 37.45
N GLY B 297 13.49 8.85 36.56
CA GLY B 297 13.96 9.62 35.38
C GLY B 297 12.84 10.08 34.45
N PHE B 298 11.88 9.18 34.21
CA PHE B 298 10.73 9.47 33.36
C PHE B 298 9.92 10.61 33.98
N ILE B 299 9.70 10.52 35.29
CA ILE B 299 9.01 11.59 35.99
C ILE B 299 9.78 12.91 35.96
N ASP B 300 11.04 12.86 36.36
CA ASP B 300 11.83 14.11 36.44
C ASP B 300 12.04 14.85 35.15
N TYR B 301 12.28 14.11 34.06
CA TYR B 301 12.61 14.77 32.80
C TYR B 301 11.44 14.95 31.84
N ILE B 302 10.39 14.18 32.00
CA ILE B 302 9.28 14.23 31.02
C ILE B 302 7.93 14.54 31.68
N VAL B 303 7.52 13.69 32.61
CA VAL B 303 6.14 13.74 33.08
C VAL B 303 5.89 14.96 34.00
N HIS B 304 6.81 15.24 34.92
CA HIS B 304 6.62 16.33 35.89
C HIS B 304 6.73 17.71 35.18
N PRO B 305 7.71 17.90 34.29
CA PRO B 305 7.71 19.18 33.59
C PRO B 305 6.41 19.46 32.78
N LEU B 306 5.88 18.40 32.16
CA LEU B 306 4.65 18.58 31.39
C LEU B 306 3.47 18.87 32.33
N TRP B 307 3.25 18.01 33.31
CA TRP B 307 2.11 18.12 34.17
C TRP B 307 2.14 19.41 35.07
N GLU B 308 3.33 19.87 35.41
CA GLU B 308 3.47 21.11 36.13
C GLU B 308 3.00 22.25 35.25
N THR B 309 3.33 22.20 33.97
CA THR B 309 2.92 23.26 33.08
C THR B 309 1.40 23.15 32.79
N TRP B 310 0.91 21.94 32.60
CA TRP B 310 -0.53 21.76 32.43
C TRP B 310 -1.27 22.28 33.70
N ALA B 311 -0.77 21.93 34.87
CA ALA B 311 -1.35 22.37 36.18
C ALA B 311 -1.43 23.90 36.27
N ASP B 312 -0.40 24.60 35.81
CA ASP B 312 -0.43 26.05 35.69
C ASP B 312 -1.55 26.52 34.78
N LEU B 313 -1.69 25.89 33.62
CA LEU B 313 -2.76 26.30 32.71
C LEU B 313 -4.15 26.19 33.36
N VAL B 314 -4.42 25.11 34.05
CA VAL B 314 -5.75 24.88 34.57
C VAL B 314 -5.83 25.06 36.11
N HIS B 315 -4.90 25.86 36.63
CA HIS B 315 -4.77 26.09 38.09
C HIS B 315 -6.14 26.47 38.73
N PRO B 316 -6.54 25.86 39.83
CA PRO B 316 -5.79 24.84 40.62
C PRO B 316 -6.35 23.41 40.40
N ASP B 317 -7.05 23.19 39.30
CA ASP B 317 -7.83 21.92 39.13
C ASP B 317 -6.95 20.69 39.15
N ALA B 318 -5.68 20.83 38.75
CA ALA B 318 -4.76 19.68 38.68
C ALA B 318 -3.86 19.48 39.90
N GLN B 319 -4.12 20.23 40.96
CA GLN B 319 -3.27 20.15 42.17
C GLN B 319 -3.19 18.74 42.77
N ASP B 320 -4.32 18.03 42.91
CA ASP B 320 -4.27 16.67 43.48
C ASP B 320 -3.51 15.67 42.58
N ILE B 321 -3.58 15.90 41.29
CA ILE B 321 -2.89 15.08 40.30
C ILE B 321 -1.39 15.34 40.45
N LEU B 322 -1.02 16.60 40.54
CA LEU B 322 0.37 16.93 40.70
C LEU B 322 0.90 16.39 42.02
N ASP B 323 0.11 16.49 43.08
CA ASP B 323 0.52 16.01 44.36
C ASP B 323 0.74 14.52 44.30
N THR B 324 -0.17 13.78 43.68
CA THR B 324 -0.02 12.33 43.56
C THR B 324 1.25 11.96 42.78
N LEU B 325 1.53 12.69 41.72
CA LEU B 325 2.72 12.48 40.90
C LEU B 325 3.99 12.59 41.78
N GLU B 326 4.06 13.66 42.58
CA GLU B 326 5.22 13.91 43.44
C GLU B 326 5.35 12.85 44.54
N ASP B 327 4.22 12.37 45.10
CA ASP B 327 4.27 11.25 46.03
C ASP B 327 4.75 9.97 45.41
N ASN B 328 4.23 9.67 44.20
CA ASN B 328 4.59 8.43 43.51
C ASN B 328 6.09 8.48 43.17
N ARG B 329 6.58 9.66 42.86
CA ARG B 329 7.96 9.83 42.54
C ARG B 329 8.82 9.44 43.74
N GLU B 330 8.43 9.92 44.92
CA GLU B 330 9.12 9.59 46.18
C GLU B 330 9.05 8.14 46.51
N TRP B 331 7.90 7.54 46.25
CA TRP B 331 7.83 6.11 46.46
C TRP B 331 8.84 5.33 45.57
N TYR B 332 8.89 5.63 44.27
CA TYR B 332 9.85 4.92 43.38
C TYR B 332 11.28 5.25 43.78
N GLN B 333 11.59 6.51 44.08
CA GLN B 333 12.94 6.93 44.58
C GLN B 333 13.39 6.06 45.76
N SER B 334 12.48 5.75 46.68
CA SER B 334 12.79 5.00 47.86
C SER B 334 12.99 3.53 47.60
N THR B 335 12.65 3.03 46.41
CA THR B 335 12.96 1.64 46.06
C THR B 335 14.19 1.46 45.16
N ILE B 336 14.89 2.52 44.82
CA ILE B 336 16.13 2.41 44.02
C ILE B 336 17.31 1.93 44.91
N PRO B 337 18.13 0.95 44.46
CA PRO B 337 19.31 0.49 45.28
C PRO B 337 20.35 1.48 45.72
N GLN C 14 -17.88 24.59 -33.19
CA GLN C 14 -17.04 23.39 -32.83
C GLN C 14 -17.78 22.52 -31.82
N GLU C 15 -18.44 23.13 -30.84
CA GLU C 15 -19.40 22.44 -29.98
C GLU C 15 -20.51 21.80 -30.81
N ASP C 16 -20.95 22.49 -31.85
CA ASP C 16 -21.97 22.00 -32.77
C ASP C 16 -21.44 20.78 -33.51
N VAL C 17 -20.21 20.81 -33.97
CA VAL C 17 -19.68 19.66 -34.67
C VAL C 17 -19.55 18.45 -33.74
N LEU C 18 -19.18 18.70 -32.49
CA LEU C 18 -19.03 17.65 -31.50
C LEU C 18 -20.38 17.01 -31.24
N ALA C 19 -21.39 17.83 -31.10
CA ALA C 19 -22.74 17.35 -30.84
C ALA C 19 -23.20 16.54 -31.99
N LYS C 20 -22.81 16.93 -33.18
CA LYS C 20 -23.20 16.20 -34.33
C LYS C 20 -22.58 14.82 -34.32
N GLU C 21 -21.30 14.73 -34.01
CA GLU C 21 -20.65 13.43 -33.96
C GLU C 21 -21.25 12.55 -32.89
N LEU C 22 -21.59 13.13 -31.77
CA LEU C 22 -22.22 12.39 -30.66
C LEU C 22 -23.57 11.80 -30.98
N GLU C 23 -24.20 12.27 -32.04
CA GLU C 23 -25.41 11.60 -32.52
C GLU C 23 -25.14 10.24 -33.10
N ASP C 24 -23.89 9.88 -33.42
CA ASP C 24 -23.56 8.50 -33.84
C ASP C 24 -23.33 7.51 -32.66
N VAL C 25 -23.65 7.92 -31.41
CA VAL C 25 -23.32 7.13 -30.23
C VAL C 25 -23.89 5.72 -30.21
N ASN C 26 -25.00 5.51 -30.90
CA ASN C 26 -25.59 4.16 -30.99
C ASN C 26 -25.09 3.38 -32.19
N LYS C 27 -24.12 3.90 -32.92
CA LYS C 27 -23.63 3.20 -34.12
C LYS C 27 -22.24 2.58 -33.96
N TRP C 28 -22.06 1.36 -34.46
CA TRP C 28 -20.76 0.77 -34.56
C TRP C 28 -20.01 1.65 -35.53
N GLY C 29 -18.81 2.09 -35.28
CA GLY C 29 -18.30 3.06 -36.29
C GLY C 29 -18.33 4.51 -36.01
N LEU C 30 -18.81 4.87 -34.84
CA LEU C 30 -18.58 6.20 -34.26
C LEU C 30 -17.16 6.69 -34.51
N HIS C 31 -17.07 7.97 -34.84
CA HIS C 31 -15.78 8.64 -35.14
C HIS C 31 -15.10 9.06 -33.81
N VAL C 32 -14.61 8.06 -33.08
CA VAL C 32 -14.18 8.29 -31.71
C VAL C 32 -12.95 9.16 -31.63
N PHE C 33 -12.07 9.03 -32.61
CA PHE C 33 -10.88 9.82 -32.61
C PHE C 33 -11.22 11.29 -32.89
N ARG C 34 -12.21 11.52 -33.75
CA ARG C 34 -12.64 12.86 -34.08
C ARG C 34 -13.21 13.47 -32.82
N ILE C 35 -14.03 12.72 -32.10
CA ILE C 35 -14.60 13.17 -30.85
C ILE C 35 -13.50 13.54 -29.85
N ALA C 36 -12.45 12.75 -29.81
CA ALA C 36 -11.34 13.06 -28.94
C ALA C 36 -10.72 14.43 -29.27
N GLU C 37 -10.50 14.70 -30.56
CA GLU C 37 -9.99 16.01 -31.02
C GLU C 37 -10.97 17.15 -30.65
N LEU C 38 -12.23 16.98 -31.00
CA LEU C 38 -13.22 18.02 -30.79
C LEU C 38 -13.49 18.31 -29.32
N SER C 39 -13.33 17.34 -28.42
CA SER C 39 -13.64 17.52 -27.00
C SER C 39 -12.42 17.99 -26.19
N GLY C 40 -11.30 18.28 -26.84
CA GLY C 40 -10.12 18.70 -26.12
C GLY C 40 -9.51 17.50 -25.34
N ASN C 41 -9.49 16.36 -25.98
CA ASN C 41 -9.02 15.13 -25.40
C ASN C 41 -9.84 14.68 -24.23
N ARG C 42 -11.15 14.77 -24.33
CA ARG C 42 -12.04 14.31 -23.30
C ARG C 42 -13.10 13.36 -23.84
N PRO C 43 -12.73 12.40 -24.69
CA PRO C 43 -13.80 11.57 -25.22
C PRO C 43 -14.44 10.70 -24.20
N LEU C 44 -13.73 10.25 -23.19
CA LEU C 44 -14.37 9.33 -22.23
C LEU C 44 -15.48 10.07 -21.47
N THR C 45 -15.20 11.30 -21.08
CA THR C 45 -16.17 12.07 -20.34
C THR C 45 -17.42 12.34 -21.21
N VAL C 46 -17.21 12.83 -22.42
CA VAL C 46 -18.38 13.22 -23.26
C VAL C 46 -19.15 12.01 -23.74
N ILE C 47 -18.45 10.92 -24.06
CA ILE C 47 -19.15 9.71 -24.50
C ILE C 47 -19.87 9.03 -23.36
N MET C 48 -19.25 8.93 -22.18
CA MET C 48 -19.95 8.39 -21.02
C MET C 48 -21.16 9.22 -20.67
N HIS C 49 -21.00 10.54 -20.66
CA HIS C 49 -22.14 11.37 -20.29
C HIS C 49 -23.31 11.18 -21.29
N THR C 50 -22.98 11.13 -22.57
CA THR C 50 -24.02 10.94 -23.62
C THR C 50 -24.73 9.61 -23.44
N ILE C 51 -23.98 8.55 -23.17
CA ILE C 51 -24.56 7.19 -22.96
C ILE C 51 -25.38 7.16 -21.75
N PHE C 52 -24.91 7.75 -20.66
CA PHE C 52 -25.75 7.79 -19.44
C PHE C 52 -27.12 8.51 -19.70
N GLN C 53 -27.10 9.63 -20.40
CA GLN C 53 -28.35 10.35 -20.80
C GLN C 53 -29.21 9.45 -21.69
N GLU C 54 -28.59 8.88 -22.72
CA GLU C 54 -29.28 8.00 -23.66
C GLU C 54 -29.98 6.85 -22.96
N ARG C 55 -29.32 6.22 -22.02
CA ARG C 55 -29.90 5.10 -21.32
C ARG C 55 -30.65 5.49 -20.09
N ASP C 56 -30.80 6.78 -19.87
CA ASP C 56 -31.50 7.36 -18.73
C ASP C 56 -30.96 6.89 -17.37
N LEU C 57 -29.65 6.72 -17.27
CA LEU C 57 -29.03 6.23 -16.05
C LEU C 57 -28.96 7.27 -14.93
N LEU C 58 -28.87 8.53 -15.29
CA LEU C 58 -28.78 9.54 -14.22
C LEU C 58 -30.10 9.53 -13.43
N LYS C 59 -31.24 9.49 -14.15
CA LYS C 59 -32.53 9.41 -13.49
C LYS C 59 -32.72 8.09 -12.79
N THR C 60 -32.44 6.98 -13.45
CA THR C 60 -32.67 5.69 -12.80
C THR C 60 -31.88 5.51 -11.48
N PHE C 61 -30.63 5.97 -11.47
CA PHE C 61 -29.77 5.75 -10.28
C PHE C 61 -29.54 7.01 -9.47
N LYS C 62 -30.29 8.06 -9.80
CA LYS C 62 -30.29 9.33 -9.05
C LYS C 62 -28.87 9.86 -8.92
N ILE C 63 -28.19 9.92 -10.07
CA ILE C 63 -26.82 10.34 -10.12
C ILE C 63 -26.84 11.85 -10.36
N PRO C 64 -26.32 12.65 -9.40
CA PRO C 64 -26.31 14.07 -9.69
C PRO C 64 -25.35 14.35 -10.84
N VAL C 65 -25.74 15.24 -11.73
CA VAL C 65 -24.98 15.48 -12.93
C VAL C 65 -23.58 16.05 -12.62
N ASP C 66 -23.45 16.94 -11.65
CA ASP C 66 -22.14 17.50 -11.29
C ASP C 66 -21.20 16.38 -10.76
N THR C 67 -21.76 15.45 -9.99
CA THR C 67 -21.01 14.32 -9.48
C THR C 67 -20.53 13.44 -10.65
N LEU C 68 -21.40 13.20 -11.64
CA LEU C 68 -21.04 12.35 -12.79
C LEU C 68 -19.88 12.98 -13.51
N ILE C 69 -19.98 14.27 -13.79
CA ILE C 69 -18.96 14.94 -14.55
C ILE C 69 -17.64 15.03 -13.76
N THR C 70 -17.70 15.28 -12.46
CA THR C 70 -16.49 15.32 -11.63
C THR C 70 -15.80 13.92 -11.64
N TYR C 71 -16.57 12.87 -11.45
CA TYR C 71 -16.01 11.52 -11.48
C TYR C 71 -15.42 11.23 -12.86
N LEU C 72 -16.12 11.54 -13.94
CA LEU C 72 -15.60 11.25 -15.25
C LEU C 72 -14.31 12.00 -15.58
N MET C 73 -14.26 13.25 -15.21
CA MET C 73 -13.06 14.02 -15.43
C MET C 73 -11.88 13.40 -14.67
N THR C 74 -12.11 13.03 -13.43
CA THR C 74 -11.12 12.40 -12.60
C THR C 74 -10.66 11.09 -13.21
N LEU C 75 -11.60 10.24 -13.56
CA LEU C 75 -11.31 8.93 -14.19
C LEU C 75 -10.49 9.13 -15.46
N GLU C 76 -10.92 10.04 -16.31
CA GLU C 76 -10.21 10.29 -17.56
C GLU C 76 -8.80 10.82 -17.33
N ASP C 77 -8.63 11.66 -16.33
CA ASP C 77 -7.28 12.13 -15.93
C ASP C 77 -6.34 11.02 -15.45
N HIS C 78 -6.85 9.89 -15.00
CA HIS C 78 -6.02 8.78 -14.58
C HIS C 78 -5.72 7.77 -15.70
N TYR C 79 -6.16 8.09 -16.90
CA TYR C 79 -5.75 7.37 -18.11
C TYR C 79 -4.53 8.21 -18.59
N HIS C 80 -3.49 7.58 -19.07
CA HIS C 80 -2.31 8.31 -19.47
C HIS C 80 -2.30 8.72 -20.92
N ALA C 81 -2.17 10.01 -21.17
CA ALA C 81 -2.12 10.54 -22.53
C ALA C 81 -0.86 10.13 -23.32
N ASP C 82 0.21 9.84 -22.63
CA ASP C 82 1.41 9.41 -23.27
C ASP C 82 1.44 7.92 -23.63
N VAL C 83 0.42 7.15 -23.29
CA VAL C 83 0.39 5.73 -23.67
C VAL C 83 -0.42 5.66 -24.96
N ALA C 84 0.13 5.02 -25.98
CA ALA C 84 -0.42 5.22 -27.34
C ALA C 84 -1.76 4.50 -27.55
N TYR C 85 -1.91 3.30 -26.97
CA TYR C 85 -3.15 2.56 -27.10
C TYR C 85 -4.02 2.59 -25.84
N HIS C 86 -3.48 2.16 -24.70
CA HIS C 86 -4.25 2.01 -23.45
C HIS C 86 -4.42 3.36 -22.74
N ASN C 87 -5.18 4.22 -23.42
CA ASN C 87 -5.50 5.56 -22.95
C ASN C 87 -7.00 5.77 -22.90
N ASN C 88 -7.38 7.01 -22.63
CA ASN C 88 -8.78 7.41 -22.51
C ASN C 88 -9.58 7.23 -23.79
N ILE C 89 -8.94 7.25 -24.94
CA ILE C 89 -9.66 7.04 -26.18
C ILE C 89 -10.05 5.59 -26.27
N HIS C 90 -9.13 4.67 -25.94
CA HIS C 90 -9.50 3.24 -25.88
C HIS C 90 -10.60 3.00 -24.90
N ALA C 91 -10.54 3.62 -23.71
CA ALA C 91 -11.61 3.44 -22.72
C ALA C 91 -12.97 3.89 -23.28
N ALA C 92 -12.98 5.07 -23.89
CA ALA C 92 -14.20 5.60 -24.51
C ALA C 92 -14.74 4.64 -25.58
N ASP C 93 -13.84 4.08 -26.38
CA ASP C 93 -14.21 3.12 -27.42
C ASP C 93 -14.81 1.90 -26.87
N VAL C 94 -14.21 1.34 -25.82
CA VAL C 94 -14.78 0.09 -25.21
C VAL C 94 -16.13 0.37 -24.59
N VAL C 95 -16.27 1.53 -23.93
CA VAL C 95 -17.57 1.92 -23.39
C VAL C 95 -18.66 1.97 -24.47
N GLN C 96 -18.33 2.69 -25.53
CA GLN C 96 -19.30 2.89 -26.63
C GLN C 96 -19.61 1.61 -27.38
N SER C 97 -18.62 0.75 -27.54
CA SER C 97 -18.85 -0.56 -28.19
C SER C 97 -19.68 -1.45 -27.31
N THR C 98 -19.42 -1.45 -26.00
CA THR C 98 -20.28 -2.18 -25.08
C THR C 98 -21.73 -1.67 -25.15
N HIS C 99 -21.88 -0.35 -25.18
CA HIS C 99 -23.20 0.26 -25.30
C HIS C 99 -23.98 -0.25 -26.56
N VAL C 100 -23.29 -0.35 -27.67
CA VAL C 100 -23.91 -0.87 -28.91
C VAL C 100 -24.24 -2.33 -28.76
N LEU C 101 -23.32 -3.10 -28.18
CA LEU C 101 -23.58 -4.54 -27.99
C LEU C 101 -24.74 -4.82 -27.07
N LEU C 102 -24.90 -3.97 -26.03
CA LEU C 102 -26.02 -4.13 -25.12
C LEU C 102 -27.38 -3.91 -25.80
N SER C 103 -27.42 -3.12 -26.85
CA SER C 103 -28.64 -2.89 -27.62
C SER C 103 -28.94 -3.94 -28.64
N THR C 104 -28.23 -5.06 -28.68
CA THR C 104 -28.47 -6.04 -29.74
C THR C 104 -29.90 -6.65 -29.64
N PRO C 105 -30.60 -6.83 -30.80
CA PRO C 105 -32.01 -7.29 -30.66
C PRO C 105 -32.15 -8.60 -29.89
N ALA C 106 -31.24 -9.54 -30.07
CA ALA C 106 -31.29 -10.78 -29.31
C ALA C 106 -31.17 -10.67 -27.77
N LEU C 107 -30.76 -9.51 -27.26
CA LEU C 107 -30.69 -9.30 -25.79
C LEU C 107 -31.72 -8.33 -25.27
N GLU C 108 -32.70 -7.98 -26.10
CA GLU C 108 -33.69 -7.01 -25.68
C GLU C 108 -34.43 -7.51 -24.43
N ALA C 109 -34.50 -6.62 -23.44
CA ALA C 109 -35.11 -6.88 -22.14
C ALA C 109 -34.45 -7.96 -21.30
N VAL C 110 -33.30 -8.47 -21.69
CA VAL C 110 -32.64 -9.51 -20.92
C VAL C 110 -31.98 -8.94 -19.66
N PHE C 111 -31.25 -7.84 -19.76
CA PHE C 111 -30.45 -7.34 -18.62
C PHE C 111 -31.16 -6.28 -17.78
N THR C 112 -30.96 -6.32 -16.48
CA THR C 112 -31.50 -5.26 -15.61
C THR C 112 -30.70 -3.95 -15.77
N ASP C 113 -31.28 -2.86 -15.27
CA ASP C 113 -30.64 -1.57 -15.26
C ASP C 113 -29.26 -1.62 -14.52
N LEU C 114 -29.20 -2.36 -13.41
CA LEU C 114 -27.98 -2.49 -12.63
C LEU C 114 -26.91 -3.28 -13.40
N GLU C 115 -27.29 -4.33 -14.11
CA GLU C 115 -26.37 -5.02 -15.00
C GLU C 115 -25.86 -4.16 -16.12
N ILE C 116 -26.72 -3.36 -16.72
CA ILE C 116 -26.32 -2.43 -17.74
C ILE C 116 -25.31 -1.42 -17.17
N LEU C 117 -25.62 -0.85 -16.02
CA LEU C 117 -24.72 0.09 -15.33
C LEU C 117 -23.36 -0.54 -15.07
N ALA C 118 -23.37 -1.78 -14.60
CA ALA C 118 -22.16 -2.53 -14.35
C ALA C 118 -21.31 -2.71 -15.57
N ALA C 119 -21.93 -3.07 -16.69
CA ALA C 119 -21.16 -3.35 -17.89
C ALA C 119 -20.51 -2.06 -18.43
N ILE C 120 -21.26 -0.96 -18.40
CA ILE C 120 -20.76 0.30 -18.89
C ILE C 120 -19.68 0.89 -17.95
N PHE C 121 -19.92 0.85 -16.65
CA PHE C 121 -18.94 1.33 -15.66
C PHE C 121 -17.68 0.48 -15.76
N ALA C 122 -17.84 -0.83 -15.81
CA ALA C 122 -16.71 -1.74 -16.03
C ALA C 122 -15.88 -1.36 -17.25
N SER C 123 -16.55 -1.12 -18.36
CA SER C 123 -15.88 -0.74 -19.58
C SER C 123 -15.12 0.56 -19.40
N ALA C 124 -15.69 1.52 -18.69
CA ALA C 124 -15.05 2.82 -18.53
C ALA C 124 -13.78 2.75 -17.70
N ILE C 125 -13.79 1.91 -16.66
CA ILE C 125 -12.62 1.81 -15.74
C ILE C 125 -11.62 0.73 -16.13
N HIS C 126 -11.90 -0.08 -17.18
CA HIS C 126 -11.27 -1.39 -17.28
C HIS C 126 -9.76 -1.36 -17.53
N ASP C 127 -9.23 -0.23 -18.01
CA ASP C 127 -7.79 -0.07 -18.22
C ASP C 127 -7.23 1.20 -17.55
N VAL C 128 -7.91 1.72 -16.55
CA VAL C 128 -7.45 2.99 -15.98
C VAL C 128 -6.06 2.85 -15.29
N ASP C 129 -5.26 3.88 -15.48
CA ASP C 129 -3.89 3.95 -15.01
C ASP C 129 -3.00 2.86 -15.61
N HIS C 130 -3.28 2.46 -16.87
CA HIS C 130 -2.47 1.49 -17.57
C HIS C 130 -1.13 2.16 -17.87
N PRO C 131 -0.02 1.47 -17.51
CA PRO C 131 1.30 2.03 -17.73
C PRO C 131 1.84 1.80 -19.18
N GLY C 132 1.16 1.09 -20.05
CA GLY C 132 1.67 0.80 -21.35
C GLY C 132 2.61 -0.35 -21.46
N VAL C 133 2.62 -1.18 -20.42
CA VAL C 133 3.38 -2.43 -20.44
C VAL C 133 2.54 -3.57 -19.90
N SER C 134 2.93 -4.78 -20.26
CA SER C 134 2.13 -5.98 -19.98
C SER C 134 2.30 -6.51 -18.56
N ASN C 135 1.40 -7.43 -18.23
CA ASN C 135 1.50 -8.12 -16.96
C ASN C 135 2.85 -8.78 -16.76
N GLN C 136 3.34 -9.46 -17.81
CA GLN C 136 4.62 -10.16 -17.68
C GLN C 136 5.76 -9.20 -17.39
N PHE C 137 5.74 -8.01 -17.97
CA PHE C 137 6.72 -6.99 -17.71
C PHE C 137 6.69 -6.56 -16.25
N LEU C 138 5.51 -6.34 -15.71
CA LEU C 138 5.37 -6.00 -14.28
C LEU C 138 5.86 -7.10 -13.33
N ILE C 139 5.59 -8.33 -13.73
CA ILE C 139 6.04 -9.52 -12.96
C ILE C 139 7.59 -9.61 -13.00
N ASN C 140 8.14 -9.53 -14.19
CA ASN C 140 9.58 -9.66 -14.42
C ASN C 140 10.43 -8.56 -13.76
N THR C 141 9.86 -7.37 -13.58
CA THR C 141 10.55 -6.30 -12.91
C THR C 141 10.38 -6.32 -11.40
N ASN C 142 9.61 -7.26 -10.87
CA ASN C 142 9.33 -7.33 -9.44
C ASN C 142 8.65 -6.08 -8.99
N SER C 143 7.69 -5.60 -9.76
CA SER C 143 6.97 -4.41 -9.37
C SER C 143 6.14 -4.62 -8.16
N GLU C 144 5.89 -3.52 -7.47
CA GLU C 144 5.04 -3.52 -6.28
C GLU C 144 3.63 -4.06 -6.59
N LEU C 145 3.08 -3.71 -7.77
CA LEU C 145 1.76 -4.22 -8.13
C LEU C 145 1.82 -5.76 -8.27
N ALA C 146 2.83 -6.31 -8.90
CA ALA C 146 2.91 -7.74 -9.07
C ALA C 146 3.04 -8.46 -7.69
N LEU C 147 3.79 -7.86 -6.77
CA LEU C 147 3.87 -8.36 -5.40
C LEU C 147 2.54 -8.34 -4.67
N MET C 148 1.82 -7.25 -4.76
CA MET C 148 0.54 -7.12 -4.08
C MET C 148 -0.48 -8.12 -4.57
N TYR C 149 -0.46 -8.44 -5.88
CA TYR C 149 -1.51 -9.28 -6.44
C TYR C 149 -1.05 -10.71 -6.81
N ASN C 150 0.14 -11.09 -6.33
CA ASN C 150 0.64 -12.44 -6.53
C ASN C 150 0.70 -12.82 -8.00
N ASP C 151 1.17 -11.86 -8.81
CA ASP C 151 1.39 -12.06 -10.22
C ASP C 151 0.14 -12.45 -11.00
N SER C 152 -1.06 -12.30 -10.42
CA SER C 152 -2.27 -12.74 -11.11
C SER C 152 -3.12 -11.55 -11.46
N SER C 153 -3.44 -11.48 -12.75
CA SER C 153 -4.18 -10.35 -13.33
C SER C 153 -3.73 -9.04 -12.73
N VAL C 154 -2.43 -8.81 -12.77
CA VAL C 154 -1.87 -7.69 -12.03
C VAL C 154 -2.48 -6.34 -12.46
N LEU C 155 -2.40 -6.06 -13.73
CA LEU C 155 -2.98 -4.81 -14.28
C LEU C 155 -4.49 -4.69 -14.03
N GLU C 156 -5.20 -5.78 -14.28
CA GLU C 156 -6.70 -5.80 -14.15
C GLU C 156 -7.16 -5.58 -12.70
N ASN C 157 -6.48 -6.22 -11.75
CA ASN C 157 -6.65 -5.84 -10.31
C ASN C 157 -6.39 -4.37 -10.05
N HIS C 158 -5.33 -3.84 -10.64
CA HIS C 158 -5.02 -2.44 -10.47
C HIS C 158 -6.09 -1.53 -11.07
N HIS C 159 -6.57 -1.84 -12.26
CA HIS C 159 -7.60 -1.02 -12.90
C HIS C 159 -8.85 -0.96 -12.01
N LEU C 160 -9.24 -2.09 -11.46
CA LEU C 160 -10.37 -2.15 -10.55
C LEU C 160 -10.16 -1.28 -9.30
N ALA C 161 -8.97 -1.41 -8.69
CA ALA C 161 -8.67 -0.64 -7.49
C ALA C 161 -8.75 0.85 -7.73
N VAL C 162 -8.15 1.29 -8.82
CA VAL C 162 -8.14 2.73 -9.11
C VAL C 162 -9.55 3.22 -9.46
N GLY C 163 -10.24 2.47 -10.35
CA GLY C 163 -11.59 2.86 -10.74
C GLY C 163 -12.54 3.07 -9.59
N PHE C 164 -12.51 2.17 -8.64
CA PHE C 164 -13.33 2.26 -7.48
C PHE C 164 -12.81 3.30 -6.49
N LYS C 165 -11.51 3.36 -6.25
CA LYS C 165 -10.98 4.33 -5.29
C LYS C 165 -11.31 5.77 -5.68
N LEU C 166 -11.33 6.05 -6.97
CA LEU C 166 -11.62 7.41 -7.41
C LEU C 166 -13.03 7.89 -7.04
N LEU C 167 -13.94 6.94 -6.76
CA LEU C 167 -15.29 7.29 -6.29
C LEU C 167 -15.28 8.03 -4.96
N GLN C 168 -14.19 7.90 -4.20
CA GLN C 168 -14.06 8.52 -2.88
C GLN C 168 -13.50 9.93 -2.93
N GLU C 169 -13.10 10.43 -4.09
CA GLU C 169 -12.65 11.81 -4.15
C GLU C 169 -13.86 12.75 -4.04
N GLU C 170 -13.59 14.03 -3.78
CA GLU C 170 -14.61 15.01 -3.44
C GLU C 170 -15.63 15.07 -4.60
N ASN C 171 -16.89 14.85 -4.23
CA ASN C 171 -18.02 14.86 -5.16
C ASN C 171 -17.83 13.93 -6.36
N CYS C 172 -17.28 12.73 -6.12
CA CYS C 172 -17.04 11.73 -7.18
C CYS C 172 -17.88 10.50 -7.01
N ASP C 173 -18.69 10.42 -5.93
CA ASP C 173 -19.37 9.15 -5.69
C ASP C 173 -20.69 9.09 -6.47
N ILE C 174 -20.57 8.66 -7.71
CA ILE C 174 -21.71 8.52 -8.59
C ILE C 174 -22.73 7.46 -8.13
N PHE C 175 -22.34 6.58 -7.22
CA PHE C 175 -23.22 5.59 -6.70
C PHE C 175 -23.78 5.94 -5.32
N GLN C 176 -23.69 7.20 -4.93
CA GLN C 176 -24.10 7.64 -3.59
C GLN C 176 -25.56 7.35 -3.27
N ASN C 177 -26.44 7.32 -4.28
CA ASN C 177 -27.87 7.05 -4.06
C ASN C 177 -28.30 5.63 -4.35
N LEU C 178 -27.37 4.73 -4.64
CA LEU C 178 -27.62 3.31 -4.66
C LEU C 178 -27.74 2.80 -3.23
N THR C 179 -28.58 1.80 -3.05
CA THR C 179 -28.63 1.07 -1.79
C THR C 179 -27.35 0.28 -1.63
N LYS C 180 -27.10 -0.14 -0.40
CA LYS C 180 -26.06 -1.10 -0.12
C LYS C 180 -26.17 -2.38 -0.98
N LYS C 181 -27.37 -2.94 -1.10
CA LYS C 181 -27.53 -4.14 -1.86
C LYS C 181 -27.16 -3.94 -3.36
N GLN C 182 -27.58 -2.82 -3.92
CA GLN C 182 -27.24 -2.46 -5.29
C GLN C 182 -25.72 -2.28 -5.43
N ARG C 183 -25.10 -1.61 -4.49
CA ARG C 183 -23.63 -1.36 -4.54
C ARG C 183 -22.82 -2.64 -4.45
N GLN C 184 -23.25 -3.59 -3.61
CA GLN C 184 -22.54 -4.86 -3.50
C GLN C 184 -22.68 -5.68 -4.76
N SER C 185 -23.87 -5.67 -5.34
CA SER C 185 -24.12 -6.45 -6.55
C SER C 185 -23.33 -5.84 -7.73
N LEU C 186 -23.38 -4.51 -7.87
CA LEU C 186 -22.62 -3.80 -8.87
C LEU C 186 -21.13 -4.07 -8.75
N ARG C 187 -20.61 -4.01 -7.54
CA ARG C 187 -19.20 -4.26 -7.27
C ARG C 187 -18.79 -5.63 -7.75
N LYS C 188 -19.56 -6.64 -7.37
CA LYS C 188 -19.19 -7.98 -7.73
C LYS C 188 -19.20 -8.17 -9.29
N MET C 189 -20.23 -7.59 -9.94
CA MET C 189 -20.31 -7.77 -11.37
C MET C 189 -19.13 -7.06 -12.09
N VAL C 190 -18.80 -5.87 -11.63
CA VAL C 190 -17.76 -5.11 -12.22
C VAL C 190 -16.41 -5.83 -12.05
N ILE C 191 -16.15 -6.37 -10.88
CA ILE C 191 -14.97 -7.18 -10.69
C ILE C 191 -14.93 -8.33 -11.68
N ASP C 192 -16.03 -9.08 -11.75
CA ASP C 192 -16.05 -10.22 -12.66
C ASP C 192 -15.81 -9.82 -14.11
N ILE C 193 -16.38 -8.70 -14.52
CA ILE C 193 -16.20 -8.23 -15.91
C ILE C 193 -14.75 -7.74 -16.18
N VAL C 194 -14.21 -6.89 -15.33
CA VAL C 194 -12.83 -6.39 -15.56
C VAL C 194 -11.79 -7.51 -15.54
N LEU C 195 -11.92 -8.44 -14.60
CA LEU C 195 -10.95 -9.56 -14.53
C LEU C 195 -11.03 -10.41 -15.78
N ALA C 196 -12.19 -10.45 -16.43
CA ALA C 196 -12.34 -11.19 -17.68
C ALA C 196 -11.64 -10.53 -18.88
N THR C 197 -11.16 -9.27 -18.74
CA THR C 197 -10.38 -8.61 -19.79
C THR C 197 -8.93 -8.99 -19.87
N ASP C 198 -8.44 -9.74 -18.89
CA ASP C 198 -7.11 -10.29 -18.90
C ASP C 198 -7.07 -11.34 -19.98
N MET C 199 -6.18 -11.17 -20.96
CA MET C 199 -6.08 -12.14 -22.09
C MET C 199 -5.73 -13.56 -21.64
N SER C 200 -5.12 -13.73 -20.48
CA SER C 200 -4.86 -15.12 -20.04
C SER C 200 -6.17 -15.85 -19.78
N LYS C 201 -7.28 -15.13 -19.66
CA LYS C 201 -8.59 -15.80 -19.48
C LYS C 201 -9.34 -16.09 -20.79
N HIS C 202 -8.80 -15.67 -21.91
CA HIS C 202 -9.55 -15.67 -23.17
C HIS C 202 -10.04 -17.06 -23.55
N MET C 203 -9.15 -18.04 -23.49
CA MET C 203 -9.46 -19.41 -23.94
C MET C 203 -10.58 -20.01 -23.10
N ASN C 204 -10.52 -19.85 -21.77
CA ASN C 204 -11.64 -20.29 -20.95
C ASN C 204 -12.96 -19.55 -21.17
N LEU C 205 -12.93 -18.22 -21.32
CA LEU C 205 -14.13 -17.49 -21.64
C LEU C 205 -14.78 -17.99 -22.93
N LEU C 206 -13.95 -18.23 -23.94
CA LEU C 206 -14.43 -18.63 -25.25
C LEU C 206 -15.07 -20.05 -25.20
N ALA C 207 -14.38 -20.95 -24.53
CA ALA C 207 -14.84 -22.29 -24.36
C ALA C 207 -16.20 -22.27 -23.72
N ASP C 208 -16.37 -21.43 -22.72
CA ASP C 208 -17.63 -21.36 -22.03
C ASP C 208 -18.67 -20.73 -22.90
N LEU C 209 -18.26 -19.75 -23.70
CA LEU C 209 -19.18 -19.09 -24.59
C LEU C 209 -19.68 -20.10 -25.62
N LYS C 210 -18.80 -20.95 -26.10
CA LYS C 210 -19.14 -21.99 -27.09
C LYS C 210 -20.17 -22.98 -26.49
N THR C 211 -19.96 -23.38 -25.25
CA THR C 211 -20.89 -24.25 -24.53
C THR C 211 -22.27 -23.64 -24.40
N MET C 212 -22.30 -22.36 -24.12
CA MET C 212 -23.54 -21.64 -24.06
C MET C 212 -24.25 -21.58 -25.40
N VAL C 213 -23.52 -21.36 -26.50
CA VAL C 213 -24.13 -21.39 -27.83
C VAL C 213 -24.72 -22.79 -28.10
N GLU C 214 -23.97 -23.83 -27.79
CA GLU C 214 -24.44 -25.22 -27.95
C GLU C 214 -25.68 -25.56 -27.14
N THR C 215 -25.91 -24.93 -25.99
CA THR C 215 -27.06 -25.19 -25.13
C THR C 215 -28.04 -24.00 -25.10
N LYS C 216 -28.00 -23.19 -26.15
CA LYS C 216 -28.72 -21.93 -26.21
C LYS C 216 -30.21 -22.21 -26.08
N LYS C 217 -30.88 -21.44 -25.22
CA LYS C 217 -32.33 -21.38 -25.13
C LYS C 217 -32.78 -19.97 -25.43
N VAL C 218 -33.94 -19.86 -26.06
CA VAL C 218 -34.54 -18.58 -26.37
C VAL C 218 -35.93 -18.53 -25.73
N THR C 219 -36.36 -17.35 -25.31
CA THR C 219 -37.72 -17.19 -24.75
C THR C 219 -38.73 -17.22 -25.89
N SER C 220 -40.01 -17.21 -25.54
CA SER C 220 -41.05 -17.18 -26.59
C SER C 220 -41.11 -15.79 -27.30
N SER C 221 -40.54 -14.74 -26.67
CA SER C 221 -40.30 -13.45 -27.33
C SER C 221 -39.07 -13.40 -28.33
N GLY C 222 -38.31 -14.50 -28.42
CA GLY C 222 -37.21 -14.63 -29.36
C GLY C 222 -35.86 -14.12 -28.84
N VAL C 223 -35.76 -13.82 -27.54
CA VAL C 223 -34.50 -13.31 -26.96
C VAL C 223 -33.77 -14.39 -26.16
N LEU C 224 -32.48 -14.22 -25.89
CA LEU C 224 -31.75 -15.18 -25.07
C LEU C 224 -32.35 -15.40 -23.68
N LEU C 225 -32.41 -16.65 -23.25
CA LEU C 225 -32.89 -16.96 -21.92
C LEU C 225 -31.69 -17.18 -21.00
N LEU C 226 -31.57 -16.34 -19.97
CA LEU C 226 -30.42 -16.42 -19.07
C LEU C 226 -30.96 -16.37 -17.66
N ASP C 227 -31.09 -17.50 -17.01
CA ASP C 227 -31.89 -17.53 -15.78
C ASP C 227 -31.08 -17.74 -14.51
N ASN C 228 -29.77 -17.64 -14.58
CA ASN C 228 -28.90 -17.71 -13.38
C ASN C 228 -27.70 -16.73 -13.52
N TYR C 229 -27.09 -16.35 -12.40
CA TYR C 229 -25.98 -15.39 -12.39
C TYR C 229 -24.82 -15.88 -13.27
N SER C 230 -24.47 -17.14 -13.18
CA SER C 230 -23.38 -17.66 -13.95
C SER C 230 -23.49 -17.39 -15.45
N ASP C 231 -24.69 -17.60 -16.01
CA ASP C 231 -24.90 -17.41 -17.44
C ASP C 231 -25.00 -15.91 -17.76
N ARG C 232 -25.66 -15.17 -16.91
CA ARG C 232 -25.81 -13.73 -17.12
C ARG C 232 -24.45 -12.99 -17.09
N ILE C 233 -23.62 -13.31 -16.10
CA ILE C 233 -22.32 -12.66 -15.97
C ILE C 233 -21.39 -13.14 -17.08
N GLN C 234 -21.49 -14.41 -17.46
CA GLN C 234 -20.67 -14.92 -18.57
C GLN C 234 -20.95 -14.14 -19.85
N VAL C 235 -22.22 -13.88 -20.14
CA VAL C 235 -22.53 -13.13 -21.33
C VAL C 235 -21.99 -11.70 -21.23
N LEU C 236 -22.16 -11.05 -20.08
CA LEU C 236 -21.59 -9.72 -19.89
C LEU C 236 -20.06 -9.68 -19.98
N GLN C 237 -19.41 -10.67 -19.39
CA GLN C 237 -17.94 -10.78 -19.49
C GLN C 237 -17.50 -10.93 -20.94
N ASN C 238 -18.15 -11.83 -21.67
CA ASN C 238 -17.82 -12.00 -23.12
C ASN C 238 -18.17 -10.75 -23.94
N MET C 239 -19.25 -10.06 -23.56
CA MET C 239 -19.64 -8.85 -24.26
C MET C 239 -18.53 -7.78 -24.14
N VAL C 240 -18.04 -7.52 -22.92
CA VAL C 240 -17.03 -6.47 -22.71
C VAL C 240 -15.71 -6.94 -23.30
N HIS C 241 -15.43 -8.23 -23.22
CA HIS C 241 -14.25 -8.79 -23.89
C HIS C 241 -14.30 -8.61 -25.41
N CYS C 242 -15.46 -8.89 -26.04
CA CYS C 242 -15.69 -8.55 -27.48
C CYS C 242 -15.46 -7.09 -27.77
N ALA C 243 -15.94 -6.21 -26.89
CA ALA C 243 -15.70 -4.76 -27.05
C ALA C 243 -14.22 -4.42 -27.00
N ASP C 244 -13.52 -5.04 -26.05
CA ASP C 244 -12.09 -4.82 -25.87
C ASP C 244 -11.32 -5.32 -27.13
N LEU C 245 -11.84 -6.40 -27.73
CA LEU C 245 -11.28 -6.98 -28.97
C LEU C 245 -12.09 -6.58 -30.24
N SER C 246 -12.63 -5.36 -30.25
CA SER C 246 -13.52 -4.95 -31.33
C SER C 246 -12.80 -4.21 -32.44
N ASN C 247 -11.53 -3.81 -32.23
CA ASN C 247 -10.86 -2.95 -33.18
C ASN C 247 -10.94 -3.49 -34.65
N PRO C 248 -10.65 -4.77 -34.85
CA PRO C 248 -10.62 -5.24 -36.25
C PRO C 248 -11.98 -5.40 -36.89
N THR C 249 -13.05 -5.21 -36.11
CA THR C 249 -14.41 -5.26 -36.61
C THR C 249 -14.97 -3.89 -36.97
N LYS C 250 -14.19 -2.86 -36.78
CA LYS C 250 -14.65 -1.54 -37.05
C LYS C 250 -14.35 -1.12 -38.51
N PRO C 251 -15.03 -0.08 -39.00
CA PRO C 251 -14.57 0.57 -40.22
C PRO C 251 -13.09 0.80 -40.24
N LEU C 252 -12.55 0.56 -41.44
CA LEU C 252 -11.11 0.47 -41.58
C LEU C 252 -10.35 1.69 -41.13
N GLN C 253 -10.88 2.88 -41.33
CA GLN C 253 -10.11 4.05 -40.89
C GLN C 253 -9.91 4.04 -39.35
N LEU C 254 -10.86 3.48 -38.62
CA LEU C 254 -10.71 3.38 -37.17
C LEU C 254 -9.72 2.26 -36.85
N TYR C 255 -9.93 1.09 -37.43
CA TYR C 255 -9.06 -0.05 -37.22
C TYR C 255 -7.59 0.28 -37.49
N ARG C 256 -7.31 0.97 -38.57
CA ARG C 256 -5.95 1.35 -38.90
C ARG C 256 -5.27 2.16 -37.80
N GLN C 257 -5.99 3.09 -37.21
CA GLN C 257 -5.46 3.90 -36.13
C GLN C 257 -5.18 3.07 -34.87
N TRP C 258 -6.05 2.14 -34.58
CA TRP C 258 -5.86 1.26 -33.44
C TRP C 258 -4.65 0.40 -33.61
N THR C 259 -4.47 -0.10 -34.84
CA THR C 259 -3.29 -0.92 -35.15
C THR C 259 -1.99 -0.10 -35.00
N ASP C 260 -1.97 1.13 -35.51
CA ASP C 260 -0.79 1.96 -35.35
C ASP C 260 -0.46 2.15 -33.87
N ARG C 261 -1.52 2.39 -33.09
CA ARG C 261 -1.35 2.68 -31.68
C ARG C 261 -0.86 1.46 -30.90
N ILE C 262 -1.48 0.30 -31.08
CA ILE C 262 -1.03 -0.88 -30.34
C ILE C 262 0.43 -1.22 -30.69
N MET C 263 0.79 -1.04 -31.97
CA MET C 263 2.15 -1.31 -32.39
C MET C 263 3.15 -0.35 -31.80
N GLU C 264 2.78 0.92 -31.74
CA GLU C 264 3.63 1.90 -31.04
C GLU C 264 3.83 1.53 -29.55
N GLU C 265 2.74 1.15 -28.89
CA GLU C 265 2.85 0.78 -27.51
C GLU C 265 3.71 -0.45 -27.30
N PHE C 266 3.48 -1.49 -28.11
CA PHE C 266 4.27 -2.69 -28.01
C PHE C 266 5.76 -2.42 -28.30
N PHE C 267 6.05 -1.65 -29.33
CA PHE C 267 7.45 -1.35 -29.66
C PHE C 267 8.12 -0.56 -28.55
N ARG C 268 7.37 0.34 -27.90
CA ARG C 268 7.92 1.05 -26.77
C ARG C 268 8.21 0.11 -25.61
N GLN C 269 7.37 -0.88 -25.38
CA GLN C 269 7.69 -1.88 -24.36
C GLN C 269 8.94 -2.63 -24.72
N GLY C 270 9.05 -3.06 -25.98
CA GLY C 270 10.25 -3.75 -26.45
C GLY C 270 11.54 -2.91 -26.21
N ASP C 271 11.48 -1.61 -26.47
CA ASP C 271 12.58 -0.71 -26.17
C ASP C 271 12.93 -0.69 -24.68
N ARG C 272 11.93 -0.69 -23.82
CA ARG C 272 12.15 -0.74 -22.37
C ARG C 272 12.74 -2.10 -21.95
N GLU C 273 12.27 -3.19 -22.55
CA GLU C 273 12.86 -4.50 -22.28
C GLU C 273 14.34 -4.55 -22.78
N ARG C 274 14.57 -4.11 -23.99
CA ARG C 274 15.90 -4.11 -24.58
C ARG C 274 16.82 -3.26 -23.77
N GLU C 275 16.26 -2.20 -23.20
CA GLU C 275 16.99 -1.27 -22.39
C GLU C 275 17.62 -2.03 -21.29
N ARG C 276 16.81 -2.79 -20.57
CA ARG C 276 17.27 -3.52 -19.39
C ARG C 276 17.77 -4.90 -19.60
N GLY C 277 18.05 -5.25 -20.83
CA GLY C 277 18.57 -6.59 -21.12
C GLY C 277 17.59 -7.75 -20.95
N MET C 278 16.28 -7.47 -20.94
CA MET C 278 15.24 -8.52 -20.82
C MET C 278 15.01 -9.02 -22.23
N GLU C 279 14.47 -10.23 -22.32
CA GLU C 279 14.00 -10.76 -23.59
C GLU C 279 12.88 -9.83 -24.13
N ILE C 280 12.87 -9.54 -25.41
CA ILE C 280 11.82 -8.73 -26.03
C ILE C 280 10.54 -9.57 -26.27
N SER C 281 9.40 -9.12 -25.77
CA SER C 281 8.13 -9.88 -25.87
C SER C 281 7.65 -10.06 -27.33
N PRO C 282 6.80 -11.05 -27.60
CA PRO C 282 6.23 -11.18 -28.96
C PRO C 282 5.59 -9.86 -29.50
N MET C 283 5.91 -9.51 -30.77
CA MET C 283 5.42 -8.31 -31.51
C MET C 283 5.97 -6.97 -31.00
N CYS C 284 6.91 -7.01 -30.03
CA CYS C 284 7.47 -5.79 -29.41
C CYS C 284 8.82 -5.34 -29.97
N ASP C 285 9.38 -6.12 -30.89
CA ASP C 285 10.66 -5.83 -31.50
C ASP C 285 10.43 -5.07 -32.82
N LYS C 286 10.64 -3.76 -32.76
CA LYS C 286 10.51 -2.90 -33.94
C LYS C 286 11.49 -3.25 -35.08
N HIS C 287 12.62 -3.92 -34.77
CA HIS C 287 13.62 -4.30 -35.79
C HIS C 287 13.24 -5.63 -36.48
N ASN C 288 12.36 -6.41 -35.87
CA ASN C 288 11.96 -7.75 -36.33
C ASN C 288 10.44 -7.96 -36.15
N ALA C 289 9.61 -7.09 -36.72
CA ALA C 289 8.14 -7.21 -36.61
C ALA C 289 7.50 -7.18 -38.00
N SER C 290 6.37 -7.81 -38.15
CA SER C 290 5.49 -7.53 -39.28
C SER C 290 4.11 -7.16 -38.75
N VAL C 291 3.84 -5.88 -38.83
CA VAL C 291 2.57 -5.32 -38.38
C VAL C 291 1.39 -6.02 -39.04
N GLU C 292 1.47 -6.23 -40.35
CA GLU C 292 0.30 -6.73 -41.12
C GLU C 292 0.09 -8.21 -40.86
N LYS C 293 1.17 -8.99 -40.84
CA LYS C 293 1.07 -10.41 -40.48
C LYS C 293 0.51 -10.59 -39.06
N SER C 294 0.96 -9.74 -38.14
CA SER C 294 0.45 -9.75 -36.79
C SER C 294 -1.03 -9.51 -36.73
N GLN C 295 -1.54 -8.52 -37.48
CA GLN C 295 -2.98 -8.34 -37.54
C GLN C 295 -3.72 -9.54 -38.05
N VAL C 296 -3.22 -10.13 -39.11
CA VAL C 296 -3.93 -11.30 -39.68
C VAL C 296 -3.91 -12.43 -38.70
N GLY C 297 -2.76 -12.61 -38.02
CA GLY C 297 -2.66 -13.60 -36.92
C GLY C 297 -3.62 -13.34 -35.76
N PHE C 298 -3.72 -12.08 -35.36
CA PHE C 298 -4.61 -11.65 -34.27
C PHE C 298 -6.04 -11.95 -34.63
N ILE C 299 -6.41 -11.63 -35.87
CA ILE C 299 -7.77 -11.95 -36.34
C ILE C 299 -8.00 -13.45 -36.41
N ASP C 300 -7.11 -14.17 -37.10
CA ASP C 300 -7.31 -15.63 -37.27
C ASP C 300 -7.36 -16.44 -35.98
N TYR C 301 -6.51 -16.12 -35.01
CA TYR C 301 -6.42 -16.96 -33.80
C TYR C 301 -7.22 -16.46 -32.62
N ILE C 302 -7.52 -15.16 -32.58
CA ILE C 302 -8.22 -14.60 -31.39
C ILE C 302 -9.56 -13.95 -31.75
N VAL C 303 -9.51 -12.94 -32.61
CA VAL C 303 -10.69 -12.06 -32.77
C VAL C 303 -11.82 -12.76 -33.56
N HIS C 304 -11.47 -13.46 -34.64
CA HIS C 304 -12.49 -14.13 -35.48
C HIS C 304 -13.14 -15.31 -34.73
N PRO C 305 -12.36 -16.16 -34.06
CA PRO C 305 -13.03 -17.19 -33.26
C PRO C 305 -14.00 -16.66 -32.20
N LEU C 306 -13.63 -15.57 -31.54
CA LEU C 306 -14.52 -15.01 -30.51
C LEU C 306 -15.77 -14.41 -31.16
N TRP C 307 -15.59 -13.53 -32.14
CA TRP C 307 -16.73 -12.82 -32.74
C TRP C 307 -17.66 -13.78 -33.53
N GLU C 308 -17.11 -14.84 -34.08
CA GLU C 308 -17.92 -15.87 -34.75
C GLU C 308 -18.77 -16.53 -33.74
N THR C 309 -18.23 -16.80 -32.56
CA THR C 309 -19.05 -17.44 -31.51
C THR C 309 -20.08 -16.47 -30.96
N TRP C 310 -19.69 -15.21 -30.74
CA TRP C 310 -20.67 -14.19 -30.29
C TRP C 310 -21.79 -14.10 -31.37
N ALA C 311 -21.41 -14.04 -32.64
CA ALA C 311 -22.39 -13.95 -33.77
C ALA C 311 -23.41 -15.08 -33.75
N ASP C 312 -22.94 -16.30 -33.48
CA ASP C 312 -23.82 -17.44 -33.27
C ASP C 312 -24.76 -17.23 -32.12
N LEU C 313 -24.26 -16.74 -31.00
CA LEU C 313 -25.13 -16.49 -29.85
C LEU C 313 -26.25 -15.52 -30.17
N VAL C 314 -25.96 -14.45 -30.86
CA VAL C 314 -26.99 -13.43 -31.10
C VAL C 314 -27.55 -13.46 -32.56
N HIS C 315 -27.37 -14.60 -33.24
CA HIS C 315 -27.67 -14.73 -34.69
C HIS C 315 -29.06 -14.18 -35.05
N PRO C 316 -29.20 -13.31 -36.06
CA PRO C 316 -28.15 -12.84 -36.98
C PRO C 316 -27.65 -11.44 -36.71
N ASP C 317 -27.86 -10.94 -35.48
CA ASP C 317 -27.61 -9.51 -35.17
C ASP C 317 -26.20 -9.04 -35.49
N ALA C 318 -25.22 -9.94 -35.38
CA ALA C 318 -23.81 -9.53 -35.54
C ALA C 318 -23.22 -9.76 -36.95
N GLN C 319 -24.09 -10.12 -37.90
CA GLN C 319 -23.62 -10.42 -39.26
C GLN C 319 -22.82 -9.30 -39.93
N ASP C 320 -23.25 -8.06 -39.87
CA ASP C 320 -22.47 -6.95 -40.48
C ASP C 320 -21.12 -6.70 -39.80
N ILE C 321 -21.07 -6.96 -38.51
CA ILE C 321 -19.85 -6.82 -37.74
C ILE C 321 -18.92 -7.90 -38.19
N LEU C 322 -19.41 -9.12 -38.29
CA LEU C 322 -18.60 -10.23 -38.75
C LEU C 322 -18.16 -10.03 -40.21
N ASP C 323 -19.02 -9.47 -41.04
CA ASP C 323 -18.66 -9.23 -42.42
C ASP C 323 -17.56 -8.23 -42.50
N THR C 324 -17.63 -7.20 -41.70
CA THR C 324 -16.60 -6.19 -41.68
C THR C 324 -15.26 -6.74 -41.25
N LEU C 325 -15.28 -7.61 -40.26
CA LEU C 325 -14.09 -8.27 -39.74
C LEU C 325 -13.43 -9.06 -40.84
N GLU C 326 -14.21 -9.86 -41.53
CA GLU C 326 -13.70 -10.66 -42.62
C GLU C 326 -13.14 -9.80 -43.75
N ASP C 327 -13.77 -8.67 -44.05
CA ASP C 327 -13.30 -7.78 -45.10
C ASP C 327 -11.98 -7.14 -44.68
N ASN C 328 -11.90 -6.74 -43.41
CA ASN C 328 -10.71 -6.12 -42.86
C ASN C 328 -9.55 -7.09 -42.83
N ARG C 329 -9.84 -8.35 -42.59
CA ARG C 329 -8.80 -9.35 -42.58
C ARG C 329 -8.16 -9.40 -43.94
N GLU C 330 -9.00 -9.43 -44.98
CA GLU C 330 -8.52 -9.49 -46.38
C GLU C 330 -7.75 -8.27 -46.75
N TRP C 331 -8.16 -7.12 -46.28
CA TRP C 331 -7.37 -5.93 -46.53
C TRP C 331 -5.96 -6.04 -45.96
N TYR C 332 -5.80 -6.43 -44.69
CA TYR C 332 -4.45 -6.55 -44.11
C TYR C 332 -3.65 -7.65 -44.81
N GLN C 333 -4.28 -8.79 -45.08
CA GLN C 333 -3.63 -9.89 -45.85
C GLN C 333 -3.02 -9.37 -47.18
N SER C 334 -3.79 -8.56 -47.88
CA SER C 334 -3.37 -8.03 -49.13
C SER C 334 -2.26 -7.02 -49.03
N THR C 335 -1.92 -6.55 -47.84
CA THR C 335 -0.85 -5.57 -47.76
C THR C 335 0.49 -6.13 -47.36
N ILE C 336 0.55 -7.43 -47.15
CA ILE C 336 1.76 -8.12 -46.75
C ILE C 336 2.71 -8.20 -47.92
N PRO C 337 3.97 -7.79 -47.74
CA PRO C 337 4.94 -7.81 -48.92
C PRO C 337 5.46 -9.20 -49.30
N GLN D 14 17.10 -26.01 28.59
CA GLN D 14 18.50 -26.15 28.13
C GLN D 14 18.56 -26.31 26.59
N GLU D 15 19.65 -25.79 26.08
CA GLU D 15 19.98 -25.84 24.69
C GLU D 15 20.28 -27.28 24.29
N ASP D 16 20.74 -28.08 25.23
CA ASP D 16 21.05 -29.48 24.95
C ASP D 16 19.78 -30.27 24.84
N VAL D 17 18.81 -29.94 25.67
CA VAL D 17 17.56 -30.61 25.61
C VAL D 17 16.83 -30.26 24.32
N LEU D 18 16.92 -29.01 23.91
CA LEU D 18 16.35 -28.55 22.65
C LEU D 18 17.00 -29.32 21.48
N ALA D 19 18.32 -29.40 21.50
CA ALA D 19 19.04 -30.09 20.47
C ALA D 19 18.64 -31.55 20.40
N LYS D 20 18.43 -32.17 21.53
CA LYS D 20 17.98 -33.54 21.55
C LYS D 20 16.59 -33.71 20.95
N GLU D 21 15.66 -32.82 21.27
CA GLU D 21 14.33 -32.92 20.69
C GLU D 21 14.37 -32.73 19.19
N LEU D 22 15.21 -31.83 18.71
CA LEU D 22 15.36 -31.54 17.31
C LEU D 22 15.87 -32.73 16.50
N GLU D 23 16.49 -33.70 17.15
CA GLU D 23 16.82 -34.92 16.45
C GLU D 23 15.59 -35.67 15.94
N ASP D 24 14.39 -35.40 16.47
CA ASP D 24 13.16 -35.98 15.95
C ASP D 24 12.55 -35.26 14.71
N VAL D 25 13.29 -34.32 14.11
CA VAL D 25 12.80 -33.48 13.03
C VAL D 25 12.32 -34.30 11.79
N ASN D 26 12.84 -35.50 11.61
CA ASN D 26 12.43 -36.36 10.54
C ASN D 26 11.32 -37.31 10.95
N LYS D 27 10.73 -37.16 12.13
CA LYS D 27 9.66 -38.05 12.58
C LYS D 27 8.29 -37.43 12.59
N TRP D 28 7.28 -38.17 12.15
CA TRP D 28 5.91 -37.75 12.32
C TRP D 28 5.68 -37.76 13.82
N GLY D 29 5.12 -36.75 14.41
CA GLY D 29 5.02 -36.92 15.91
C GLY D 29 6.06 -36.25 16.76
N LEU D 30 6.96 -35.49 16.11
CA LEU D 30 7.74 -34.48 16.78
C LEU D 30 6.95 -33.75 17.86
N HIS D 31 7.59 -33.54 19.00
CA HIS D 31 6.96 -32.83 20.16
C HIS D 31 7.12 -31.32 19.90
N VAL D 32 6.30 -30.81 18.99
CA VAL D 32 6.47 -29.46 18.52
C VAL D 32 6.12 -28.45 19.59
N PHE D 33 5.17 -28.73 20.46
CA PHE D 33 4.85 -27.82 21.54
C PHE D 33 5.99 -27.74 22.53
N ARG D 34 6.64 -28.87 22.79
CA ARG D 34 7.81 -28.90 23.64
C ARG D 34 8.94 -28.08 23.02
N ILE D 35 9.14 -28.23 21.73
CA ILE D 35 10.12 -27.38 21.01
C ILE D 35 9.83 -25.89 21.14
N ALA D 36 8.54 -25.56 21.07
CA ALA D 36 8.15 -24.16 21.23
C ALA D 36 8.55 -23.62 22.62
N GLU D 37 8.27 -24.41 23.65
CA GLU D 37 8.69 -24.04 25.05
C GLU D 37 10.21 -23.93 25.17
N LEU D 38 10.92 -24.96 24.72
CA LEU D 38 12.37 -25.00 24.89
C LEU D 38 13.09 -23.92 24.09
N SER D 39 12.54 -23.46 22.96
CA SER D 39 13.21 -22.48 22.13
C SER D 39 12.84 -21.04 22.48
N GLY D 40 12.06 -20.83 23.52
CA GLY D 40 11.65 -19.46 23.85
C GLY D 40 10.63 -18.93 22.84
N ASN D 41 9.67 -19.78 22.46
CA ASN D 41 8.68 -19.46 21.43
C ASN D 41 9.29 -19.17 20.05
N ARG D 42 10.33 -19.95 19.67
CA ARG D 42 10.91 -19.87 18.34
C ARG D 42 10.86 -21.19 17.59
N PRO D 43 9.75 -21.90 17.67
CA PRO D 43 9.73 -23.19 17.00
C PRO D 43 9.89 -23.12 15.49
N LEU D 44 9.35 -22.04 14.87
CA LEU D 44 9.46 -21.97 13.41
C LEU D 44 10.90 -21.72 13.01
N THR D 45 11.57 -20.84 13.73
CA THR D 45 12.97 -20.51 13.44
C THR D 45 13.86 -21.73 13.61
N VAL D 46 13.75 -22.41 14.74
CA VAL D 46 14.67 -23.53 15.01
C VAL D 46 14.36 -24.75 14.16
N ILE D 47 13.10 -25.00 13.87
CA ILE D 47 12.73 -26.12 13.00
C ILE D 47 13.14 -25.85 11.55
N MET D 48 12.88 -24.64 11.05
CA MET D 48 13.32 -24.30 9.71
C MET D 48 14.84 -24.35 9.61
N HIS D 49 15.55 -23.83 10.62
CA HIS D 49 17.00 -23.84 10.53
C HIS D 49 17.53 -25.28 10.49
N THR D 50 16.96 -26.15 11.32
CA THR D 50 17.40 -27.54 11.40
C THR D 50 17.15 -28.23 10.04
N ILE D 51 15.99 -27.98 9.44
CA ILE D 51 15.64 -28.56 8.14
C ILE D 51 16.57 -28.07 7.04
N PHE D 52 16.84 -26.77 7.04
CA PHE D 52 17.72 -26.24 6.03
C PHE D 52 19.15 -26.85 6.12
N GLN D 53 19.67 -26.97 7.32
CA GLN D 53 20.99 -27.64 7.57
C GLN D 53 20.94 -29.10 7.12
N GLU D 54 19.91 -29.79 7.57
CA GLU D 54 19.74 -31.22 7.25
C GLU D 54 19.69 -31.44 5.74
N ARG D 55 19.00 -30.60 4.97
CA ARG D 55 18.87 -30.78 3.54
C ARG D 55 19.97 -30.06 2.76
N ASP D 56 20.90 -29.46 3.50
CA ASP D 56 22.05 -28.75 2.91
C ASP D 56 21.66 -27.55 2.03
N LEU D 57 20.51 -26.93 2.36
CA LEU D 57 19.96 -25.88 1.53
C LEU D 57 20.78 -24.58 1.56
N LEU D 58 21.46 -24.32 2.66
CA LEU D 58 22.27 -23.11 2.75
C LEU D 58 23.42 -23.14 1.75
N LYS D 59 24.09 -24.27 1.67
CA LYS D 59 25.16 -24.48 0.73
C LYS D 59 24.61 -24.54 -0.69
N THR D 60 23.56 -25.31 -0.92
CA THR D 60 23.07 -25.42 -2.29
C THR D 60 22.64 -24.06 -2.88
N PHE D 61 22.00 -23.22 -2.07
CA PHE D 61 21.46 -21.95 -2.59
C PHE D 61 22.22 -20.73 -2.13
N LYS D 62 23.38 -20.98 -1.51
CA LYS D 62 24.30 -19.91 -1.07
C LYS D 62 23.57 -18.89 -0.20
N ILE D 63 22.88 -19.42 0.79
CA ILE D 63 22.08 -18.60 1.69
C ILE D 63 22.98 -18.27 2.87
N PRO D 64 23.29 -16.97 3.10
CA PRO D 64 24.06 -16.69 4.29
C PRO D 64 23.31 -17.07 5.55
N VAL D 65 23.99 -17.70 6.51
CA VAL D 65 23.32 -18.19 7.70
C VAL D 65 22.63 -17.07 8.52
N ASP D 66 23.28 -15.94 8.67
CA ASP D 66 22.70 -14.76 9.39
C ASP D 66 21.44 -14.25 8.66
N THR D 67 21.47 -14.24 7.35
CA THR D 67 20.29 -13.85 6.55
C THR D 67 19.13 -14.81 6.80
N LEU D 68 19.42 -16.11 6.85
CA LEU D 68 18.39 -17.11 7.05
C LEU D 68 17.76 -16.91 8.39
N ILE D 69 18.57 -16.76 9.42
CA ILE D 69 18.04 -16.63 10.77
C ILE D 69 17.29 -15.31 10.93
N THR D 70 17.78 -14.21 10.32
CA THR D 70 17.06 -12.94 10.39
C THR D 70 15.70 -13.05 9.74
N TYR D 71 15.63 -13.64 8.54
CA TYR D 71 14.37 -13.82 7.86
C TYR D 71 13.47 -14.70 8.68
N LEU D 72 13.97 -15.80 9.23
CA LEU D 72 13.09 -16.70 9.94
C LEU D 72 12.48 -16.06 11.16
N MET D 73 13.30 -15.32 11.89
CA MET D 73 12.79 -14.62 13.08
C MET D 73 11.75 -13.59 12.69
N THR D 74 12.03 -12.87 11.62
CA THR D 74 11.12 -11.83 11.10
C THR D 74 9.77 -12.50 10.67
N LEU D 75 9.85 -13.59 9.94
CA LEU D 75 8.65 -14.34 9.52
C LEU D 75 7.87 -14.82 10.74
N GLU D 76 8.57 -15.41 11.70
CA GLU D 76 7.90 -15.93 12.88
C GLU D 76 7.23 -14.82 13.70
N ASP D 77 7.89 -13.68 13.78
CA ASP D 77 7.34 -12.50 14.45
C ASP D 77 6.05 -11.95 13.78
N HIS D 78 5.80 -12.24 12.50
CA HIS D 78 4.59 -11.83 11.83
C HIS D 78 3.45 -12.84 11.91
N TYR D 79 3.67 -13.96 12.60
CA TYR D 79 2.54 -14.80 13.06
C TYR D 79 2.08 -14.20 14.38
N HIS D 80 0.78 -14.16 14.59
CA HIS D 80 0.23 -13.55 15.77
C HIS D 80 0.27 -14.43 16.98
N ALA D 81 0.86 -13.93 18.04
CA ALA D 81 0.92 -14.64 19.29
C ALA D 81 -0.42 -14.68 20.04
N ASP D 82 -1.36 -13.85 19.70
CA ASP D 82 -2.64 -13.89 20.35
C ASP D 82 -3.67 -14.71 19.61
N VAL D 83 -3.27 -15.46 18.60
CA VAL D 83 -4.15 -16.31 17.82
C VAL D 83 -3.90 -17.72 18.35
N ALA D 84 -4.94 -18.45 18.69
CA ALA D 84 -4.75 -19.74 19.39
C ALA D 84 -4.24 -20.89 18.49
N TYR D 85 -4.72 -20.93 17.26
CA TYR D 85 -4.31 -21.97 16.32
C TYR D 85 -3.36 -21.46 15.24
N HIS D 86 -3.77 -20.45 14.46
CA HIS D 86 -3.01 -19.94 13.31
C HIS D 86 -1.86 -19.04 13.70
N ASN D 87 -0.92 -19.64 14.43
CA ASN D 87 0.27 -18.97 14.94
C ASN D 87 1.55 -19.68 14.47
N ASN D 88 2.68 -19.22 14.98
CA ASN D 88 3.97 -19.73 14.64
C ASN D 88 4.16 -21.25 14.95
N ILE D 89 3.43 -21.78 15.91
CA ILE D 89 3.58 -23.20 16.22
C ILE D 89 2.91 -23.99 15.09
N HIS D 90 1.73 -23.56 14.63
CA HIS D 90 1.10 -24.20 13.49
C HIS D 90 2.00 -24.11 12.25
N ALA D 91 2.62 -22.96 11.99
CA ALA D 91 3.51 -22.82 10.88
C ALA D 91 4.68 -23.83 10.96
N ALA D 92 5.31 -23.90 12.14
CA ALA D 92 6.37 -24.83 12.38
C ALA D 92 5.96 -26.30 12.13
N ASP D 93 4.75 -26.63 12.58
CA ASP D 93 4.20 -27.94 12.41
C ASP D 93 3.99 -28.28 10.96
N VAL D 94 3.43 -27.35 10.19
CA VAL D 94 3.19 -27.62 8.78
C VAL D 94 4.52 -27.75 8.01
N VAL D 95 5.51 -26.92 8.37
CA VAL D 95 6.82 -27.03 7.77
C VAL D 95 7.41 -28.43 8.01
N GLN D 96 7.41 -28.83 9.26
CA GLN D 96 8.01 -30.09 9.65
C GLN D 96 7.29 -31.28 9.07
N SER D 97 5.95 -31.21 8.98
CA SER D 97 5.18 -32.28 8.39
C SER D 97 5.43 -32.36 6.90
N THR D 98 5.54 -31.21 6.22
CA THR D 98 5.92 -31.21 4.82
C THR D 98 7.30 -31.83 4.63
N HIS D 99 8.23 -31.47 5.47
CA HIS D 99 9.57 -32.03 5.45
C HIS D 99 9.57 -33.58 5.53
N VAL D 100 8.74 -34.12 6.39
CA VAL D 100 8.62 -35.60 6.52
C VAL D 100 7.99 -36.15 5.28
N LEU D 101 6.93 -35.51 4.75
CA LEU D 101 6.28 -36.00 3.55
C LEU D 101 7.18 -35.97 2.34
N LEU D 102 8.03 -34.95 2.23
CA LEU D 102 8.96 -34.88 1.14
C LEU D 102 10.03 -35.98 1.17
N SER D 103 10.35 -36.46 2.36
CA SER D 103 11.31 -37.54 2.56
C SER D 103 10.74 -38.90 2.36
N THR D 104 9.48 -39.01 1.92
CA THR D 104 8.83 -40.32 1.88
C THR D 104 9.57 -41.22 0.82
N PRO D 105 9.76 -42.52 1.11
CA PRO D 105 10.53 -43.33 0.14
C PRO D 105 9.99 -43.27 -1.28
N ALA D 106 8.69 -43.31 -1.44
CA ALA D 106 8.09 -43.18 -2.78
C ALA D 106 8.41 -41.91 -3.59
N LEU D 107 8.91 -40.88 -2.94
CA LEU D 107 9.29 -39.61 -3.65
C LEU D 107 10.77 -39.36 -3.69
N GLU D 108 11.59 -40.35 -3.32
CA GLU D 108 12.99 -40.14 -3.26
C GLU D 108 13.54 -39.75 -4.65
N ALA D 109 14.30 -38.65 -4.68
CA ALA D 109 14.89 -38.08 -5.88
C ALA D 109 13.91 -37.62 -6.96
N VAL D 110 12.62 -37.54 -6.64
CA VAL D 110 11.66 -37.08 -7.61
C VAL D 110 11.74 -35.57 -7.82
N PHE D 111 11.83 -34.79 -6.73
CA PHE D 111 11.79 -33.35 -6.77
C PHE D 111 13.20 -32.73 -6.82
N THR D 112 13.34 -31.65 -7.58
CA THR D 112 14.60 -30.90 -7.56
C THR D 112 14.82 -30.14 -6.26
N ASP D 113 16.05 -29.70 -6.03
CA ASP D 113 16.39 -28.85 -4.87
C ASP D 113 15.50 -27.56 -4.83
N LEU D 114 15.25 -26.97 -5.99
CA LEU D 114 14.42 -25.79 -6.05
C LEU D 114 12.95 -26.08 -5.69
N GLU D 115 12.43 -27.20 -6.15
CA GLU D 115 11.09 -27.65 -5.75
C GLU D 115 10.98 -27.93 -4.26
N ILE D 116 12.01 -28.55 -3.71
CA ILE D 116 12.05 -28.80 -2.30
C ILE D 116 12.04 -27.46 -1.52
N LEU D 117 12.88 -26.55 -1.92
CA LEU D 117 12.95 -25.21 -1.33
C LEU D 117 11.58 -24.51 -1.37
N ALA D 118 10.92 -24.60 -2.52
CA ALA D 118 9.62 -24.03 -2.71
C ALA D 118 8.58 -24.61 -1.75
N ALA D 119 8.58 -25.93 -1.59
CA ALA D 119 7.58 -26.54 -0.77
C ALA D 119 7.76 -26.16 0.74
N ILE D 120 9.01 -26.14 1.16
CA ILE D 120 9.32 -25.82 2.54
C ILE D 120 9.07 -24.32 2.86
N PHE D 121 9.51 -23.45 1.94
CA PHE D 121 9.26 -22.01 2.12
C PHE D 121 7.78 -21.74 2.11
N ALA D 122 7.06 -22.34 1.16
CA ALA D 122 5.61 -22.20 1.10
C ALA D 122 4.94 -22.59 2.42
N SER D 123 5.35 -23.73 2.95
CA SER D 123 4.82 -24.18 4.23
C SER D 123 5.08 -23.17 5.33
N ALA D 124 6.27 -22.60 5.34
CA ALA D 124 6.65 -21.68 6.44
C ALA D 124 5.83 -20.39 6.42
N ILE D 125 5.55 -19.88 5.21
CA ILE D 125 4.82 -18.60 5.08
C ILE D 125 3.30 -18.78 4.95
N HIS D 126 2.77 -20.01 4.90
CA HIS D 126 1.46 -20.23 4.33
C HIS D 126 0.28 -19.61 5.11
N ASP D 127 0.49 -19.34 6.41
CA ASP D 127 -0.49 -18.64 7.21
C ASP D 127 0.02 -17.37 7.90
N VAL D 128 1.07 -16.77 7.40
CA VAL D 128 1.65 -15.64 8.10
C VAL D 128 0.71 -14.43 8.15
N ASP D 129 0.71 -13.77 9.31
CA ASP D 129 -0.19 -12.63 9.60
C ASP D 129 -1.67 -13.00 9.57
N HIS D 130 -1.99 -14.25 9.94
CA HIS D 130 -3.37 -14.72 10.01
C HIS D 130 -4.03 -13.97 11.21
N PRO D 131 -5.19 -13.36 10.99
CA PRO D 131 -5.90 -12.67 12.08
C PRO D 131 -6.75 -13.56 12.99
N GLY D 132 -6.87 -14.84 12.74
CA GLY D 132 -7.69 -15.69 13.60
C GLY D 132 -9.15 -15.70 13.31
N VAL D 133 -9.50 -15.21 12.13
CA VAL D 133 -10.86 -15.25 11.62
C VAL D 133 -10.84 -15.67 10.17
N SER D 134 -11.96 -16.19 9.72
CA SER D 134 -12.06 -16.80 8.40
C SER D 134 -12.24 -15.84 7.27
N ASN D 135 -12.05 -16.34 6.04
CA ASN D 135 -12.29 -15.55 4.87
C ASN D 135 -13.69 -14.95 4.87
N GLN D 136 -14.70 -15.74 5.21
CA GLN D 136 -16.06 -15.24 5.16
C GLN D 136 -16.28 -14.10 6.16
N PHE D 137 -15.66 -14.18 7.32
CA PHE D 137 -15.69 -13.09 8.31
C PHE D 137 -15.09 -11.80 7.75
N LEU D 138 -13.96 -11.93 7.10
CA LEU D 138 -13.30 -10.75 6.47
C LEU D 138 -14.16 -10.14 5.35
N ILE D 139 -14.81 -10.99 4.58
CA ILE D 139 -15.69 -10.55 3.52
C ILE D 139 -16.92 -9.79 4.10
N ASN D 140 -17.55 -10.42 5.07
CA ASN D 140 -18.77 -9.93 5.69
C ASN D 140 -18.59 -8.62 6.47
N THR D 141 -17.38 -8.37 6.98
CA THR D 141 -17.07 -7.11 7.64
C THR D 141 -16.62 -6.03 6.69
N ASN D 142 -16.55 -6.32 5.40
CA ASN D 142 -16.06 -5.36 4.41
C ASN D 142 -14.63 -4.94 4.71
N SER D 143 -13.80 -5.88 5.14
CA SER D 143 -12.45 -5.53 5.52
C SER D 143 -11.64 -5.13 4.30
N GLU D 144 -10.61 -4.37 4.61
CA GLU D 144 -9.66 -3.93 3.62
C GLU D 144 -9.01 -5.11 2.85
N LEU D 145 -8.68 -6.19 3.56
CA LEU D 145 -8.11 -7.36 2.87
C LEU D 145 -9.08 -7.96 1.90
N ALA D 146 -10.34 -8.09 2.26
CA ALA D 146 -11.32 -8.66 1.32
C ALA D 146 -11.50 -7.79 0.07
N LEU D 147 -11.45 -6.48 0.25
CA LEU D 147 -11.49 -5.55 -0.88
C LEU D 147 -10.27 -5.67 -1.77
N MET D 148 -9.08 -5.78 -1.18
CA MET D 148 -7.87 -5.92 -1.96
C MET D 148 -7.87 -7.16 -2.83
N TYR D 149 -8.43 -8.25 -2.33
CA TYR D 149 -8.38 -9.53 -3.04
C TYR D 149 -9.71 -10.02 -3.61
N ASN D 150 -10.67 -9.13 -3.74
CA ASN D 150 -11.94 -9.44 -4.40
C ASN D 150 -12.65 -10.62 -3.81
N ASP D 151 -12.62 -10.71 -2.49
CA ASP D 151 -13.26 -11.77 -1.76
C ASP D 151 -12.76 -13.20 -2.13
N SER D 152 -11.66 -13.36 -2.88
CA SER D 152 -11.24 -14.65 -3.35
C SER D 152 -9.91 -15.03 -2.70
N SER D 153 -9.93 -16.16 -2.02
CA SER D 153 -8.78 -16.61 -1.22
C SER D 153 -8.10 -15.44 -0.51
N VAL D 154 -8.91 -14.68 0.23
CA VAL D 154 -8.44 -13.44 0.78
C VAL D 154 -7.20 -13.65 1.67
N LEU D 155 -7.34 -14.51 2.67
CA LEU D 155 -6.24 -14.76 3.62
C LEU D 155 -5.00 -15.32 2.88
N GLU D 156 -5.22 -16.28 2.00
CA GLU D 156 -4.14 -16.96 1.31
C GLU D 156 -3.33 -16.03 0.37
N ASN D 157 -4.03 -15.16 -0.35
CA ASN D 157 -3.34 -14.05 -1.07
C ASN D 157 -2.52 -13.18 -0.10
N HIS D 158 -3.09 -12.87 1.05
CA HIS D 158 -2.39 -12.03 2.00
C HIS D 158 -1.12 -12.74 2.56
N HIS D 159 -1.25 -14.03 2.90
CA HIS D 159 -0.10 -14.75 3.43
C HIS D 159 1.07 -14.71 2.45
N LEU D 160 0.78 -14.92 1.18
CA LEU D 160 1.79 -14.86 0.17
C LEU D 160 2.48 -13.47 0.09
N ALA D 161 1.64 -12.44 0.06
CA ALA D 161 2.16 -11.10 -0.11
C ALA D 161 3.07 -10.73 1.10
N VAL D 162 2.66 -11.07 2.30
CA VAL D 162 3.49 -10.77 3.45
C VAL D 162 4.77 -11.62 3.46
N GLY D 163 4.65 -12.92 3.21
CA GLY D 163 5.82 -13.80 3.18
C GLY D 163 6.94 -13.29 2.23
N PHE D 164 6.55 -12.84 1.02
CA PHE D 164 7.48 -12.29 0.07
C PHE D 164 7.95 -10.87 0.44
N LYS D 165 7.04 -10.03 0.92
CA LYS D 165 7.44 -8.66 1.30
C LYS D 165 8.50 -8.67 2.42
N LEU D 166 8.40 -9.62 3.34
CA LEU D 166 9.36 -9.70 4.43
C LEU D 166 10.78 -9.94 4.00
N LEU D 167 10.95 -10.47 2.78
CA LEU D 167 12.31 -10.65 2.22
C LEU D 167 13.06 -9.33 2.02
N GLN D 168 12.31 -8.22 1.99
CA GLN D 168 12.89 -6.89 1.82
C GLN D 168 13.32 -6.21 3.10
N GLU D 169 13.07 -6.81 4.26
CA GLU D 169 13.54 -6.22 5.51
C GLU D 169 15.09 -6.41 5.60
N GLU D 170 15.70 -5.69 6.54
CA GLU D 170 17.16 -5.63 6.63
C GLU D 170 17.75 -7.02 6.78
N ASN D 171 18.64 -7.38 5.88
CA ASN D 171 19.31 -8.68 5.84
C ASN D 171 18.33 -9.87 5.87
N CYS D 172 17.24 -9.77 5.12
CA CYS D 172 16.21 -10.82 5.09
C CYS D 172 16.12 -11.56 3.75
N ASP D 173 16.91 -11.18 2.77
CA ASP D 173 16.67 -11.73 1.43
C ASP D 173 17.43 -13.06 1.25
N ILE D 174 16.81 -14.10 1.74
CA ILE D 174 17.38 -15.44 1.67
C ILE D 174 17.58 -15.98 0.23
N PHE D 175 16.93 -15.37 -0.75
CA PHE D 175 17.05 -15.77 -2.11
C PHE D 175 17.99 -14.89 -2.93
N GLN D 176 18.79 -14.07 -2.26
CA GLN D 176 19.65 -13.10 -2.93
C GLN D 176 20.64 -13.76 -3.92
N ASN D 177 21.06 -14.99 -3.70
CA ASN D 177 22.03 -15.65 -4.60
C ASN D 177 21.42 -16.62 -5.61
N LEU D 178 20.10 -16.72 -5.67
CA LEU D 178 19.46 -17.47 -6.75
C LEU D 178 19.50 -16.65 -8.05
N THR D 179 19.56 -17.34 -9.18
CA THR D 179 19.46 -16.67 -10.46
C THR D 179 18.03 -16.13 -10.63
N LYS D 180 17.87 -15.22 -11.57
CA LYS D 180 16.55 -14.77 -11.95
C LYS D 180 15.61 -15.92 -12.35
N LYS D 181 16.10 -16.85 -13.14
CA LYS D 181 15.25 -17.96 -13.58
C LYS D 181 14.82 -18.83 -12.39
N GLN D 182 15.73 -19.08 -11.45
CA GLN D 182 15.40 -19.83 -10.22
C GLN D 182 14.36 -19.07 -9.41
N ARG D 183 14.53 -17.75 -9.27
CA ARG D 183 13.59 -16.92 -8.46
C ARG D 183 12.22 -16.89 -9.05
N GLN D 184 12.11 -16.83 -10.37
CA GLN D 184 10.81 -16.79 -11.02
C GLN D 184 10.09 -18.14 -10.87
N SER D 185 10.85 -19.20 -11.02
CA SER D 185 10.28 -20.54 -10.92
C SER D 185 9.85 -20.81 -9.44
N LEU D 186 10.70 -20.49 -8.49
CA LEU D 186 10.36 -20.59 -7.06
C LEU D 186 9.12 -19.82 -6.71
N ARG D 187 9.06 -18.57 -7.17
CA ARG D 187 7.93 -17.71 -6.89
C ARG D 187 6.65 -18.29 -7.38
N LYS D 188 6.66 -18.73 -8.62
CA LYS D 188 5.43 -19.30 -9.18
C LYS D 188 4.97 -20.56 -8.41
N MET D 189 5.94 -21.42 -8.03
CA MET D 189 5.56 -22.63 -7.30
C MET D 189 4.97 -22.29 -5.94
N VAL D 190 5.59 -21.35 -5.25
CA VAL D 190 5.15 -20.96 -3.93
C VAL D 190 3.75 -20.39 -3.99
N ILE D 191 3.50 -19.54 -4.94
CA ILE D 191 2.15 -19.03 -5.15
C ILE D 191 1.15 -20.16 -5.37
N ASP D 192 1.48 -21.04 -6.29
CA ASP D 192 0.56 -22.16 -6.58
C ASP D 192 0.30 -23.04 -5.34
N ILE D 193 1.34 -23.26 -4.52
CA ILE D 193 1.15 -24.06 -3.33
C ILE D 193 0.29 -23.36 -2.26
N VAL D 194 0.63 -22.11 -1.93
CA VAL D 194 -0.12 -21.47 -0.85
C VAL D 194 -1.60 -21.26 -1.23
N LEU D 195 -1.88 -20.88 -2.48
CA LEU D 195 -3.26 -20.68 -2.87
C LEU D 195 -4.09 -21.97 -2.74
N ALA D 196 -3.40 -23.12 -2.92
CA ALA D 196 -4.05 -24.40 -2.77
C ALA D 196 -4.40 -24.76 -1.33
N THR D 197 -3.95 -23.99 -0.33
CA THR D 197 -4.34 -24.20 1.06
C THR D 197 -5.66 -23.64 1.48
N ASP D 198 -6.29 -22.86 0.61
CA ASP D 198 -7.67 -22.39 0.83
C ASP D 198 -8.58 -23.64 0.72
N MET D 199 -9.30 -23.96 1.77
CA MET D 199 -10.24 -25.12 1.77
C MET D 199 -11.29 -25.08 0.66
N SER D 200 -11.61 -23.90 0.09
CA SER D 200 -12.56 -23.89 -1.02
C SER D 200 -11.95 -24.67 -2.21
N LYS D 201 -10.65 -24.89 -2.24
CA LYS D 201 -10.02 -25.66 -3.31
C LYS D 201 -9.89 -27.17 -3.04
N HIS D 202 -10.25 -27.60 -1.85
CA HIS D 202 -9.99 -28.95 -1.40
C HIS D 202 -10.56 -30.02 -2.32
N MET D 203 -11.82 -29.86 -2.71
CA MET D 203 -12.52 -30.92 -3.51
C MET D 203 -11.87 -31.08 -4.86
N ASN D 204 -11.53 -29.96 -5.52
CA ASN D 204 -10.78 -30.08 -6.77
C ASN D 204 -9.38 -30.67 -6.65
N LEU D 205 -8.63 -30.26 -5.62
CA LEU D 205 -7.32 -30.83 -5.41
C LEU D 205 -7.42 -32.35 -5.22
N LEU D 206 -8.40 -32.79 -4.44
CA LEU D 206 -8.56 -34.21 -4.12
C LEU D 206 -8.95 -35.04 -5.37
N ALA D 207 -9.89 -34.50 -6.14
CA ALA D 207 -10.30 -35.10 -7.41
C ALA D 207 -9.09 -35.31 -8.31
N ASP D 208 -8.22 -34.33 -8.38
CA ASP D 208 -7.02 -34.48 -9.18
C ASP D 208 -6.02 -35.44 -8.59
N LEU D 209 -5.89 -35.42 -7.28
CA LEU D 209 -5.02 -36.39 -6.65
C LEU D 209 -5.55 -37.84 -6.94
N LYS D 210 -6.88 -38.02 -6.90
CA LYS D 210 -7.47 -39.35 -7.16
C LYS D 210 -7.17 -39.80 -8.60
N THR D 211 -7.28 -38.88 -9.55
CA THR D 211 -6.96 -39.15 -10.95
C THR D 211 -5.54 -39.59 -11.12
N MET D 212 -4.64 -38.92 -10.42
CA MET D 212 -3.27 -39.31 -10.44
C MET D 212 -3.02 -40.70 -9.84
N VAL D 213 -3.69 -41.04 -8.76
CA VAL D 213 -3.59 -42.39 -8.19
C VAL D 213 -4.08 -43.43 -9.21
N GLU D 214 -5.21 -43.16 -9.86
CA GLU D 214 -5.77 -44.07 -10.87
C GLU D 214 -4.86 -44.27 -12.08
N THR D 215 -4.01 -43.30 -12.44
CA THR D 215 -3.09 -43.42 -13.56
C THR D 215 -1.61 -43.48 -13.11
N LYS D 216 -1.40 -43.94 -11.88
CA LYS D 216 -0.08 -43.84 -11.21
C LYS D 216 0.95 -44.62 -12.00
N LYS D 217 2.11 -44.02 -12.26
CA LYS D 217 3.28 -44.73 -12.80
C LYS D 217 4.45 -44.61 -11.83
N VAL D 218 5.28 -45.63 -11.76
CA VAL D 218 6.47 -45.67 -10.98
C VAL D 218 7.66 -45.98 -11.87
N THR D 219 8.82 -45.39 -11.57
CA THR D 219 10.05 -45.66 -12.33
C THR D 219 10.60 -47.04 -11.95
N SER D 220 11.67 -47.46 -12.64
CA SER D 220 12.29 -48.75 -12.28
C SER D 220 13.02 -48.69 -10.90
N SER D 221 13.31 -47.49 -10.38
CA SER D 221 13.81 -47.28 -9.02
C SER D 221 12.71 -47.31 -7.91
N GLY D 222 11.44 -47.47 -8.32
CA GLY D 222 10.32 -47.63 -7.38
C GLY D 222 9.74 -46.28 -6.88
N VAL D 223 10.08 -45.18 -7.55
CA VAL D 223 9.59 -43.87 -7.16
C VAL D 223 8.56 -43.34 -8.14
N LEU D 224 7.74 -42.35 -7.70
CA LEU D 224 6.73 -41.79 -8.58
C LEU D 224 7.30 -41.16 -9.81
N LEU D 225 6.63 -41.38 -10.93
CA LEU D 225 7.01 -40.73 -12.19
C LEU D 225 6.11 -39.49 -12.39
N LEU D 226 6.70 -38.32 -12.43
CA LEU D 226 5.98 -37.09 -12.60
C LEU D 226 6.68 -36.27 -13.66
N ASP D 227 6.17 -36.28 -14.87
CA ASP D 227 7.00 -35.79 -15.99
C ASP D 227 6.53 -34.47 -16.59
N ASN D 228 5.62 -33.76 -15.94
CA ASN D 228 5.20 -32.40 -16.38
C ASN D 228 4.89 -31.49 -15.17
N TYR D 229 4.91 -30.16 -15.36
CA TYR D 229 4.71 -29.20 -14.26
C TYR D 229 3.35 -29.44 -13.59
N SER D 230 2.30 -29.64 -14.35
CA SER D 230 1.02 -29.84 -13.81
C SER D 230 0.93 -30.94 -12.75
N ASP D 231 1.54 -32.08 -13.04
CA ASP D 231 1.51 -33.22 -12.10
C ASP D 231 2.46 -32.96 -10.93
N ARG D 232 3.61 -32.38 -11.20
CA ARG D 232 4.57 -32.07 -10.16
C ARG D 232 4.02 -31.06 -9.13
N ILE D 233 3.42 -29.99 -9.62
CA ILE D 233 2.88 -28.96 -8.74
C ILE D 233 1.64 -29.49 -8.02
N GLN D 234 0.83 -30.31 -8.70
CA GLN D 234 -0.32 -30.90 -8.02
C GLN D 234 0.08 -31.76 -6.83
N VAL D 235 1.13 -32.55 -6.99
CA VAL D 235 1.60 -33.35 -5.89
C VAL D 235 2.12 -32.45 -4.75
N LEU D 236 2.89 -31.42 -5.08
CA LEU D 236 3.35 -30.48 -4.05
C LEU D 236 2.23 -29.75 -3.35
N GLN D 237 1.22 -29.33 -4.12
CA GLN D 237 0.05 -28.67 -3.53
C GLN D 237 -0.67 -29.60 -2.57
N ASN D 238 -0.92 -30.85 -3.00
CA ASN D 238 -1.55 -31.83 -2.12
C ASN D 238 -0.69 -32.18 -0.92
N MET D 239 0.62 -32.18 -1.10
CA MET D 239 1.50 -32.49 -0.01
C MET D 239 1.38 -31.46 1.12
N VAL D 240 1.43 -30.17 0.77
CA VAL D 240 1.35 -29.11 1.78
C VAL D 240 -0.03 -29.06 2.36
N HIS D 241 -1.05 -29.30 1.52
CA HIS D 241 -2.42 -29.40 2.00
C HIS D 241 -2.59 -30.54 3.01
N CYS D 242 -2.03 -31.75 2.72
CA CYS D 242 -2.00 -32.86 3.68
C CYS D 242 -1.32 -32.45 4.99
N ALA D 243 -0.22 -31.74 4.90
CA ALA D 243 0.45 -31.25 6.11
C ALA D 243 -0.42 -30.29 6.92
N ASP D 244 -1.12 -29.40 6.20
CA ASP D 244 -2.01 -28.41 6.82
C ASP D 244 -3.19 -29.16 7.54
N LEU D 245 -3.60 -30.28 6.95
CA LEU D 245 -4.68 -31.14 7.47
C LEU D 245 -4.13 -32.39 8.18
N SER D 246 -2.96 -32.28 8.82
CA SER D 246 -2.31 -33.43 9.39
C SER D 246 -2.65 -33.62 10.87
N ASN D 247 -3.28 -32.64 11.53
CA ASN D 247 -3.43 -32.71 12.97
C ASN D 247 -4.09 -34.05 13.44
N PRO D 248 -5.17 -34.50 12.77
CA PRO D 248 -5.81 -35.73 13.27
C PRO D 248 -5.05 -37.01 13.03
N THR D 249 -3.93 -36.90 12.27
CA THR D 249 -3.06 -38.04 12.00
C THR D 249 -1.89 -38.15 12.96
N LYS D 250 -1.77 -37.21 13.87
CA LYS D 250 -0.68 -37.19 14.78
C LYS D 250 -0.99 -38.02 16.05
N PRO D 251 0.04 -38.43 16.81
CA PRO D 251 -0.25 -38.96 18.16
C PRO D 251 -1.28 -38.15 18.91
N LEU D 252 -2.14 -38.85 19.61
CA LEU D 252 -3.34 -38.25 20.17
C LEU D 252 -3.07 -37.06 21.08
N GLN D 253 -2.00 -37.09 21.86
CA GLN D 253 -1.79 -35.95 22.75
C GLN D 253 -1.46 -34.67 21.96
N LEU D 254 -0.88 -34.82 20.77
CA LEU D 254 -0.66 -33.66 19.89
C LEU D 254 -1.98 -33.22 19.29
N TYR D 255 -2.70 -34.15 18.70
CA TYR D 255 -4.01 -33.90 18.10
C TYR D 255 -4.95 -33.17 19.05
N ARG D 256 -5.07 -33.62 20.28
CA ARG D 256 -5.94 -32.99 21.25
C ARG D 256 -5.57 -31.52 21.51
N GLN D 257 -4.31 -31.20 21.55
CA GLN D 257 -3.88 -29.82 21.70
C GLN D 257 -4.31 -28.97 20.50
N TRP D 258 -4.17 -29.50 19.30
CA TRP D 258 -4.57 -28.79 18.10
C TRP D 258 -6.07 -28.56 18.10
N THR D 259 -6.82 -29.57 18.54
CA THR D 259 -8.28 -29.46 18.66
C THR D 259 -8.68 -28.37 19.67
N ASP D 260 -8.04 -28.33 20.82
CA ASP D 260 -8.32 -27.28 21.80
C ASP D 260 -8.09 -25.90 21.18
N ARG D 261 -6.97 -25.78 20.43
CA ARG D 261 -6.58 -24.54 19.88
C ARG D 261 -7.55 -24.08 18.77
N ILE D 262 -7.86 -24.96 17.81
CA ILE D 262 -8.76 -24.56 16.75
C ILE D 262 -10.15 -24.16 17.32
N MET D 263 -10.59 -24.89 18.33
CA MET D 263 -11.89 -24.60 18.94
C MET D 263 -11.89 -23.30 19.69
N GLU D 264 -10.79 -22.97 20.37
CA GLU D 264 -10.68 -21.65 20.98
C GLU D 264 -10.73 -20.54 19.94
N GLU D 265 -10.01 -20.73 18.82
CA GLU D 265 -10.03 -19.73 17.79
C GLU D 265 -11.43 -19.56 17.18
N PHE D 266 -12.05 -20.68 16.83
CA PHE D 266 -13.39 -20.65 16.24
C PHE D 266 -14.42 -20.01 17.21
N PHE D 267 -14.36 -20.39 18.48
CA PHE D 267 -15.33 -19.83 19.46
C PHE D 267 -15.11 -18.36 19.64
N ARG D 268 -13.86 -17.89 19.58
CA ARG D 268 -13.60 -16.48 19.64
C ARG D 268 -14.18 -15.76 18.44
N GLN D 269 -14.09 -16.35 17.25
CA GLN D 269 -14.73 -15.76 16.10
C GLN D 269 -16.26 -15.69 16.31
N GLY D 270 -16.84 -16.77 16.76
CA GLY D 270 -18.26 -16.79 17.02
C GLY D 270 -18.74 -15.75 18.05
N ASP D 271 -17.96 -15.51 19.10
CA ASP D 271 -18.24 -14.43 20.04
C ASP D 271 -18.23 -13.08 19.33
N ARG D 272 -17.27 -12.85 18.43
CA ARG D 272 -17.24 -11.59 17.70
C ARG D 272 -18.42 -11.49 16.72
N GLU D 273 -18.80 -12.59 16.07
CA GLU D 273 -19.99 -12.60 15.23
C GLU D 273 -21.26 -12.30 16.06
N ARG D 274 -21.40 -12.97 17.21
CA ARG D 274 -22.60 -12.79 18.06
C ARG D 274 -22.70 -11.35 18.55
N GLU D 275 -21.60 -10.79 19.05
CA GLU D 275 -21.45 -9.36 19.43
C GLU D 275 -21.99 -8.44 18.38
N ARG D 276 -21.76 -8.76 17.12
CA ARG D 276 -22.10 -7.86 16.01
C ARG D 276 -23.41 -8.21 15.38
N GLY D 277 -24.15 -9.19 15.91
CA GLY D 277 -25.41 -9.62 15.30
C GLY D 277 -25.28 -10.35 13.98
N MET D 278 -24.08 -10.88 13.67
CA MET D 278 -23.86 -11.66 12.43
C MET D 278 -24.28 -13.06 12.71
N GLU D 279 -24.59 -13.80 11.66
CA GLU D 279 -24.81 -15.24 11.77
C GLU D 279 -23.52 -15.88 12.32
N ILE D 280 -23.64 -16.80 13.29
CA ILE D 280 -22.46 -17.45 13.88
C ILE D 280 -22.05 -18.60 12.93
N SER D 281 -20.78 -18.65 12.51
CA SER D 281 -20.32 -19.64 11.54
C SER D 281 -20.39 -21.08 12.10
N PRO D 282 -20.42 -22.09 11.22
CA PRO D 282 -20.36 -23.49 11.72
C PRO D 282 -19.17 -23.74 12.72
N MET D 283 -19.48 -24.42 13.84
CA MET D 283 -18.53 -24.82 14.92
C MET D 283 -18.05 -23.67 15.79
N CYS D 284 -18.57 -22.45 15.57
CA CYS D 284 -18.09 -21.22 16.25
C CYS D 284 -18.96 -20.77 17.43
N ASP D 285 -20.06 -21.47 17.66
CA ASP D 285 -20.97 -21.13 18.76
C ASP D 285 -20.63 -22.00 19.99
N LYS D 286 -19.93 -21.40 20.95
CA LYS D 286 -19.56 -22.08 22.18
C LYS D 286 -20.78 -22.57 23.03
N HIS D 287 -21.96 -21.95 22.85
CA HIS D 287 -23.19 -22.32 23.59
C HIS D 287 -23.92 -23.49 22.93
N ASN D 288 -23.61 -23.77 21.66
CA ASN D 288 -24.28 -24.78 20.84
C ASN D 288 -23.23 -25.55 19.99
N ALA D 289 -22.29 -26.16 20.67
CA ALA D 289 -21.19 -26.86 20.05
C ALA D 289 -21.05 -28.31 20.40
N SER D 290 -20.50 -29.02 19.43
CA SER D 290 -20.23 -30.43 19.53
C SER D 290 -18.82 -30.64 19.01
N VAL D 291 -17.85 -30.31 19.83
CA VAL D 291 -16.47 -30.44 19.48
C VAL D 291 -16.08 -31.82 19.02
N GLU D 292 -16.55 -32.84 19.71
CA GLU D 292 -16.17 -34.22 19.40
C GLU D 292 -16.80 -34.69 18.10
N LYS D 293 -18.08 -34.40 17.94
CA LYS D 293 -18.79 -34.70 16.70
C LYS D 293 -18.15 -33.94 15.51
N SER D 294 -17.77 -32.69 15.73
CA SER D 294 -17.06 -31.93 14.72
C SER D 294 -15.77 -32.57 14.28
N GLN D 295 -14.97 -33.06 15.22
CA GLN D 295 -13.76 -33.80 14.85
C GLN D 295 -14.07 -35.05 14.02
N VAL D 296 -15.08 -35.80 14.41
CA VAL D 296 -15.39 -37.03 13.68
C VAL D 296 -15.87 -36.66 12.28
N GLY D 297 -16.67 -35.61 12.19
CA GLY D 297 -17.09 -35.07 10.89
C GLY D 297 -15.94 -34.59 10.01
N PHE D 298 -15.01 -33.88 10.63
CA PHE D 298 -13.81 -33.37 9.94
C PHE D 298 -13.00 -34.55 9.38
N ILE D 299 -12.82 -35.57 10.19
CA ILE D 299 -12.13 -36.76 9.73
C ILE D 299 -12.88 -37.49 8.62
N ASP D 300 -14.17 -37.79 8.88
CA ASP D 300 -14.95 -38.56 7.89
C ASP D 300 -15.12 -37.90 6.53
N TYR D 301 -15.32 -36.59 6.50
CA TYR D 301 -15.61 -35.93 5.23
C TYR D 301 -14.43 -35.25 4.59
N ILE D 302 -13.39 -34.93 5.34
CA ILE D 302 -12.26 -34.16 4.75
C ILE D 302 -10.93 -34.89 4.91
N VAL D 303 -10.53 -35.17 6.15
CA VAL D 303 -9.17 -35.60 6.42
C VAL D 303 -8.92 -37.04 5.95
N HIS D 304 -9.85 -37.95 6.23
CA HIS D 304 -9.65 -39.38 5.87
C HIS D 304 -9.72 -39.57 4.37
N PRO D 305 -10.68 -38.95 3.66
CA PRO D 305 -10.63 -39.13 2.19
C PRO D 305 -9.32 -38.60 1.56
N LEU D 306 -8.80 -37.49 2.08
CA LEU D 306 -7.53 -36.98 1.54
C LEU D 306 -6.37 -37.92 1.85
N TRP D 307 -6.21 -38.24 3.13
CA TRP D 307 -5.05 -39.06 3.55
C TRP D 307 -5.08 -40.50 3.01
N GLU D 308 -6.28 -41.03 2.81
CA GLU D 308 -6.40 -42.35 2.18
C GLU D 308 -5.92 -42.26 0.77
N THR D 309 -6.24 -41.17 0.08
CA THR D 309 -5.78 -41.06 -1.30
C THR D 309 -4.26 -40.80 -1.34
N TRP D 310 -3.75 -39.94 -0.45
CA TRP D 310 -2.30 -39.70 -0.40
C TRP D 310 -1.60 -41.05 -0.10
N ALA D 311 -2.13 -41.81 0.87
CA ALA D 311 -1.55 -43.14 1.23
C ALA D 311 -1.45 -44.09 0.03
N ASP D 312 -2.49 -44.09 -0.80
CA ASP D 312 -2.46 -44.83 -2.07
C ASP D 312 -1.38 -44.35 -2.99
N LEU D 313 -1.23 -43.05 -3.12
CA LEU D 313 -0.16 -42.52 -3.97
C LEU D 313 1.24 -42.98 -3.55
N VAL D 314 1.51 -42.95 -2.25
CA VAL D 314 2.86 -43.29 -1.79
C VAL D 314 2.94 -44.69 -1.14
N HIS D 315 1.98 -45.55 -1.48
CA HIS D 315 1.81 -46.89 -0.83
C HIS D 315 3.13 -47.66 -0.75
N PRO D 316 3.53 -48.19 0.41
CA PRO D 316 2.81 -48.20 1.68
C PRO D 316 3.33 -47.22 2.70
N ASP D 317 4.06 -46.20 2.25
CA ASP D 317 4.81 -45.30 3.16
C ASP D 317 3.97 -44.67 4.27
N ALA D 318 2.71 -44.39 4.00
CA ALA D 318 1.86 -43.64 4.90
C ALA D 318 0.90 -44.51 5.74
N GLN D 319 1.13 -45.84 5.72
CA GLN D 319 0.19 -46.75 6.42
C GLN D 319 0.04 -46.43 7.94
N ASP D 320 1.13 -46.14 8.64
CA ASP D 320 1.06 -45.87 10.08
C ASP D 320 0.33 -44.53 10.37
N ILE D 321 0.46 -43.58 9.45
CA ILE D 321 -0.26 -42.30 9.52
C ILE D 321 -1.76 -42.56 9.40
N LEU D 322 -2.17 -43.34 8.41
CA LEU D 322 -3.55 -43.66 8.23
C LEU D 322 -4.12 -44.46 9.40
N ASP D 323 -3.32 -45.39 9.94
CA ASP D 323 -3.75 -46.18 11.10
C ASP D 323 -3.95 -45.25 12.30
N THR D 324 -3.03 -44.32 12.51
CA THR D 324 -3.19 -43.39 13.65
C THR D 324 -4.46 -42.53 13.49
N LEU D 325 -4.71 -42.06 12.27
CA LEU D 325 -5.91 -41.28 11.97
C LEU D 325 -7.20 -42.07 12.38
N GLU D 326 -7.24 -43.32 11.95
CA GLU D 326 -8.43 -44.17 12.22
C GLU D 326 -8.59 -44.44 13.75
N ASP D 327 -7.46 -44.62 14.46
CA ASP D 327 -7.51 -44.73 15.92
C ASP D 327 -8.02 -43.47 16.62
N ASN D 328 -7.51 -42.32 16.15
CA ASN D 328 -7.89 -41.04 16.74
C ASN D 328 -9.39 -40.77 16.49
N ARG D 329 -9.85 -41.20 15.36
CA ARG D 329 -11.22 -41.02 15.00
C ARG D 329 -12.11 -41.75 16.02
N GLU D 330 -11.72 -43.00 16.32
CA GLU D 330 -12.44 -43.84 17.31
C GLU D 330 -12.41 -43.23 18.67
N TRP D 331 -11.26 -42.66 19.03
CA TRP D 331 -11.23 -41.97 20.29
C TRP D 331 -12.23 -40.81 20.40
N TYR D 332 -12.26 -39.93 19.40
CA TYR D 332 -13.20 -38.81 19.43
C TYR D 332 -14.67 -39.30 19.38
N GLN D 333 -14.96 -40.28 18.54
CA GLN D 333 -16.32 -40.91 18.48
C GLN D 333 -16.79 -41.35 19.90
N SER D 334 -15.89 -41.93 20.68
CA SER D 334 -16.21 -42.46 21.96
C SER D 334 -16.37 -41.40 23.03
N THR D 335 -16.02 -40.15 22.76
CA THR D 335 -16.21 -39.07 23.73
C THR D 335 -17.33 -38.13 23.38
N ILE D 336 -18.13 -38.45 22.35
CA ILE D 336 -19.29 -37.60 21.98
C ILE D 336 -20.43 -37.66 23.11
N PRO D 337 -20.85 -36.51 23.70
CA PRO D 337 -21.86 -36.49 24.83
C PRO D 337 -23.25 -37.10 24.63
ZN ZN E . 10.87 20.19 -8.13
MG MG F . 8.41 19.14 -5.49
C1 EDO G . -0.14 27.18 -7.91
O1 EDO G . -0.70 28.08 -6.93
C2 EDO G . -0.70 25.81 -7.66
O2 EDO G . -0.49 25.55 -6.26
C1 EDO H . 28.74 28.02 -13.64
O1 EDO H . 28.54 27.54 -14.99
C2 EDO H . 29.81 27.13 -13.07
O2 EDO H . 30.78 26.96 -14.11
C1 EDO I . 18.62 -8.99 -8.78
O1 EDO I . 19.77 -8.80 -7.92
C2 EDO I . 17.35 -8.91 -7.96
O2 EDO I . 16.96 -7.56 -7.72
C1 EDO J . 35.92 2.88 -1.25
O1 EDO J . 34.91 3.88 -1.15
C2 EDO J . 35.37 1.76 -0.40
O2 EDO J . 34.25 1.17 -1.14
C1 EDO K . 24.44 10.66 10.38
O1 EDO K . 24.86 11.18 9.13
C2 EDO K . 22.96 10.89 10.24
O2 EDO K . 22.87 12.02 9.40
C1 EDO L . 29.70 28.93 7.98
O1 EDO L . 29.64 28.95 6.55
C2 EDO L . 28.50 28.32 8.68
O2 EDO L . 27.92 29.27 9.59
C1 EDO M . 11.37 19.99 -26.23
O1 EDO M . 11.21 21.20 -25.45
C2 EDO M . 12.23 19.01 -25.45
O2 EDO M . 11.77 17.66 -25.53
C1 PEG N . 12.63 24.05 8.00
O1 PEG N . 13.61 24.98 8.50
C2 PEG N . 13.29 22.77 7.48
O2 PEG N . 12.27 21.94 6.92
C3 PEG N . 12.03 20.68 7.56
C4 PEG N . 11.91 19.69 6.40
O4 PEG N . 12.98 18.73 6.45
C1 PEG O . -4.19 13.33 -11.40
O1 PEG O . -4.76 14.62 -11.63
C2 PEG O . -3.71 12.71 -12.70
O2 PEG O . -2.66 11.75 -12.54
C3 PEG O . -1.37 12.27 -12.86
C4 PEG O . -1.25 12.81 -14.28
O4 PEG O . -0.25 12.16 -15.03
C1 EDO P . 18.78 4.11 1.15
O1 EDO P . 17.62 3.49 1.69
C2 EDO P . 19.85 3.24 1.63
O2 EDO P . 19.47 1.94 1.13
C1 EDO Q . 9.07 14.84 -21.39
O1 EDO Q . 8.14 15.92 -21.36
C2 EDO Q . 8.34 13.95 -20.46
O2 EDO Q . 8.89 12.66 -20.38
C1 EDO R . 27.57 28.31 -8.52
O1 EDO R . 28.94 28.26 -8.88
C2 EDO R . 27.51 29.21 -7.30
O2 EDO R . 27.08 28.60 -6.04
C1 EDO S . 7.88 -1.06 -13.37
O1 EDO S . 8.97 -0.07 -13.16
C2 EDO S . 6.55 -0.43 -12.87
O2 EDO S . 6.45 -0.32 -11.40
C1 PEG T . 1.73 20.89 5.76
O1 PEG T . 1.89 19.58 6.22
C2 PEG T . 2.95 21.14 4.88
O2 PEG T . 2.52 21.47 3.54
C3 PEG T . 2.45 20.49 2.51
C4 PEG T . 0.98 20.02 2.26
O4 PEG T . 0.73 18.62 1.97
C1 PEG U . 13.95 12.73 9.36
O1 PEG U . 15.26 13.22 9.52
C2 PEG U . 14.01 11.36 8.77
O2 PEG U . 14.33 10.49 9.81
C3 PEG U . 15.60 9.95 9.62
C4 PEG U . 15.48 8.47 9.35
O4 PEG U . 16.03 8.14 8.12
C1 PEG V . -3.22 4.17 -6.24
O1 PEG V . -2.38 3.27 -6.99
C2 PEG V . -4.68 3.72 -6.41
O2 PEG V . -4.98 2.49 -5.74
C3 PEG V . -6.39 2.28 -5.50
C4 PEG V . -6.74 2.27 -4.00
O4 PEG V . -5.66 1.66 -3.36
C1 PEG W . 25.92 29.30 -20.36
O1 PEG W . 26.97 29.40 -19.42
C2 PEG W . 26.39 28.61 -21.65
O2 PEG W . 26.24 27.20 -21.64
C3 PEG W . 27.03 26.58 -22.63
C4 PEG W . 26.21 26.30 -23.89
O4 PEG W . 27.05 26.01 -25.00
C1 D62 X . 9.20 29.05 -13.92
N2 D62 X . 5.50 26.95 -6.40
C3 D62 X . 8.55 27.55 -11.55
C4 D62 X . 8.15 26.89 -10.41
C5 D62 X . 7.18 27.44 -9.58
C6 D62 X . 6.74 26.80 -8.32
C12 D62 X . 3.31 34.15 -5.16
C13 D62 X . 5.69 34.29 -5.33
C14 D62 X . 5.25 33.05 -5.65
C15 D62 X . 3.87 32.91 -5.31
C16 D62 X . 4.85 30.17 -4.50
C17 D62 X . 5.66 29.17 -5.27
C18 D62 X . 5.61 25.65 -6.04
C20 D62 X . 6.84 23.44 -6.47
C21 D62 X . 8.19 23.63 -5.86
C22 D62 X . 8.93 24.71 -6.04
C23 D62 X . 8.52 25.84 -6.95
C26 D62 X . 6.96 29.32 -11.08
O1 D62 X . 8.28 29.56 -12.95
C2 D62 X . 7.97 28.77 -11.89
N1 D62 X . 5.92 27.48 -7.59
C7 D62 X . 4.82 27.95 -5.53
C8 D62 X . 3.51 28.33 -6.20
C9 D62 X . 2.76 29.34 -5.44
N3 D62 X . 3.58 30.52 -5.18
C10 D62 X . 3.08 31.78 -5.18
N4 D62 X . 1.77 31.96 -4.82
C11 D62 X . 1.27 33.20 -4.69
N5 D62 X . -0.04 33.35 -4.40
N6 D62 X . 2.01 34.33 -4.86
S1 D62 X . 4.44 35.43 -5.35
O2 D62 X . 5.21 25.28 -4.95
C19 D62 X . 6.26 24.72 -7.05
C24 D62 X . 7.34 25.51 -7.83
C25 D62 X . 6.59 28.66 -9.91
O3 D62 X . 6.48 30.52 -11.52
C27 D62 X . 5.38 31.12 -10.85
C1 EDO Y . 21.81 8.36 11.82
O1 EDO Y . 22.68 7.93 10.76
C2 EDO Y . 21.03 7.16 12.34
O2 EDO Y . 19.77 7.23 11.68
C1 EDO Z . -4.52 7.46 -7.66
O1 EDO Z . -3.91 6.69 -8.73
C2 EDO Z . -5.92 6.90 -7.43
O2 EDO Z . -6.41 7.07 -6.08
C1 EDO AA . 10.29 9.57 -19.05
O1 EDO AA . 10.74 8.36 -19.67
C2 EDO AA . 8.96 9.54 -18.32
O2 EDO AA . 8.11 8.38 -18.48
N1 EPE BA . 15.93 23.00 -28.34
C2 EPE BA . 14.61 23.64 -28.27
C3 EPE BA . 13.63 22.65 -28.87
N4 EPE BA . 13.97 22.37 -30.31
C5 EPE BA . 15.37 21.93 -30.52
C6 EPE BA . 16.33 22.82 -29.75
C7 EPE BA . 13.01 21.50 -31.06
C8 EPE BA . 11.61 21.45 -30.42
O8 EPE BA . 10.72 20.69 -31.20
C9 EPE BA . 17.01 23.76 -27.65
C10 EPE BA . 16.56 24.17 -26.25
S EPE BA . 17.68 24.17 -25.04
O1S EPE BA . 17.89 22.79 -24.53
O2S EPE BA . 17.01 25.12 -24.14
O3S EPE BA . 18.98 24.82 -25.31
C1 EDO CA . 5.50 7.65 -17.36
O1 EDO CA . 4.67 8.64 -18.08
C2 EDO CA . 4.71 6.83 -16.35
O2 EDO CA . 4.35 7.59 -15.20
ZN ZN DA . -0.28 5.75 24.06
MG MG EA . 1.72 6.02 20.80
C1 EDO FA . 12.31 2.39 24.96
O1 EDO FA . 13.68 2.78 24.79
C2 EDO FA . 12.07 1.42 23.81
O2 EDO FA . 11.97 2.29 22.69
C1 EDO GA . 5.34 28.48 33.09
O1 EDO GA . 5.57 28.54 31.69
C2 EDO GA . 4.45 27.31 33.34
O2 EDO GA . 5.28 26.17 33.57
C1 EDO HA . 8.88 -1.85 42.07
O1 EDO HA . 9.70 -1.41 40.97
C2 EDO HA . 9.51 -1.30 43.34
O2 EDO HA . 10.51 -2.20 43.81
C1 EDO IA . -3.28 17.77 9.15
O1 EDO IA . -4.19 18.56 8.38
C2 EDO IA . -1.91 18.40 9.16
O2 EDO IA . -2.23 19.51 9.97
C1 EDO JA . 22.80 -13.18 13.14
O1 EDO JA . 21.85 -14.26 13.05
C2 EDO JA . 21.92 -12.06 13.62
O2 EDO JA . 20.74 -12.79 13.93
C1 PEG KA . 10.60 20.04 36.72
O1 PEG KA . 9.19 20.02 36.41
C2 PEG KA . 11.08 18.58 36.80
O2 PEG KA . 11.68 18.23 38.08
C3 PEG KA . 10.87 17.69 39.14
C4 PEG KA . 10.76 16.19 38.84
O4 PEG KA . 9.94 15.26 39.59
N1 EPE LA . -28.93 1.83 6.49
C2 EPE LA . -28.61 0.62 7.26
C3 EPE LA . -28.31 1.03 8.71
N4 EPE LA . -27.59 2.35 8.90
C5 EPE LA . -27.73 3.39 7.84
C6 EPE LA . -27.81 2.79 6.45
C7 EPE LA . -27.92 2.95 10.21
C8 EPE LA . -27.34 2.14 11.33
O8 EPE LA . -28.17 1.02 11.64
C9 EPE LA . -29.57 1.56 5.16
C10 EPE LA . -28.63 1.42 3.98
S EPE LA . -29.48 0.89 2.58
O1S EPE LA . -30.80 1.54 2.44
O2S EPE LA . -29.69 -0.57 2.54
O3S EPE LA . -28.49 1.19 1.50
C1 EDO MA . 1.96 -5.80 0.75
O1 EDO MA . 3.33 -5.38 0.62
C2 EDO MA . 1.99 -6.93 1.77
O2 EDO MA . 2.13 -6.33 3.04
C1 EDO NA . -4.49 -7.30 26.30
O1 EDO NA . -5.84 -7.12 25.76
C2 EDO NA . -4.43 -7.09 27.80
O2 EDO NA . -5.84 -7.12 28.09
C1 EDO OA . -18.40 26.32 22.14
O1 EDO OA . -18.03 27.69 21.95
C2 EDO OA . -18.53 26.15 23.60
O2 EDO OA . -19.59 25.22 23.71
C1 EDO PA . 4.58 -6.88 5.85
O1 EDO PA . 5.34 -5.74 6.26
C2 EDO PA . 3.17 -6.66 6.40
O2 EDO PA . 2.97 -7.06 7.79
C1 EDO QA . 20.13 -0.02 29.16
O1 EDO QA . 19.35 1.11 29.58
C2 EDO QA . 19.21 -1.14 28.70
O2 EDO QA . 18.21 -1.54 29.70
C1 EDO RA . -7.39 18.51 35.79
O1 EDO RA . -7.24 18.97 34.43
C2 EDO RA . -8.81 18.18 36.14
O2 EDO RA . -8.78 16.94 36.81
C1 D62 SA . 4.71 3.52 33.11
N2 D62 SA . 8.29 6.49 25.83
C3 D62 SA . 4.98 4.59 30.49
C4 D62 SA . 5.21 4.97 29.17
C5 D62 SA . 6.50 5.22 28.73
C6 D62 SA . 6.77 5.70 27.35
C12 D62 SA . 14.77 7.64 29.57
C13 D62 SA . 13.00 7.51 31.21
C14 D62 SA . 12.50 7.82 30.00
C15 D62 SA . 13.51 7.69 28.99
C16 D62 SA . 11.20 8.60 27.08
C17 D62 SA . 9.83 8.03 27.02
C18 D62 SA . 7.51 6.46 24.73
C20 D62 SA . 5.08 6.11 23.91
C21 D62 SA . 4.47 7.44 24.18
C22 D62 SA . 4.56 8.07 25.33
C23 D62 SA . 5.23 7.50 26.53
C26 D62 SA . 7.35 4.69 30.93
O1 D62 SA . 5.94 4.05 32.67
C2 D62 SA . 6.04 4.42 31.36
N1 D62 SA . 8.00 5.89 27.04
C7 D62 SA . 9.61 7.16 25.79
C8 D62 SA . 10.66 6.09 25.70
C9 D62 SA . 12.01 6.72 25.71
N3 D62 SA . 12.23 7.55 26.92
C10 D62 SA . 13.41 7.53 27.60
N4 D62 SA . 14.56 7.40 26.88
C11 D62 SA . 15.76 7.36 27.52
N5 D62 SA . 16.86 7.21 26.75
N6 D62 SA . 15.90 7.48 28.86
S1 D62 SA . 14.70 7.76 31.30
O2 D62 SA . 7.95 6.94 23.68
C19 D62 SA . 6.18 5.77 24.92
C24 D62 SA . 5.66 6.02 26.37
C25 D62 SA . 7.57 5.05 29.60
O3 D62 SA . 8.31 4.45 31.88
C27 D62 SA . 9.67 4.75 31.56
C1 EDO TA . -8.64 -7.14 22.98
O1 EDO TA . -7.54 -6.29 22.70
C2 EDO TA . -9.25 -7.44 21.66
O2 EDO TA . -8.07 -7.76 20.92
C1 EDO UA . 5.68 -7.95 14.18
O1 EDO UA . 7.08 -7.59 14.29
C2 EDO UA . 4.97 -7.71 15.51
O2 EDO UA . 5.74 -6.89 16.46
C1 EDO VA . 12.34 9.38 15.36
O1 EDO VA . 11.22 8.78 16.05
C2 EDO VA . 13.49 8.44 15.51
O2 EDO VA . 13.00 7.53 16.51
C1 EDO WA . -5.01 28.54 44.94
O1 EDO WA . -3.88 28.78 44.13
C2 EDO WA . -6.24 28.40 44.09
O2 EDO WA . -7.19 27.66 44.90
N1 EPE XA . -7.55 -5.47 39.01
C2 EPE XA . -6.50 -6.42 38.58
C3 EPE XA . -6.17 -7.39 39.72
N4 EPE XA . -7.31 -8.28 39.96
C5 EPE XA . -8.59 -7.60 39.69
C6 EPE XA . -8.46 -6.10 39.97
C7 EPE XA . -7.20 -9.47 39.12
C8 EPE XA . -8.42 -10.36 39.32
O8 EPE XA . -8.81 -10.32 40.70
C9 EPE XA . -6.91 -4.31 39.64
C10 EPE XA . -7.98 -3.35 40.14
S EPE XA . -7.73 -1.83 39.50
O1S EPE XA . -6.28 -1.56 39.45
O2S EPE XA . -8.41 -0.82 40.34
O3S EPE XA . -8.29 -1.79 38.13
C1 EDO YA . 6.72 1.57 -6.75
O1 EDO YA . 6.48 2.88 -6.24
C2 EDO YA . 5.75 1.20 -7.83
O2 EDO YA . 5.55 2.34 -8.73
O1 PG4 ZA . 0.62 10.36 -9.17
C1 PG4 ZA . -0.50 9.71 -8.52
C2 PG4 ZA . -1.89 10.20 -9.01
O2 PG4 ZA . -2.86 10.52 -7.95
C3 PG4 ZA . -3.76 11.69 -8.07
C4 PG4 ZA . -5.18 11.57 -7.41
O3 PG4 ZA . -5.96 12.77 -7.49
C5 PG4 ZA . -6.85 12.92 -8.62
C6 PG4 ZA . -7.42 14.32 -8.82
O4 PG4 ZA . -7.87 14.51 -10.21
C7 PG4 ZA . -9.11 15.24 -10.31
C8 PG4 ZA . -9.41 15.86 -11.67
O5 PG4 ZA . -10.60 16.70 -11.59
C1 EDO AB . 5.51 3.14 -2.28
O1 EDO AB . 4.99 3.16 -3.60
C2 EDO AB . 4.39 3.38 -1.30
O2 EDO AB . 3.54 4.40 -1.85
C1 EDO BB . -29.29 -5.99 -6.97
O1 EDO BB . -29.15 -7.29 -6.42
C2 EDO BB . -30.00 -5.04 -6.01
O2 EDO BB . -31.07 -5.71 -5.34
ZN ZN CB . -8.70 -2.71 -22.94
MG MG DB . -6.75 -4.36 -20.15
C1 EDO EB . -6.02 11.65 -20.42
O1 EDO EB . -5.76 12.16 -19.15
C2 EDO EB . -6.96 12.55 -21.20
O2 EDO EB . -6.81 13.95 -20.99
C1 EDO FB . 2.81 -8.26 -26.48
O1 EDO FB . 3.43 -9.56 -26.44
C2 EDO FB . 3.31 -7.41 -25.32
O2 EDO FB . 2.35 -7.56 -24.27
C1 EDO GB . -19.21 -0.64 -5.07
O1 EDO GB . -17.99 -0.46 -4.36
C2 EDO GB . -19.81 0.65 -5.58
O2 EDO GB . -19.88 1.55 -4.48
C1 EDO HB . -23.62 17.18 -5.52
O1 EDO HB . -24.42 18.32 -5.74
C2 EDO HB . -23.91 16.70 -4.14
O2 EDO HB . -24.65 15.51 -4.31
C1 EDO IB . -24.59 -5.84 -33.02
O1 EDO IB . -25.68 -5.29 -32.30
C2 EDO IB . -24.50 -7.32 -32.62
O2 EDO IB . -24.33 -7.58 -31.20
C1 EDO JB . 2.16 1.80 -11.98
O1 EDO JB . 3.23 0.88 -12.30
C2 EDO JB . 1.02 1.68 -12.99
O2 EDO JB . 0.67 2.87 -13.82
C1 PEG KB . -21.22 7.41 -39.24
O1 PEG KB . -19.97 8.05 -38.96
C2 PEG KB . -21.34 6.11 -38.47
O2 PEG KB . -21.30 4.95 -39.33
C3 PEG KB . -22.10 3.81 -38.93
C4 PEG KB . -21.78 2.57 -39.71
O4 PEG KB . -20.37 2.73 -39.91
N1 EPE LB . -9.59 11.52 -37.26
C2 EPE LB . -8.12 11.59 -37.41
C3 EPE LB . -7.66 13.00 -37.09
N4 EPE LB . -8.28 13.95 -38.02
C5 EPE LB . -9.74 13.89 -37.88
C6 EPE LB . -10.21 12.47 -38.19
C7 EPE LB . -7.82 15.32 -37.71
C8 EPE LB . -6.51 15.58 -38.44
O8 EPE LB . -6.32 17.00 -38.58
C9 EPE LB . -10.05 10.16 -37.58
C10 EPE LB . -11.55 10.16 -37.78
S EPE LB . -12.22 8.82 -37.04
O1S EPE LB . -12.65 9.17 -35.67
O2S EPE LB . -11.21 7.75 -36.99
O3S EPE LB . -13.38 8.36 -37.83
C1 EDO MB . -13.74 -2.27 -43.92
O1 EDO MB . -13.94 -0.99 -43.28
C2 EDO MB . -12.53 -2.32 -44.93
O2 EDO MB . -12.39 -3.58 -45.60
C1 EDO NB . -17.57 5.30 -41.72
O1 EDO NB . -17.34 6.74 -41.74
C2 EDO NB . -17.74 5.00 -40.22
O2 EDO NB . -16.49 5.27 -39.47
C1 EDO OB . -30.09 3.30 -26.82
O1 EDO OB . -29.84 2.23 -27.74
C2 EDO OB . -30.29 2.64 -25.48
O2 EDO OB . -31.18 3.45 -24.70
C1 EDO PB . -2.91 -15.42 -25.83
O1 EDO PB . -2.12 -14.81 -24.80
C2 EDO PB . -4.25 -15.70 -25.18
O2 EDO PB . -4.90 -16.73 -25.91
C1 PEG QB . 1.03 -13.61 -16.87
O1 PEG QB . 0.75 -12.90 -18.06
C2 PEG QB . -0.37 -14.02 -16.41
O2 PEG QB . -1.27 -12.85 -16.35
C3 PEG QB . -2.44 -12.88 -15.44
C4 PEG QB . -3.21 -14.21 -15.42
O4 PEG QB . -3.31 -14.92 -14.17
C1 D62 RB . -5.43 -3.54 -33.05
N2 D62 RB . -3.08 -8.51 -26.42
C3 D62 RB . -5.25 -4.60 -30.44
C4 D62 RB . -5.14 -5.18 -29.19
C5 D62 RB . -4.21 -6.19 -28.97
C6 D62 RB . -4.02 -6.85 -27.65
C12 D62 RB . -0.11 -13.25 -31.20
C13 D62 RB . -1.62 -11.74 -32.24
C14 D62 RB . -1.89 -11.82 -30.93
C15 D62 RB . -0.81 -12.50 -30.27
C16 D62 RB . -2.44 -12.02 -27.67
C17 D62 RB . -3.17 -10.73 -27.52
C18 D62 RB . -3.40 -8.01 -25.20
C20 D62 RB . -4.72 -6.23 -23.92
C21 D62 RB . -6.08 -6.84 -23.90
C22 D62 RB . -6.68 -7.33 -24.97
C23 D62 RB . -6.11 -7.25 -26.34
C26 D62 RB . -3.58 -6.13 -31.30
O1 D62 RB . -4.59 -4.65 -32.79
C2 D62 RB . -4.49 -5.08 -31.51
N1 D62 RB . -3.18 -7.82 -27.60
C7 D62 RB . -2.47 -9.85 -26.51
C8 D62 RB . -1.00 -9.64 -26.84
C9 D62 RB . -0.30 -10.94 -27.05
N3 D62 RB . -1.02 -11.80 -28.00
C10 D62 RB . -0.38 -12.49 -28.95
N4 D62 RB . 0.72 -13.22 -28.62
C11 D62 RB . 1.37 -13.92 -29.57
N5 D62 RB . 2.46 -14.62 -29.20
N6 D62 RB . 0.98 -13.97 -30.88
S1 D62 RB . -0.79 -13.13 -32.78
O2 D62 RB . -3.31 -8.71 -24.21
C19 D62 RB . -3.93 -6.60 -25.18
C24 D62 RB . -4.82 -6.42 -26.44
C25 D62 RB . -3.45 -6.66 -30.04
O3 D62 RB . -2.90 -6.52 -32.43
C27 D62 RB . -1.78 -7.39 -32.33
O1 PG4 SB . -7.99 -2.52 -2.27
C1 PG4 SB . -6.80 -2.03 -2.94
C2 PG4 SB . -6.21 -2.97 -4.06
O2 PG4 SB . -6.90 -4.15 -4.56
C3 PG4 SB . -8.36 -4.26 -4.93
C4 PG4 SB . -8.62 -5.36 -5.92
O3 PG4 SB . -9.37 -4.97 -7.10
C5 PG4 SB . -10.80 -4.71 -6.83
C6 PG4 SB . -11.12 -3.63 -5.68
O4 PG4 SB . -12.24 -2.73 -5.88
C7 PG4 SB . -13.57 -3.29 -6.08
C8 PG4 SB . -14.12 -3.75 -4.73
O5 PG4 SB . -14.99 -2.74 -4.15
C1 EDO TB . -3.62 10.30 -26.20
O1 EDO TB . -3.71 10.13 -27.62
C2 EDO TB . -5.05 10.41 -25.67
O2 EDO TB . -5.04 10.89 -24.32
C1 EDO UB . 17.56 -48.89 -10.85
O1 EDO UB . 16.57 -48.13 -11.54
C2 EDO UB . 17.35 -50.38 -11.14
O2 EDO UB . 16.75 -50.66 -12.46
ZN ZN VB . -2.57 -23.61 7.91
MG MG WB . -4.44 -21.08 5.84
C1 EDO XB . 8.69 -48.00 2.55
O1 EDO XB . 7.80 -47.02 3.18
C2 EDO XB . 9.64 -48.59 3.60
O2 EDO XB . 10.46 -47.59 4.26
C1 EDO YB . -14.79 -20.98 10.89
O1 EDO YB . -14.77 -20.37 9.60
C2 EDO YB . -15.48 -22.34 10.75
O2 EDO YB . -16.87 -22.17 10.43
C1 EDO ZB . 12.48 -15.02 -5.02
O1 EDO ZB . 13.30 -13.87 -5.23
C2 EDO ZB . 11.31 -14.46 -4.31
O2 EDO ZB . 10.48 -13.92 -5.34
C1 EDO AC . -10.57 -21.37 9.23
O1 EDO AC . -9.85 -20.29 9.70
C2 EDO AC . -12.02 -21.10 8.89
O2 EDO AC . -12.17 -21.06 7.49
C1 PEG BC . 10.04 -39.61 19.83
O1 PEG BC . 9.08 -38.61 20.22
C2 PEG BC . 9.93 -39.59 18.34
O2 PEG BC . 8.55 -39.41 17.99
C3 PEG BC . 8.05 -40.66 17.48
C4 PEG BC . 6.61 -40.68 16.97
O4 PEG BC . 6.59 -41.40 15.75
C1 PEG CC . 6.37 -15.29 17.94
O1 PEG CC . 7.72 -14.90 17.50
C2 PEG CC . 5.24 -14.59 17.18
O2 PEG CC . 4.59 -13.54 17.92
C3 PEG CC . 4.92 -12.12 17.88
C4 PEG CC . 3.81 -11.16 17.38
O4 PEG CC . 2.43 -11.36 17.82
C1 PEG DC . -5.28 -22.46 -6.87
O1 PEG DC . -3.85 -22.52 -6.86
C2 PEG DC . -5.67 -23.82 -6.32
O2 PEG DC . -5.28 -24.86 -7.21
C3 PEG DC . -6.12 -26.01 -7.24
C4 PEG DC . -7.29 -25.80 -8.19
O4 PEG DC . -7.93 -27.08 -8.30
C1 EDO EC . 9.51 -5.29 11.95
O1 EDO EC . 8.43 -5.59 11.03
C2 EDO EC . 10.15 -6.54 12.46
O2 EDO EC . 9.90 -7.46 11.45
C1 EDO FC . 1.24 -17.02 -10.39
O1 EDO FC . 2.21 -17.12 -11.44
C2 EDO FC . 0.26 -18.18 -10.38
O2 EDO FC . 0.78 -19.40 -10.94
C1 EDO GC . 2.13 -17.83 20.03
O1 EDO GC . 3.32 -17.27 19.36
C2 EDO GC . 1.91 -19.29 20.26
O2 EDO GC . 3.02 -19.79 21.00
C1 EDO HC . 14.07 -35.43 -2.59
O1 EDO HC . 14.45 -36.80 -2.23
C2 EDO HC . 12.53 -35.16 -2.69
O2 EDO HC . 12.08 -35.63 -3.99
C1 EDO IC . 22.19 -22.28 -7.12
O1 EDO IC . 21.64 -20.98 -6.95
C2 EDO IC . 23.64 -21.99 -6.77
O2 EDO IC . 23.69 -20.63 -6.32
C1 EDO JC . 18.96 -44.48 -1.57
O1 EDO JC . 19.25 -43.36 -0.82
C2 EDO JC . 18.30 -45.31 -0.50
O2 EDO JC . 17.02 -44.78 -0.13
C1 D62 KC . -7.77 -29.95 14.81
N2 D62 KC . -11.19 -25.49 8.14
C3 D62 KC . -7.94 -28.23 12.48
C4 D62 KC . -8.13 -27.36 11.42
C5 D62 KC . -9.40 -27.11 10.91
C6 D62 KC . -9.70 -26.24 9.74
C12 D62 KC . -17.58 -29.20 9.30
C13 D62 KC . -15.81 -30.36 10.38
C14 D62 KC . -15.32 -29.58 9.40
C15 D62 KC . -16.34 -28.70 8.92
C16 D62 KC . -14.16 -27.58 6.99
C17 D62 KC . -12.76 -27.26 7.41
C18 D62 KC . -10.38 -24.54 7.59
C20 D62 KC . -8.00 -23.56 7.56
C21 D62 KC . -7.26 -24.49 6.66
C22 D62 KC . -7.41 -25.80 6.72
C23 D62 KC . -8.14 -26.52 7.82
C26 D62 KC . -10.33 -28.60 12.58
O1 D62 KC . -9.01 -29.69 14.15
C2 D62 KC . -9.04 -28.85 13.08
N1 D62 KC . -10.92 -26.12 9.35
C7 D62 KC . -12.49 -25.77 7.47
C8 D62 KC . -13.54 -25.00 8.27
C9 D62 KC . -14.96 -25.42 7.93
N3 D62 KC . -15.15 -26.88 7.83
C10 D62 KC . -16.28 -27.46 8.23
N4 D62 KC . -17.45 -26.82 7.92
C11 D62 KC . -18.63 -27.39 8.32
N5 D62 KC . -19.79 -26.75 8.05
N6 D62 KC . -18.74 -28.56 9.01
S1 D62 KC . -17.50 -30.66 10.21
O2 D62 KC . -10.71 -23.93 6.58
C19 D62 KC . -9.09 -24.28 8.37
C24 D62 KC . -8.59 -25.60 8.95
C25 D62 KC . -10.51 -27.71 11.53
O3 D62 KC . -11.35 -29.23 13.28
C27 D62 KC . -12.69 -29.00 12.84
C1 PEG LC . 16.10 -19.36 19.47
O1 PEG LC . 16.61 -20.57 20.09
C2 PEG LC . 16.68 -18.83 18.10
O2 PEG LC . 17.65 -19.71 17.42
C3 PEG LC . 18.48 -19.23 16.33
C4 PEG LC . 19.36 -20.36 15.78
O4 PEG LC . 18.65 -21.49 15.20
C1 PEG MC . 7.78 -39.89 5.25
O1 PEG MC . 9.17 -39.88 5.48
C2 PEG MC . 7.02 -41.16 5.65
O2 PEG MC . 5.66 -40.89 5.84
C3 PEG MC . 4.94 -40.08 4.91
C4 PEG MC . 4.43 -40.72 3.63
O4 PEG MC . 4.26 -39.73 2.60
C1 EDO NC . 5.32 -21.14 23.52
O1 EDO NC . 6.15 -20.44 24.45
C2 EDO NC . 5.18 -22.53 24.12
O2 EDO NC . 3.80 -22.86 24.13
C1 EDO OC . 17.97 -31.18 -0.86
O1 EDO OC . 17.63 -29.92 -1.47
C2 EDO OC . 16.89 -31.67 0.09
O2 EDO OC . 17.21 -33.01 0.25
C1 EDO PC . 5.82 -41.69 9.20
O1 EDO PC . 4.81 -42.73 9.86
C2 EDO PC . 7.39 -41.44 9.45
O2 EDO PC . 8.04 -40.90 10.74
N1 EPE QC . 3.68 -30.42 26.25
C2 EPE QC . 5.06 -30.11 26.46
C3 EPE QC . 5.17 -29.81 27.93
N4 EPE QC . 4.36 -28.64 28.26
C5 EPE QC . 2.99 -28.75 27.73
C6 EPE QC . 2.99 -29.16 26.28
C7 EPE QC . 4.33 -28.52 29.72
C8 EPE QC . 3.05 -27.83 30.19
O8 EPE QC . 2.80 -26.65 29.42
C9 EPE QC . 3.44 -31.03 24.96
C10 EPE QC . 4.51 -32.05 24.61
S EPE QC . 4.33 -32.32 23.03
O1S EPE QC . 4.66 -33.63 22.72
O2S EPE QC . 2.98 -32.27 22.67
O3S EPE QC . 5.05 -31.37 22.31
#